data_2K9L
#
_entry.id   2K9L
#
_entity_poly.entity_id   1
_entity_poly.type   'polypeptide(L)'
_entity_poly.pdbx_seq_one_letter_code
;KETVPYQIPYTPSELEELQQNIKLELEGKEQELALELLNYLNEKGFLSKSVEEISDVLRCSVEELEKVRQKVLRLE
;
_entity_poly.pdbx_strand_id   A
#
# COMPACT_ATOMS: atom_id res chain seq x y z
N LYS A 1 11.96 -23.67 2.49
CA LYS A 1 10.79 -23.43 3.31
C LYS A 1 9.80 -24.59 3.22
N GLU A 2 9.64 -25.32 4.31
CA GLU A 2 8.73 -26.46 4.35
C GLU A 2 7.31 -26.01 4.70
N THR A 3 7.10 -25.69 5.98
CA THR A 3 5.80 -25.25 6.45
C THR A 3 5.41 -23.92 5.82
N VAL A 4 4.13 -23.56 5.94
CA VAL A 4 3.63 -22.31 5.39
C VAL A 4 4.26 -21.11 6.09
N PRO A 5 4.31 -19.98 5.37
CA PRO A 5 4.88 -18.73 5.92
C PRO A 5 4.03 -18.13 7.02
N TYR A 6 4.36 -16.90 7.41
CA TYR A 6 3.63 -16.22 8.47
C TYR A 6 2.97 -14.95 7.93
N GLN A 7 3.45 -14.48 6.79
CA GLN A 7 2.92 -13.27 6.17
C GLN A 7 1.86 -13.62 5.12
N ILE A 8 1.21 -14.77 5.30
CA ILE A 8 0.18 -15.22 4.38
C ILE A 8 -1.10 -15.59 5.12
N PRO A 9 -2.24 -15.11 4.60
CA PRO A 9 -2.28 -14.28 3.39
C PRO A 9 -1.69 -12.90 3.62
N TYR A 10 -2.18 -12.22 4.67
CA TYR A 10 -1.71 -10.89 5.00
C TYR A 10 -1.57 -10.72 6.51
N THR A 11 -0.49 -10.04 6.92
CA THR A 11 -0.24 -9.81 8.34
C THR A 11 -0.54 -8.36 8.72
N PRO A 12 -0.81 -8.14 10.01
CA PRO A 12 -1.11 -6.80 10.54
C PRO A 12 0.11 -5.88 10.53
N SER A 13 1.25 -6.44 10.92
CA SER A 13 2.49 -5.68 10.97
C SER A 13 2.77 -5.00 9.62
N GLU A 14 2.47 -5.72 8.54
CA GLU A 14 2.69 -5.20 7.20
C GLU A 14 1.77 -4.01 6.92
N LEU A 15 0.47 -4.21 7.15
CA LEU A 15 -0.51 -3.17 6.92
C LEU A 15 -0.21 -1.94 7.77
N GLU A 16 -0.03 -2.16 9.07
CA GLU A 16 0.27 -1.06 9.98
C GLU A 16 1.54 -0.34 9.58
N GLU A 17 2.54 -1.11 9.14
CA GLU A 17 3.82 -0.54 8.73
C GLU A 17 3.66 0.28 7.45
N LEU A 18 2.75 -0.17 6.58
CA LEU A 18 2.50 0.50 5.32
C LEU A 18 1.86 1.87 5.55
N GLN A 19 0.77 1.88 6.31
CA GLN A 19 0.06 3.12 6.62
C GLN A 19 0.97 4.10 7.34
N GLN A 20 1.67 3.62 8.36
CA GLN A 20 2.57 4.46 9.13
C GLN A 20 3.66 5.05 8.25
N ASN A 21 4.25 4.21 7.41
CA ASN A 21 5.30 4.65 6.50
C ASN A 21 4.77 5.67 5.49
N ILE A 22 3.50 5.53 5.14
CA ILE A 22 2.86 6.44 4.19
C ILE A 22 2.76 7.85 4.76
N LYS A 23 2.12 7.96 5.92
CA LYS A 23 1.95 9.25 6.59
C LYS A 23 3.29 9.78 7.11
N LEU A 24 4.23 8.87 7.32
CA LEU A 24 5.56 9.23 7.82
C LEU A 24 6.47 9.67 6.68
N GLU A 25 6.21 9.14 5.49
CA GLU A 25 7.00 9.48 4.31
C GLU A 25 6.24 10.43 3.40
N LEU A 26 5.26 9.90 2.68
CA LEU A 26 4.46 10.71 1.77
C LEU A 26 3.85 11.91 2.49
N GLU A 27 3.17 12.76 1.74
CA GLU A 27 2.55 13.96 2.31
C GLU A 27 1.73 14.70 1.25
N GLY A 28 1.12 15.81 1.65
CA GLY A 28 0.32 16.59 0.73
C GLY A 28 -0.73 15.76 0.03
N LYS A 29 -0.56 15.55 -1.27
CA LYS A 29 -1.50 14.77 -2.05
C LYS A 29 -0.90 13.44 -2.48
N GLU A 30 -0.21 12.79 -1.54
CA GLU A 30 0.43 11.50 -1.82
C GLU A 30 0.08 10.48 -0.74
N GLN A 31 0.22 10.88 0.52
CA GLN A 31 -0.07 10.00 1.64
C GLN A 31 -1.58 9.80 1.78
N GLU A 32 -2.35 10.81 1.40
CA GLU A 32 -3.80 10.73 1.47
C GLU A 32 -4.34 9.56 0.66
N LEU A 33 -3.94 9.50 -0.61
CA LEU A 33 -4.38 8.43 -1.49
C LEU A 33 -3.95 7.07 -0.96
N ALA A 34 -2.65 6.93 -0.67
CA ALA A 34 -2.11 5.68 -0.15
C ALA A 34 -2.88 5.22 1.09
N LEU A 35 -2.94 6.09 2.10
CA LEU A 35 -3.63 5.78 3.33
C LEU A 35 -5.12 5.55 3.08
N GLU A 36 -5.68 6.31 2.14
CA GLU A 36 -7.09 6.18 1.80
C GLU A 36 -7.44 4.75 1.43
N LEU A 37 -6.78 4.24 0.39
CA LEU A 37 -7.02 2.87 -0.06
C LEU A 37 -6.68 1.86 1.03
N LEU A 38 -5.60 2.14 1.75
CA LEU A 38 -5.17 1.25 2.84
C LEU A 38 -6.26 1.09 3.89
N ASN A 39 -6.78 2.22 4.37
CA ASN A 39 -7.83 2.20 5.38
C ASN A 39 -9.16 1.75 4.77
N TYR A 40 -9.34 2.04 3.48
CA TYR A 40 -10.56 1.67 2.79
C TYR A 40 -10.69 0.15 2.67
N LEU A 41 -9.56 -0.52 2.47
CA LEU A 41 -9.53 -1.97 2.34
C LEU A 41 -8.15 -2.52 2.68
N ASN A 42 -8.00 -3.05 3.89
CA ASN A 42 -6.74 -3.62 4.32
C ASN A 42 -6.24 -4.68 3.34
N GLU A 43 -7.17 -5.44 2.78
CA GLU A 43 -6.82 -6.48 1.82
C GLU A 43 -6.13 -5.89 0.60
N LYS A 44 -6.35 -4.60 0.36
CA LYS A 44 -5.74 -3.92 -0.77
C LYS A 44 -4.70 -2.91 -0.30
N GLY A 45 -3.43 -3.32 -0.33
CA GLY A 45 -2.36 -2.43 0.09
C GLY A 45 -1.00 -3.11 0.03
N PHE A 46 -0.62 -3.77 1.12
CA PHE A 46 0.67 -4.46 1.19
C PHE A 46 0.90 -5.31 -0.06
N LEU A 47 0.05 -6.32 -0.24
CA LEU A 47 0.15 -7.21 -1.40
C LEU A 47 -0.91 -6.88 -2.43
N SER A 48 -1.40 -5.65 -2.42
CA SER A 48 -2.42 -5.21 -3.35
C SER A 48 -2.03 -5.57 -4.79
N LYS A 49 -2.98 -5.46 -5.70
CA LYS A 49 -2.74 -5.76 -7.11
C LYS A 49 -1.75 -4.78 -7.71
N SER A 50 -1.60 -4.82 -9.03
CA SER A 50 -0.69 -3.94 -9.74
C SER A 50 -1.11 -2.48 -9.57
N VAL A 51 -0.17 -1.57 -9.79
CA VAL A 51 -0.44 -0.14 -9.67
C VAL A 51 -1.68 0.25 -10.45
N GLU A 52 -1.87 -0.37 -11.61
CA GLU A 52 -3.02 -0.08 -12.45
C GLU A 52 -4.33 -0.35 -11.69
N GLU A 53 -4.34 -1.41 -10.90
CA GLU A 53 -5.52 -1.77 -10.13
C GLU A 53 -5.85 -0.70 -9.09
N ILE A 54 -4.90 -0.46 -8.18
CA ILE A 54 -5.08 0.54 -7.15
C ILE A 54 -5.46 1.90 -7.74
N SER A 55 -4.84 2.23 -8.86
CA SER A 55 -5.11 3.50 -9.54
C SER A 55 -6.55 3.55 -10.04
N ASP A 56 -6.99 2.46 -10.64
CA ASP A 56 -8.35 2.38 -11.18
C ASP A 56 -9.38 2.41 -10.05
N VAL A 57 -9.01 1.85 -8.90
CA VAL A 57 -9.90 1.81 -7.74
C VAL A 57 -9.96 3.17 -7.06
N LEU A 58 -8.83 3.87 -7.06
CA LEU A 58 -8.75 5.19 -6.43
C LEU A 58 -9.09 6.29 -7.43
N ARG A 59 -9.30 5.90 -8.68
CA ARG A 59 -9.64 6.85 -9.73
C ARG A 59 -8.54 7.89 -9.91
N CYS A 60 -7.35 7.57 -9.41
CA CYS A 60 -6.22 8.47 -9.50
C CYS A 60 -5.19 7.95 -10.52
N SER A 61 -4.27 8.83 -10.91
CA SER A 61 -3.24 8.47 -11.88
C SER A 61 -2.34 7.37 -11.33
N VAL A 62 -1.92 6.46 -12.21
CA VAL A 62 -1.05 5.35 -11.81
C VAL A 62 0.31 5.86 -11.35
N GLU A 63 0.84 6.86 -12.06
CA GLU A 63 2.13 7.43 -11.74
C GLU A 63 2.21 7.77 -10.25
N GLU A 64 1.21 8.49 -9.76
CA GLU A 64 1.15 8.90 -8.36
C GLU A 64 1.19 7.67 -7.44
N LEU A 65 0.32 6.70 -7.72
CA LEU A 65 0.25 5.49 -6.93
C LEU A 65 1.59 4.76 -6.92
N GLU A 66 2.30 4.84 -8.05
CA GLU A 66 3.60 4.18 -8.18
C GLU A 66 4.64 4.85 -7.28
N LYS A 67 4.63 6.18 -7.27
CA LYS A 67 5.57 6.94 -6.45
C LYS A 67 5.35 6.66 -4.97
N VAL A 68 4.11 6.80 -4.51
CA VAL A 68 3.79 6.55 -3.12
C VAL A 68 4.11 5.12 -2.72
N ARG A 69 3.78 4.18 -3.60
CA ARG A 69 4.03 2.77 -3.34
C ARG A 69 5.53 2.49 -3.24
N GLN A 70 6.30 3.08 -4.14
CA GLN A 70 7.74 2.90 -4.15
C GLN A 70 8.38 3.53 -2.91
N LYS A 71 7.80 4.63 -2.46
CA LYS A 71 8.30 5.34 -1.28
C LYS A 71 8.03 4.54 -0.01
N VAL A 72 6.88 3.86 0.02
CA VAL A 72 6.50 3.06 1.18
C VAL A 72 7.05 1.65 1.06
N LEU A 73 7.47 1.27 -0.14
CA LEU A 73 8.02 -0.06 -0.39
C LEU A 73 9.53 -0.04 -0.28
N ARG A 74 10.12 1.12 -0.50
CA ARG A 74 11.58 1.27 -0.42
C ARG A 74 12.12 0.67 0.87
N LEU A 75 11.31 0.74 1.93
CA LEU A 75 11.70 0.22 3.24
C LEU A 75 12.17 -1.23 3.12
N GLU A 76 11.36 -2.05 2.45
CA GLU A 76 11.68 -3.46 2.28
C GLU A 76 13.07 -3.62 1.66
N LYS A 1 15.11 -21.42 3.71
CA LYS A 1 14.74 -22.29 2.61
C LYS A 1 13.88 -23.46 3.11
N GLU A 2 14.24 -24.00 4.27
CA GLU A 2 13.50 -25.11 4.85
C GLU A 2 12.14 -24.66 5.36
N THR A 3 12.14 -23.95 6.48
CA THR A 3 10.90 -23.46 7.08
C THR A 3 10.31 -22.33 6.24
N VAL A 4 9.17 -21.81 6.68
CA VAL A 4 8.49 -20.73 5.98
C VAL A 4 8.52 -19.44 6.79
N PRO A 5 8.40 -18.30 6.10
CA PRO A 5 8.42 -16.98 6.74
C PRO A 5 7.16 -16.73 7.56
N TYR A 6 6.99 -15.48 8.01
CA TYR A 6 5.83 -15.11 8.80
C TYR A 6 4.98 -14.06 8.08
N GLN A 7 5.60 -13.37 7.14
CA GLN A 7 4.91 -12.33 6.37
C GLN A 7 4.36 -12.89 5.07
N ILE A 8 4.06 -14.18 5.07
CA ILE A 8 3.51 -14.85 3.89
C ILE A 8 2.23 -15.61 4.22
N PRO A 9 1.18 -15.38 3.42
CA PRO A 9 1.24 -14.45 2.29
C PRO A 9 1.34 -12.99 2.73
N TYR A 10 0.45 -12.59 3.65
CA TYR A 10 0.45 -11.23 4.15
C TYR A 10 0.19 -11.21 5.66
N THR A 11 0.91 -10.33 6.36
CA THR A 11 0.77 -10.21 7.80
C THR A 11 -0.01 -8.96 8.18
N PRO A 12 -0.61 -8.98 9.38
CA PRO A 12 -1.40 -7.84 9.88
C PRO A 12 -0.53 -6.63 10.22
N SER A 13 0.75 -6.90 10.53
CA SER A 13 1.68 -5.84 10.88
C SER A 13 2.10 -5.06 9.64
N GLU A 14 2.15 -5.73 8.50
CA GLU A 14 2.53 -5.10 7.25
C GLU A 14 1.63 -3.93 6.93
N LEU A 15 0.32 -4.13 7.07
CA LEU A 15 -0.66 -3.08 6.80
C LEU A 15 -0.39 -1.85 7.67
N GLU A 16 -0.27 -2.08 8.97
CA GLU A 16 -0.01 -0.99 9.91
C GLU A 16 1.29 -0.26 9.56
N GLU A 17 2.32 -1.03 9.23
CA GLU A 17 3.61 -0.46 8.88
C GLU A 17 3.53 0.31 7.57
N LEU A 18 2.67 -0.16 6.67
CA LEU A 18 2.50 0.47 5.36
C LEU A 18 1.86 1.85 5.52
N GLN A 19 0.73 1.90 6.22
CA GLN A 19 0.02 3.16 6.44
C GLN A 19 0.90 4.14 7.21
N GLN A 20 1.56 3.66 8.25
CA GLN A 20 2.42 4.50 9.08
C GLN A 20 3.54 5.11 8.23
N ASN A 21 4.16 4.29 7.39
CA ASN A 21 5.24 4.75 6.53
C ASN A 21 4.73 5.75 5.50
N ILE A 22 3.48 5.58 5.08
CA ILE A 22 2.87 6.47 4.11
C ILE A 22 2.74 7.88 4.66
N LYS A 23 2.06 8.00 5.80
CA LYS A 23 1.86 9.30 6.43
C LYS A 23 3.17 9.85 6.99
N LEU A 24 4.11 8.94 7.26
CA LEU A 24 5.41 9.34 7.80
C LEU A 24 6.35 9.78 6.68
N GLU A 25 6.12 9.26 5.48
CA GLU A 25 6.94 9.61 4.33
C GLU A 25 6.19 10.55 3.39
N LEU A 26 5.23 9.98 2.65
CA LEU A 26 4.44 10.77 1.70
C LEU A 26 3.80 11.97 2.40
N GLU A 27 3.13 12.81 1.62
CA GLU A 27 2.48 14.00 2.16
C GLU A 27 1.70 14.73 1.07
N GLY A 28 1.07 15.84 1.45
CA GLY A 28 0.31 16.61 0.49
C GLY A 28 -0.75 15.79 -0.22
N LYS A 29 -0.59 15.62 -1.53
CA LYS A 29 -1.52 14.85 -2.33
C LYS A 29 -0.93 13.50 -2.71
N GLU A 30 -0.36 12.80 -1.73
CA GLU A 30 0.24 11.49 -1.97
C GLU A 30 -0.11 10.52 -0.86
N GLN A 31 0.21 10.89 0.38
CA GLN A 31 -0.08 10.06 1.53
C GLN A 31 -1.58 9.86 1.71
N GLU A 32 -2.35 10.85 1.30
CA GLU A 32 -3.80 10.78 1.41
C GLU A 32 -4.36 9.64 0.57
N LEU A 33 -3.87 9.53 -0.66
CA LEU A 33 -4.32 8.47 -1.57
C LEU A 33 -3.92 7.10 -1.07
N ALA A 34 -2.62 6.94 -0.78
CA ALA A 34 -2.10 5.67 -0.29
C ALA A 34 -2.88 5.21 0.94
N LEU A 35 -2.99 6.10 1.92
CA LEU A 35 -3.72 5.78 3.15
C LEU A 35 -5.19 5.52 2.87
N GLU A 36 -5.75 6.26 1.92
CA GLU A 36 -7.16 6.11 1.56
C GLU A 36 -7.47 4.66 1.19
N LEU A 37 -6.78 4.16 0.18
CA LEU A 37 -6.99 2.79 -0.28
C LEU A 37 -6.63 1.79 0.82
N LEU A 38 -5.51 2.03 1.50
CA LEU A 38 -5.06 1.16 2.57
C LEU A 38 -6.15 0.99 3.63
N ASN A 39 -6.62 2.11 4.16
CA ASN A 39 -7.67 2.09 5.18
C ASN A 39 -8.98 1.56 4.60
N TYR A 40 -9.20 1.80 3.32
CA TYR A 40 -10.40 1.35 2.65
C TYR A 40 -10.45 -0.17 2.56
N LEU A 41 -9.28 -0.78 2.43
CA LEU A 41 -9.19 -2.23 2.33
C LEU A 41 -7.77 -2.71 2.67
N ASN A 42 -7.59 -3.19 3.89
CA ASN A 42 -6.28 -3.67 4.32
C ASN A 42 -5.72 -4.68 3.33
N GLU A 43 -6.55 -5.64 2.93
CA GLU A 43 -6.12 -6.66 1.98
C GLU A 43 -5.53 -6.03 0.72
N LYS A 44 -5.98 -4.82 0.40
CA LYS A 44 -5.50 -4.10 -0.77
C LYS A 44 -4.48 -3.04 -0.37
N GLY A 45 -3.22 -3.45 -0.26
CA GLY A 45 -2.16 -2.52 0.11
C GLY A 45 -0.80 -3.16 0.07
N PHE A 46 -0.39 -3.75 1.19
CA PHE A 46 0.91 -4.40 1.29
C PHE A 46 1.14 -5.34 0.10
N LEU A 47 0.14 -6.16 -0.18
CA LEU A 47 0.23 -7.11 -1.29
C LEU A 47 -0.86 -6.85 -2.33
N SER A 48 -1.34 -5.61 -2.38
CA SER A 48 -2.38 -5.22 -3.33
C SER A 48 -2.00 -5.64 -4.74
N LYS A 49 -2.95 -5.51 -5.66
CA LYS A 49 -2.73 -5.87 -7.06
C LYS A 49 -1.78 -4.88 -7.72
N SER A 50 -1.77 -4.89 -9.06
CA SER A 50 -0.89 -3.99 -9.81
C SER A 50 -1.28 -2.53 -9.59
N VAL A 51 -0.33 -1.63 -9.83
CA VAL A 51 -0.57 -0.21 -9.66
C VAL A 51 -1.85 0.23 -10.39
N GLU A 52 -2.09 -0.37 -11.55
CA GLU A 52 -3.26 -0.05 -12.35
C GLU A 52 -4.54 -0.26 -11.55
N GLU A 53 -4.59 -1.39 -10.83
CA GLU A 53 -5.77 -1.72 -10.02
C GLU A 53 -6.03 -0.64 -8.98
N ILE A 54 -5.06 -0.42 -8.10
CA ILE A 54 -5.19 0.58 -7.06
C ILE A 54 -5.54 1.94 -7.65
N SER A 55 -4.84 2.32 -8.70
CA SER A 55 -5.07 3.61 -9.35
C SER A 55 -6.53 3.73 -9.79
N ASP A 56 -7.06 2.67 -10.37
CA ASP A 56 -8.44 2.65 -10.84
C ASP A 56 -9.41 2.79 -9.67
N VAL A 57 -9.11 2.12 -8.57
CA VAL A 57 -9.94 2.17 -7.38
C VAL A 57 -9.85 3.54 -6.70
N LEU A 58 -8.69 4.15 -6.78
CA LEU A 58 -8.48 5.47 -6.19
C LEU A 58 -8.86 6.58 -7.16
N ARG A 59 -9.17 6.20 -8.39
CA ARG A 59 -9.55 7.16 -9.42
C ARG A 59 -8.43 8.16 -9.66
N CYS A 60 -7.22 7.80 -9.25
CA CYS A 60 -6.06 8.67 -9.42
C CYS A 60 -5.08 8.09 -10.44
N SER A 61 -4.15 8.92 -10.91
CA SER A 61 -3.17 8.48 -11.88
C SER A 61 -2.25 7.41 -11.30
N VAL A 62 -1.86 6.45 -12.13
CA VAL A 62 -0.98 5.37 -11.70
C VAL A 62 0.37 5.91 -11.24
N GLU A 63 0.83 6.97 -11.90
CA GLU A 63 2.11 7.58 -11.56
C GLU A 63 2.19 7.87 -10.06
N GLU A 64 1.14 8.49 -9.52
CA GLU A 64 1.09 8.83 -8.11
C GLU A 64 1.12 7.57 -7.25
N LEU A 65 0.24 6.62 -7.57
CA LEU A 65 0.15 5.37 -6.83
C LEU A 65 1.50 4.65 -6.82
N GLU A 66 2.20 4.70 -7.95
CA GLU A 66 3.51 4.07 -8.06
C GLU A 66 4.54 4.75 -7.18
N LYS A 67 4.54 6.08 -7.22
CA LYS A 67 5.48 6.86 -6.41
C LYS A 67 5.32 6.56 -4.94
N VAL A 68 4.09 6.68 -4.43
CA VAL A 68 3.80 6.40 -3.03
C VAL A 68 4.13 4.96 -2.67
N ARG A 69 3.80 4.04 -3.57
CA ARG A 69 4.06 2.63 -3.35
C ARG A 69 5.56 2.35 -3.24
N GLN A 70 6.33 2.96 -4.14
CA GLN A 70 7.78 2.77 -4.14
C GLN A 70 8.40 3.44 -2.92
N LYS A 71 7.80 4.53 -2.47
CA LYS A 71 8.32 5.26 -1.31
C LYS A 71 8.08 4.47 -0.03
N VAL A 72 6.96 3.75 0.03
CA VAL A 72 6.62 2.94 1.19
C VAL A 72 7.19 1.54 1.07
N LEU A 73 7.53 1.15 -0.16
CA LEU A 73 8.09 -0.18 -0.42
C LEU A 73 9.60 -0.17 -0.28
N ARG A 74 10.21 0.98 -0.53
CA ARG A 74 11.66 1.13 -0.44
C ARG A 74 12.16 0.61 0.91
N LEU A 75 11.33 0.72 1.93
CA LEU A 75 11.69 0.27 3.27
C LEU A 75 11.95 -1.24 3.28
N GLU A 76 11.06 -1.98 2.64
CA GLU A 76 11.19 -3.43 2.57
C GLU A 76 11.62 -3.89 1.19
N LYS A 1 6.00 -30.60 0.17
CA LYS A 1 6.05 -29.97 1.49
C LYS A 1 6.68 -28.59 1.40
N GLU A 2 5.87 -27.56 1.61
CA GLU A 2 6.35 -26.19 1.56
C GLU A 2 5.98 -25.43 2.83
N THR A 3 6.96 -24.70 3.38
CA THR A 3 6.74 -23.94 4.60
C THR A 3 6.37 -22.50 4.29
N VAL A 4 5.10 -22.16 4.50
CA VAL A 4 4.60 -20.82 4.24
C VAL A 4 5.26 -19.80 5.17
N PRO A 5 5.32 -18.54 4.73
CA PRO A 5 5.92 -17.45 5.51
C PRO A 5 5.10 -17.09 6.73
N TYR A 6 5.45 -15.99 7.38
CA TYR A 6 4.74 -15.53 8.57
C TYR A 6 3.89 -14.30 8.25
N GLN A 7 3.53 -14.14 6.99
CA GLN A 7 2.72 -13.01 6.56
C GLN A 7 1.77 -13.41 5.43
N ILE A 8 1.17 -14.59 5.57
CA ILE A 8 0.23 -15.08 4.57
C ILE A 8 -1.09 -15.51 5.19
N PRO A 9 -2.20 -15.09 4.58
CA PRO A 9 -2.17 -14.29 3.35
C PRO A 9 -1.67 -12.87 3.60
N TYR A 10 -2.23 -12.22 4.61
CA TYR A 10 -1.86 -10.86 4.96
C TYR A 10 -1.77 -10.68 6.47
N THR A 11 -0.71 -10.03 6.93
CA THR A 11 -0.51 -9.79 8.35
C THR A 11 -0.80 -8.33 8.71
N PRO A 12 -1.10 -8.09 10.00
CA PRO A 12 -1.41 -6.75 10.50
C PRO A 12 -0.19 -5.85 10.52
N SER A 13 0.95 -6.42 10.92
CA SER A 13 2.20 -5.66 10.99
C SER A 13 2.50 -4.99 9.66
N GLU A 14 2.22 -5.69 8.57
CA GLU A 14 2.45 -5.17 7.23
C GLU A 14 1.53 -3.99 6.93
N LEU A 15 0.24 -4.19 7.16
CA LEU A 15 -0.75 -3.14 6.92
C LEU A 15 -0.44 -1.89 7.75
N GLU A 16 -0.26 -2.10 9.06
CA GLU A 16 0.04 -0.99 9.96
C GLU A 16 1.34 -0.31 9.57
N GLU A 17 2.33 -1.10 9.18
CA GLU A 17 3.63 -0.57 8.79
C GLU A 17 3.53 0.21 7.47
N LEU A 18 2.63 -0.25 6.60
CA LEU A 18 2.43 0.41 5.32
C LEU A 18 1.76 1.77 5.49
N GLN A 19 0.65 1.79 6.21
CA GLN A 19 -0.08 3.02 6.45
C GLN A 19 0.79 4.03 7.19
N GLN A 20 1.52 3.56 8.20
CA GLN A 20 2.39 4.42 8.98
C GLN A 20 3.51 4.98 8.12
N ASN A 21 4.13 4.13 7.31
CA ASN A 21 5.22 4.54 6.44
C ASN A 21 4.73 5.56 5.41
N ILE A 22 3.47 5.44 5.02
CA ILE A 22 2.88 6.35 4.04
C ILE A 22 2.68 7.74 4.64
N LYS A 23 1.93 7.80 5.73
CA LYS A 23 1.67 9.07 6.40
C LYS A 23 2.95 9.68 6.95
N LEU A 24 3.95 8.84 7.19
CA LEU A 24 5.23 9.30 7.70
C LEU A 24 6.13 9.77 6.57
N GLU A 25 6.18 9.00 5.49
CA GLU A 25 7.01 9.34 4.34
C GLU A 25 6.27 10.31 3.42
N LEU A 26 5.31 9.79 2.67
CA LEU A 26 4.53 10.61 1.74
C LEU A 26 3.95 11.83 2.45
N GLU A 27 3.38 12.73 1.67
CA GLU A 27 2.79 13.96 2.22
C GLU A 27 2.06 14.75 1.13
N GLY A 28 1.33 15.78 1.55
CA GLY A 28 0.59 16.59 0.60
C GLY A 28 -0.49 15.82 -0.11
N LYS A 29 -0.33 15.64 -1.42
CA LYS A 29 -1.29 14.91 -2.23
C LYS A 29 -0.75 13.55 -2.63
N GLU A 30 -0.21 12.81 -1.66
CA GLU A 30 0.35 11.49 -1.91
C GLU A 30 -0.01 10.53 -0.78
N GLN A 31 0.29 10.94 0.45
CA GLN A 31 0.00 10.11 1.61
C GLN A 31 -1.50 9.94 1.81
N GLU A 32 -2.26 10.96 1.42
CA GLU A 32 -3.72 10.93 1.55
C GLU A 32 -4.32 9.82 0.70
N LEU A 33 -3.88 9.75 -0.55
CA LEU A 33 -4.37 8.72 -1.47
C LEU A 33 -4.00 7.33 -0.99
N ALA A 34 -2.71 7.12 -0.74
CA ALA A 34 -2.23 5.82 -0.27
C ALA A 34 -2.97 5.38 0.99
N LEU A 35 -2.94 6.24 2.01
CA LEU A 35 -3.61 5.95 3.28
C LEU A 35 -5.10 5.69 3.06
N GLU A 36 -5.69 6.43 2.12
CA GLU A 36 -7.11 6.28 1.82
C GLU A 36 -7.43 4.85 1.41
N LEU A 37 -6.79 4.39 0.35
CA LEU A 37 -7.00 3.04 -0.15
C LEU A 37 -6.71 2.00 0.93
N LEU A 38 -5.62 2.20 1.65
CA LEU A 38 -5.22 1.28 2.73
C LEU A 38 -6.32 1.18 3.77
N ASN A 39 -6.77 2.34 4.26
CA ASN A 39 -7.83 2.38 5.27
C ASN A 39 -9.16 1.89 4.70
N TYR A 40 -9.34 2.09 3.40
CA TYR A 40 -10.57 1.68 2.73
C TYR A 40 -10.70 0.17 2.72
N LEU A 41 -9.59 -0.53 2.49
CA LEU A 41 -9.58 -1.98 2.47
C LEU A 41 -8.17 -2.53 2.67
N ASN A 42 -8.02 -3.43 3.62
CA ASN A 42 -6.72 -4.03 3.91
C ASN A 42 -6.18 -4.77 2.70
N GLU A 43 -7.04 -5.53 2.04
CA GLU A 43 -6.64 -6.29 0.86
C GLU A 43 -5.96 -5.39 -0.16
N LYS A 44 -6.36 -4.12 -0.18
CA LYS A 44 -5.80 -3.15 -1.11
C LYS A 44 -4.65 -2.38 -0.46
N GLY A 45 -3.48 -3.00 -0.38
CA GLY A 45 -2.34 -2.36 0.22
C GLY A 45 -1.11 -3.25 0.25
N PHE A 46 -0.90 -3.92 1.39
CA PHE A 46 0.24 -4.81 1.55
C PHE A 46 0.31 -5.82 0.41
N LEU A 47 1.28 -5.63 -0.47
CA LEU A 47 1.45 -6.51 -1.62
C LEU A 47 0.21 -6.53 -2.50
N SER A 48 -0.50 -5.40 -2.53
CA SER A 48 -1.71 -5.28 -3.33
C SER A 48 -1.44 -5.65 -4.78
N LYS A 49 -2.49 -5.65 -5.59
CA LYS A 49 -2.38 -5.98 -7.01
C LYS A 49 -1.47 -5.00 -7.73
N SER A 50 -1.56 -4.97 -9.06
CA SER A 50 -0.74 -4.08 -9.86
C SER A 50 -1.09 -2.62 -9.59
N VAL A 51 -0.15 -1.73 -9.86
CA VAL A 51 -0.36 -0.30 -9.64
C VAL A 51 -1.65 0.17 -10.31
N GLU A 52 -1.96 -0.40 -11.47
CA GLU A 52 -3.17 -0.04 -12.19
C GLU A 52 -4.42 -0.33 -11.36
N GLU A 53 -4.46 -1.50 -10.74
CA GLU A 53 -5.59 -1.90 -9.92
C GLU A 53 -5.92 -0.82 -8.89
N ILE A 54 -4.96 -0.54 -8.01
CA ILE A 54 -5.15 0.47 -6.98
C ILE A 54 -5.56 1.81 -7.59
N SER A 55 -4.81 2.27 -8.57
CA SER A 55 -5.09 3.53 -9.23
C SER A 55 -6.54 3.57 -9.73
N ASP A 56 -6.98 2.48 -10.35
CA ASP A 56 -8.34 2.39 -10.86
C ASP A 56 -9.35 2.44 -9.72
N VAL A 57 -9.00 1.82 -8.59
CA VAL A 57 -9.88 1.80 -7.42
C VAL A 57 -9.96 3.18 -6.77
N LEU A 58 -8.86 3.91 -6.82
CA LEU A 58 -8.80 5.26 -6.23
C LEU A 58 -9.20 6.31 -7.26
N ARG A 59 -9.41 5.89 -8.49
CA ARG A 59 -9.79 6.80 -9.56
C ARG A 59 -8.71 7.86 -9.78
N CYS A 60 -7.51 7.59 -9.29
CA CYS A 60 -6.40 8.52 -9.43
C CYS A 60 -5.35 7.97 -10.39
N SER A 61 -4.45 8.85 -10.84
CA SER A 61 -3.40 8.45 -11.77
C SER A 61 -2.52 7.36 -11.17
N VAL A 62 -2.08 6.44 -12.02
CA VAL A 62 -1.23 5.34 -11.57
C VAL A 62 0.12 5.86 -11.09
N GLU A 63 0.65 6.85 -11.79
CA GLU A 63 1.94 7.43 -11.42
C GLU A 63 2.01 7.73 -9.93
N GLU A 64 0.97 8.38 -9.42
CA GLU A 64 0.91 8.74 -8.00
C GLU A 64 0.98 7.48 -7.14
N LEU A 65 0.22 6.46 -7.52
CA LEU A 65 0.19 5.20 -6.78
C LEU A 65 1.57 4.54 -6.77
N GLU A 66 2.26 4.61 -7.90
CA GLU A 66 3.59 4.03 -8.02
C GLU A 66 4.59 4.77 -7.15
N LYS A 67 4.45 6.09 -7.06
CA LYS A 67 5.33 6.92 -6.27
C LYS A 67 5.18 6.60 -4.78
N VAL A 68 3.94 6.57 -4.32
CA VAL A 68 3.66 6.29 -2.92
C VAL A 68 4.04 4.86 -2.56
N ARG A 69 3.79 3.93 -3.48
CA ARG A 69 4.11 2.53 -3.27
C ARG A 69 5.62 2.32 -3.24
N GLN A 70 6.31 2.86 -4.24
CA GLN A 70 7.76 2.73 -4.33
C GLN A 70 8.44 3.42 -3.15
N LYS A 71 7.84 4.51 -2.68
CA LYS A 71 8.39 5.26 -1.56
C LYS A 71 8.26 4.47 -0.26
N VAL A 72 7.12 3.84 -0.06
CA VAL A 72 6.88 3.06 1.14
C VAL A 72 7.50 1.67 1.02
N LEU A 73 7.81 1.27 -0.21
CA LEU A 73 8.41 -0.03 -0.47
C LEU A 73 9.93 0.05 -0.40
N ARG A 74 10.47 1.21 -0.73
CA ARG A 74 11.92 1.41 -0.71
C ARG A 74 12.51 0.99 0.62
N LEU A 75 11.72 1.12 1.69
CA LEU A 75 12.16 0.75 3.02
C LEU A 75 12.72 -0.67 3.04
N GLU A 76 12.01 -1.59 2.37
CA GLU A 76 12.44 -2.97 2.31
C GLU A 76 13.81 -3.09 1.64
N LYS A 1 3.43 -29.25 3.88
CA LYS A 1 2.09 -29.41 4.42
C LYS A 1 1.89 -28.55 5.67
N GLU A 2 2.54 -28.95 6.76
CA GLU A 2 2.44 -28.22 8.01
C GLU A 2 3.59 -27.22 8.16
N THR A 3 3.88 -26.51 7.07
CA THR A 3 4.96 -25.52 7.07
C THR A 3 4.57 -24.30 6.25
N VAL A 4 3.78 -23.42 6.85
CA VAL A 4 3.35 -22.20 6.17
C VAL A 4 3.97 -20.96 6.82
N PRO A 5 4.06 -19.88 6.04
CA PRO A 5 4.63 -18.61 6.52
C PRO A 5 3.73 -17.92 7.54
N TYR A 6 4.07 -16.68 7.87
CA TYR A 6 3.30 -15.90 8.83
C TYR A 6 2.68 -14.67 8.19
N GLN A 7 3.22 -14.29 7.03
CA GLN A 7 2.73 -13.12 6.31
C GLN A 7 1.72 -13.54 5.23
N ILE A 8 1.07 -14.68 5.46
CA ILE A 8 0.08 -15.18 4.52
C ILE A 8 -1.24 -15.51 5.22
N PRO A 9 -2.34 -15.02 4.66
CA PRO A 9 -2.33 -14.21 3.44
C PRO A 9 -1.72 -12.82 3.68
N TYR A 10 -2.19 -12.14 4.71
CA TYR A 10 -1.70 -10.81 5.04
C TYR A 10 -1.52 -10.65 6.55
N THR A 11 -0.48 -9.94 6.95
CA THR A 11 -0.20 -9.71 8.36
C THR A 11 -0.55 -8.28 8.76
N PRO A 12 -0.85 -8.10 10.05
CA PRO A 12 -1.22 -6.78 10.60
C PRO A 12 -0.02 -5.84 10.65
N SER A 13 1.16 -6.38 10.91
CA SER A 13 2.38 -5.60 10.98
C SER A 13 2.66 -4.91 9.65
N GLU A 14 2.36 -5.60 8.56
CA GLU A 14 2.59 -5.07 7.23
C GLU A 14 1.67 -3.88 6.95
N LEU A 15 0.38 -4.09 7.19
CA LEU A 15 -0.61 -3.04 6.97
C LEU A 15 -0.31 -1.81 7.81
N GLU A 16 -0.12 -2.02 9.11
CA GLU A 16 0.18 -0.93 10.03
C GLU A 16 1.48 -0.23 9.63
N GLU A 17 2.47 -1.02 9.22
CA GLU A 17 3.76 -0.48 8.81
C GLU A 17 3.64 0.32 7.52
N LEU A 18 2.75 -0.13 6.64
CA LEU A 18 2.54 0.55 5.36
C LEU A 18 1.91 1.92 5.58
N GLN A 19 0.81 1.95 6.33
CA GLN A 19 0.11 3.21 6.61
C GLN A 19 1.03 4.19 7.34
N GLN A 20 1.71 3.70 8.38
CA GLN A 20 2.61 4.53 9.16
C GLN A 20 3.70 5.13 8.27
N ASN A 21 4.31 4.29 7.44
CA ASN A 21 5.37 4.75 6.54
C ASN A 21 4.83 5.75 5.53
N ILE A 22 3.57 5.59 5.16
CA ILE A 22 2.93 6.49 4.20
C ILE A 22 2.82 7.90 4.75
N LYS A 23 2.17 8.03 5.90
CA LYS A 23 2.00 9.33 6.54
C LYS A 23 3.33 9.85 7.08
N LEU A 24 4.28 8.94 7.29
CA LEU A 24 5.59 9.31 7.80
C LEU A 24 6.50 9.77 6.66
N GLU A 25 6.26 9.25 5.47
CA GLU A 25 7.05 9.61 4.30
C GLU A 25 6.27 10.51 3.35
N LEU A 26 5.33 9.92 2.63
CA LEU A 26 4.50 10.68 1.69
C LEU A 26 3.86 11.88 2.37
N GLU A 27 3.20 12.71 1.58
CA GLU A 27 2.54 13.90 2.11
C GLU A 27 1.73 14.60 1.02
N GLY A 28 1.13 15.74 1.38
CA GLY A 28 0.32 16.48 0.42
C GLY A 28 -0.74 15.63 -0.23
N LYS A 29 -0.70 15.57 -1.57
CA LYS A 29 -1.67 14.77 -2.32
C LYS A 29 -1.08 13.42 -2.70
N GLU A 30 -0.36 12.80 -1.77
CA GLU A 30 0.25 11.50 -2.01
C GLU A 30 -0.11 10.52 -0.89
N GLN A 31 0.27 10.87 0.33
CA GLN A 31 -0.01 10.02 1.49
C GLN A 31 -1.51 9.80 1.65
N GLU A 32 -2.29 10.81 1.27
CA GLU A 32 -3.74 10.73 1.38
C GLU A 32 -4.30 9.60 0.52
N LEU A 33 -3.75 9.44 -0.67
CA LEU A 33 -4.18 8.40 -1.60
C LEU A 33 -3.79 7.02 -1.08
N ALA A 34 -2.51 6.84 -0.78
CA ALA A 34 -2.01 5.58 -0.27
C ALA A 34 -2.79 5.13 0.97
N LEU A 35 -2.86 6.01 1.96
CA LEU A 35 -3.57 5.71 3.19
C LEU A 35 -5.06 5.47 2.92
N GLU A 36 -5.61 6.22 1.98
CA GLU A 36 -7.01 6.10 1.62
C GLU A 36 -7.36 4.66 1.26
N LEU A 37 -6.64 4.10 0.29
CA LEU A 37 -6.86 2.74 -0.15
C LEU A 37 -6.55 1.75 0.97
N LEU A 38 -5.47 2.00 1.70
CA LEU A 38 -5.08 1.13 2.80
C LEU A 38 -6.23 0.95 3.79
N ASN A 39 -6.88 2.05 4.14
CA ASN A 39 -8.00 2.00 5.08
C ASN A 39 -9.28 1.56 4.38
N TYR A 40 -9.38 1.86 3.09
CA TYR A 40 -10.55 1.48 2.30
C TYR A 40 -10.63 -0.03 2.14
N LEU A 41 -9.48 -0.69 2.26
CA LEU A 41 -9.41 -2.14 2.12
C LEU A 41 -8.01 -2.66 2.44
N ASN A 42 -7.90 -3.41 3.54
CA ASN A 42 -6.62 -3.96 3.95
C ASN A 42 -6.04 -4.87 2.87
N GLU A 43 -6.86 -5.79 2.38
CA GLU A 43 -6.43 -6.71 1.34
C GLU A 43 -5.75 -5.97 0.19
N LYS A 44 -6.20 -4.75 -0.05
CA LYS A 44 -5.63 -3.92 -1.12
C LYS A 44 -4.71 -2.86 -0.56
N GLY A 45 -3.43 -3.18 -0.44
CA GLY A 45 -2.47 -2.22 0.09
C GLY A 45 -1.07 -2.79 0.15
N PHE A 46 -0.73 -3.44 1.26
CA PHE A 46 0.59 -4.03 1.44
C PHE A 46 0.97 -4.89 0.24
N LEU A 47 0.07 -5.79 -0.15
CA LEU A 47 0.31 -6.67 -1.28
C LEU A 47 -0.81 -6.57 -2.30
N SER A 48 -1.36 -5.37 -2.46
CA SER A 48 -2.45 -5.14 -3.39
C SER A 48 -2.06 -5.59 -4.80
N LYS A 49 -2.99 -5.45 -5.74
CA LYS A 49 -2.74 -5.84 -7.12
C LYS A 49 -1.80 -4.86 -7.80
N SER A 50 -1.81 -4.87 -9.13
CA SER A 50 -0.95 -3.97 -9.91
C SER A 50 -1.32 -2.52 -9.66
N VAL A 51 -0.36 -1.63 -9.87
CA VAL A 51 -0.58 -0.20 -9.69
C VAL A 51 -1.84 0.27 -10.41
N GLU A 52 -2.09 -0.31 -11.58
CA GLU A 52 -3.26 0.04 -12.39
C GLU A 52 -4.54 -0.21 -11.59
N GLU A 53 -4.59 -1.34 -10.91
CA GLU A 53 -5.77 -1.70 -10.11
C GLU A 53 -6.04 -0.65 -9.04
N ILE A 54 -5.08 -0.44 -8.16
CA ILE A 54 -5.22 0.55 -7.09
C ILE A 54 -5.58 1.91 -7.65
N SER A 55 -4.91 2.30 -8.73
CA SER A 55 -5.16 3.59 -9.36
C SER A 55 -6.61 3.70 -9.83
N ASP A 56 -7.07 2.64 -10.49
CA ASP A 56 -8.45 2.61 -11.00
C ASP A 56 -9.45 2.63 -9.85
N VAL A 57 -9.09 2.00 -8.74
CA VAL A 57 -9.96 1.94 -7.57
C VAL A 57 -9.97 3.27 -6.82
N LEU A 58 -8.83 3.95 -6.82
CA LEU A 58 -8.71 5.24 -6.14
C LEU A 58 -9.03 6.39 -7.09
N ARG A 59 -9.31 6.04 -8.35
CA ARG A 59 -9.63 7.05 -9.36
C ARG A 59 -8.50 8.06 -9.51
N CYS A 60 -7.31 7.66 -9.09
CA CYS A 60 -6.14 8.53 -9.18
C CYS A 60 -5.16 8.02 -10.23
N SER A 61 -4.21 8.87 -10.61
CA SER A 61 -3.22 8.51 -11.61
C SER A 61 -2.31 7.40 -11.11
N VAL A 62 -1.92 6.50 -12.00
CA VAL A 62 -1.06 5.39 -11.64
C VAL A 62 0.32 5.89 -11.16
N GLU A 63 0.83 6.90 -11.84
CA GLU A 63 2.13 7.47 -11.49
C GLU A 63 2.19 7.79 -10.00
N GLU A 64 1.12 8.36 -9.48
CA GLU A 64 1.05 8.71 -8.06
C GLU A 64 1.08 7.46 -7.18
N LEU A 65 0.21 6.50 -7.51
CA LEU A 65 0.13 5.26 -6.75
C LEU A 65 1.48 4.55 -6.73
N GLU A 66 2.19 4.59 -7.85
CA GLU A 66 3.49 3.94 -7.96
C GLU A 66 4.52 4.66 -7.10
N LYS A 67 4.52 6.00 -7.17
CA LYS A 67 5.46 6.80 -6.40
C LYS A 67 5.32 6.52 -4.90
N VAL A 68 4.08 6.59 -4.40
CA VAL A 68 3.81 6.35 -2.99
C VAL A 68 4.14 4.92 -2.62
N ARG A 69 3.82 3.98 -3.51
CA ARG A 69 4.08 2.57 -3.28
C ARG A 69 5.58 2.30 -3.16
N GLN A 70 6.35 2.88 -4.08
CA GLN A 70 7.79 2.71 -4.08
C GLN A 70 8.42 3.37 -2.86
N LYS A 71 7.87 4.51 -2.46
CA LYS A 71 8.37 5.24 -1.30
C LYS A 71 8.14 4.47 -0.02
N VAL A 72 6.98 3.82 0.08
CA VAL A 72 6.63 3.03 1.25
C VAL A 72 7.23 1.63 1.17
N LEU A 73 7.56 1.21 -0.04
CA LEU A 73 8.12 -0.12 -0.25
C LEU A 73 9.64 -0.09 -0.12
N ARG A 74 10.23 1.09 -0.34
CA ARG A 74 11.67 1.26 -0.24
C ARG A 74 12.16 0.91 1.16
N LEU A 75 11.25 0.93 2.12
CA LEU A 75 11.59 0.63 3.51
C LEU A 75 12.05 -0.82 3.64
N GLU A 76 11.29 -1.74 3.05
CA GLU A 76 11.62 -3.16 3.10
C GLU A 76 13.02 -3.42 2.56
N LYS A 1 11.96 -26.89 -1.63
CA LYS A 1 11.19 -27.02 -0.41
C LYS A 1 11.82 -26.23 0.73
N GLU A 2 11.12 -25.21 1.20
CA GLU A 2 11.61 -24.38 2.29
C GLU A 2 10.46 -23.81 3.11
N THR A 3 10.65 -23.75 4.43
CA THR A 3 9.62 -23.23 5.33
C THR A 3 9.17 -21.84 4.89
N VAL A 4 8.15 -21.32 5.57
CA VAL A 4 7.63 -19.99 5.25
C VAL A 4 7.82 -19.03 6.42
N PRO A 5 7.85 -17.73 6.11
CA PRO A 5 8.04 -16.68 7.12
C PRO A 5 6.82 -16.53 8.04
N TYR A 6 6.82 -15.48 8.84
CA TYR A 6 5.71 -15.23 9.77
C TYR A 6 4.69 -14.28 9.14
N GLN A 7 5.11 -13.57 8.10
CA GLN A 7 4.24 -12.62 7.42
C GLN A 7 3.56 -13.28 6.21
N ILE A 8 3.24 -14.57 6.34
CA ILE A 8 2.61 -15.30 5.27
C ILE A 8 1.34 -15.99 5.75
N PRO A 9 0.26 -15.89 4.95
CA PRO A 9 0.29 -15.16 3.67
C PRO A 9 0.40 -13.65 3.88
N TYR A 10 -0.44 -13.11 4.74
CA TYR A 10 -0.44 -11.67 5.02
C TYR A 10 -0.60 -11.42 6.52
N THR A 11 0.24 -10.55 7.06
CA THR A 11 0.19 -10.21 8.48
C THR A 11 -0.41 -8.82 8.69
N PRO A 12 -0.97 -8.59 9.89
CA PRO A 12 -1.58 -7.31 10.24
C PRO A 12 -0.55 -6.19 10.39
N SER A 13 0.69 -6.57 10.68
CA SER A 13 1.76 -5.61 10.85
C SER A 13 2.16 -4.98 9.51
N GLU A 14 2.02 -5.77 8.44
CA GLU A 14 2.36 -5.29 7.11
C GLU A 14 1.50 -4.10 6.71
N LEU A 15 0.19 -4.22 6.92
CA LEU A 15 -0.75 -3.15 6.59
C LEU A 15 -0.49 -1.92 7.45
N GLU A 16 -0.43 -2.13 8.77
CA GLU A 16 -0.18 -1.03 9.70
C GLU A 16 1.14 -0.34 9.39
N GLU A 17 2.15 -1.13 9.06
CA GLU A 17 3.47 -0.59 8.75
C GLU A 17 3.44 0.19 7.45
N LEU A 18 2.65 -0.29 6.49
CA LEU A 18 2.53 0.36 5.19
C LEU A 18 1.89 1.73 5.33
N GLN A 19 0.73 1.78 5.97
CA GLN A 19 0.02 3.03 6.18
C GLN A 19 0.87 4.03 6.95
N GLN A 20 1.44 3.56 8.06
CA GLN A 20 2.28 4.42 8.90
C GLN A 20 3.41 5.03 8.08
N ASN A 21 4.07 4.20 7.27
CA ASN A 21 5.18 4.66 6.45
C ASN A 21 4.70 5.69 5.43
N ILE A 22 3.46 5.53 4.97
CA ILE A 22 2.89 6.45 3.99
C ILE A 22 2.74 7.85 4.58
N LYS A 23 2.01 7.96 5.67
CA LYS A 23 1.79 9.24 6.34
C LYS A 23 3.09 9.76 6.94
N LEU A 24 4.04 8.87 7.18
CA LEU A 24 5.33 9.24 7.75
C LEU A 24 6.28 9.72 6.67
N GLU A 25 6.09 9.23 5.45
CA GLU A 25 6.94 9.61 4.32
C GLU A 25 6.19 10.55 3.38
N LEU A 26 5.27 10.00 2.62
CA LEU A 26 4.48 10.78 1.68
C LEU A 26 3.88 12.02 2.34
N GLU A 27 3.35 12.92 1.54
CA GLU A 27 2.74 14.14 2.07
C GLU A 27 1.89 14.83 1.00
N GLY A 28 1.08 15.79 1.42
CA GLY A 28 0.23 16.51 0.49
C GLY A 28 -0.80 15.61 -0.17
N LYS A 29 -0.81 15.62 -1.50
CA LYS A 29 -1.74 14.79 -2.25
C LYS A 29 -1.10 13.47 -2.67
N GLU A 30 -0.41 12.84 -1.74
CA GLU A 30 0.26 11.56 -2.00
C GLU A 30 -0.03 10.56 -0.90
N GLN A 31 0.12 11.00 0.35
CA GLN A 31 -0.12 10.13 1.50
C GLN A 31 -1.61 9.87 1.68
N GLU A 32 -2.43 10.88 1.35
CA GLU A 32 -3.87 10.75 1.49
C GLU A 32 -4.41 9.63 0.60
N LEU A 33 -3.92 9.57 -0.63
CA LEU A 33 -4.35 8.55 -1.57
C LEU A 33 -3.95 7.16 -1.10
N ALA A 34 -2.66 6.99 -0.79
CA ALA A 34 -2.15 5.71 -0.32
C ALA A 34 -2.91 5.24 0.91
N LEU A 35 -2.95 6.08 1.94
CA LEU A 35 -3.63 5.74 3.17
C LEU A 35 -5.12 5.51 2.92
N GLU A 36 -5.67 6.24 1.96
CA GLU A 36 -7.09 6.12 1.62
C GLU A 36 -7.42 4.69 1.21
N LEU A 37 -6.72 4.19 0.19
CA LEU A 37 -6.94 2.83 -0.29
C LEU A 37 -6.63 1.80 0.79
N LEU A 38 -5.56 2.04 1.53
CA LEU A 38 -5.17 1.13 2.60
C LEU A 38 -6.26 1.02 3.65
N ASN A 39 -6.73 2.16 4.13
CA ASN A 39 -7.79 2.19 5.14
C ASN A 39 -9.09 1.66 4.57
N TYR A 40 -9.30 1.86 3.28
CA TYR A 40 -10.51 1.39 2.61
C TYR A 40 -10.57 -0.13 2.58
N LEU A 41 -9.42 -0.75 2.34
CA LEU A 41 -9.34 -2.20 2.29
C LEU A 41 -7.93 -2.68 2.63
N ASN A 42 -7.75 -3.09 3.89
CA ASN A 42 -6.45 -3.57 4.34
C ASN A 42 -5.93 -4.69 3.45
N GLU A 43 -6.84 -5.53 2.96
CA GLU A 43 -6.48 -6.63 2.09
C GLU A 43 -5.75 -6.13 0.85
N LYS A 44 -5.99 -4.87 0.49
CA LYS A 44 -5.36 -4.26 -0.67
C LYS A 44 -4.36 -3.18 -0.24
N GLY A 45 -3.08 -3.55 -0.23
CA GLY A 45 -2.04 -2.61 0.15
C GLY A 45 -0.66 -3.22 0.11
N PHE A 46 -0.28 -3.89 1.19
CA PHE A 46 1.04 -4.52 1.27
C PHE A 46 1.32 -5.34 0.01
N LEU A 47 0.34 -6.12 -0.42
CA LEU A 47 0.48 -6.96 -1.61
C LEU A 47 -0.72 -6.78 -2.54
N SER A 48 -1.31 -5.60 -2.51
CA SER A 48 -2.46 -5.30 -3.37
C SER A 48 -2.16 -5.64 -4.82
N LYS A 49 -3.19 -5.57 -5.65
CA LYS A 49 -3.05 -5.87 -7.08
C LYS A 49 -2.04 -4.92 -7.73
N SER A 50 -1.99 -4.95 -9.05
CA SER A 50 -1.07 -4.10 -9.80
C SER A 50 -1.40 -2.63 -9.59
N VAL A 51 -0.42 -1.76 -9.83
CA VAL A 51 -0.61 -0.33 -9.66
C VAL A 51 -1.87 0.15 -10.37
N GLU A 52 -2.16 -0.44 -11.52
CA GLU A 52 -3.33 -0.07 -12.31
C GLU A 52 -4.61 -0.28 -11.49
N GLU A 53 -4.65 -1.40 -10.77
CA GLU A 53 -5.82 -1.72 -9.94
C GLU A 53 -6.05 -0.66 -8.88
N ILE A 54 -5.06 -0.48 -8.01
CA ILE A 54 -5.14 0.51 -6.94
C ILE A 54 -5.49 1.89 -7.49
N SER A 55 -4.81 2.27 -8.57
CA SER A 55 -5.04 3.57 -9.20
C SER A 55 -6.51 3.73 -9.59
N ASP A 56 -7.05 2.69 -10.23
CA ASP A 56 -8.44 2.72 -10.66
C ASP A 56 -9.39 2.85 -9.47
N VAL A 57 -9.04 2.17 -8.38
CA VAL A 57 -9.86 2.21 -7.18
C VAL A 57 -9.77 3.57 -6.49
N LEU A 58 -8.60 4.19 -6.60
CA LEU A 58 -8.38 5.50 -5.99
C LEU A 58 -8.77 6.63 -6.95
N ARG A 59 -9.10 6.25 -8.18
CA ARG A 59 -9.49 7.23 -9.19
C ARG A 59 -8.36 8.20 -9.48
N CYS A 60 -7.15 7.83 -9.07
CA CYS A 60 -5.98 8.68 -9.28
C CYS A 60 -5.04 8.07 -10.32
N SER A 61 -4.11 8.87 -10.82
CA SER A 61 -3.15 8.41 -11.82
C SER A 61 -2.24 7.35 -11.24
N VAL A 62 -1.88 6.37 -12.07
CA VAL A 62 -1.01 5.28 -11.64
C VAL A 62 0.33 5.80 -11.17
N GLU A 63 0.86 6.79 -11.90
CA GLU A 63 2.15 7.38 -11.55
C GLU A 63 2.22 7.72 -10.07
N GLU A 64 1.16 8.36 -9.56
CA GLU A 64 1.11 8.73 -8.16
C GLU A 64 1.15 7.50 -7.26
N LEU A 65 0.38 6.48 -7.63
CA LEU A 65 0.33 5.24 -6.86
C LEU A 65 1.70 4.56 -6.84
N GLU A 66 2.37 4.56 -7.98
CA GLU A 66 3.69 3.94 -8.09
C GLU A 66 4.72 4.70 -7.25
N LYS A 67 4.60 6.02 -7.23
CA LYS A 67 5.52 6.85 -6.46
C LYS A 67 5.38 6.59 -4.97
N VAL A 68 4.15 6.69 -4.47
CA VAL A 68 3.89 6.46 -3.06
C VAL A 68 4.24 5.03 -2.65
N ARG A 69 3.93 4.08 -3.53
CA ARG A 69 4.22 2.68 -3.27
C ARG A 69 5.72 2.45 -3.15
N GLN A 70 6.48 3.01 -4.08
CA GLN A 70 7.93 2.87 -4.07
C GLN A 70 8.56 3.59 -2.89
N LYS A 71 7.92 4.70 -2.49
CA LYS A 71 8.42 5.48 -1.36
C LYS A 71 8.22 4.74 -0.05
N VAL A 72 7.10 4.02 0.07
CA VAL A 72 6.79 3.26 1.27
C VAL A 72 7.39 1.86 1.20
N LEU A 73 7.72 1.43 -0.01
CA LEU A 73 8.31 0.11 -0.21
C LEU A 73 9.83 0.15 -0.06
N ARG A 74 10.41 1.30 -0.38
CA ARG A 74 11.86 1.47 -0.28
C ARG A 74 12.36 1.06 1.09
N LEU A 75 11.51 1.24 2.11
CA LEU A 75 11.86 0.90 3.48
C LEU A 75 12.38 -0.54 3.56
N GLU A 76 11.67 -1.45 2.91
CA GLU A 76 12.06 -2.86 2.91
C GLU A 76 12.45 -3.31 1.50
N LYS A 1 4.46 -29.53 2.25
CA LYS A 1 3.94 -28.37 2.97
C LYS A 1 2.56 -28.66 3.54
N GLU A 2 2.47 -28.76 4.87
CA GLU A 2 1.20 -29.04 5.53
C GLU A 2 0.72 -27.81 6.29
N THR A 3 1.65 -27.08 6.89
CA THR A 3 1.32 -25.88 7.65
C THR A 3 1.45 -24.62 6.80
N VAL A 4 0.81 -23.54 7.22
CA VAL A 4 0.86 -22.28 6.50
C VAL A 4 1.56 -21.20 7.31
N PRO A 5 2.11 -20.20 6.62
CA PRO A 5 2.82 -19.08 7.26
C PRO A 5 1.88 -18.17 8.03
N TYR A 6 2.40 -17.03 8.47
CA TYR A 6 1.60 -16.06 9.23
C TYR A 6 1.30 -14.83 8.39
N GLN A 7 2.16 -14.56 7.40
CA GLN A 7 1.99 -13.40 6.53
C GLN A 7 0.88 -13.66 5.51
N ILE A 8 0.52 -14.93 5.34
CA ILE A 8 -0.53 -15.30 4.40
C ILE A 8 -1.87 -15.50 5.11
N PRO A 9 -2.93 -14.89 4.56
CA PRO A 9 -2.84 -14.09 3.34
C PRO A 9 -2.10 -12.77 3.58
N TYR A 10 -2.49 -12.05 4.61
CA TYR A 10 -1.86 -10.77 4.95
C TYR A 10 -1.66 -10.64 6.45
N THR A 11 -0.61 -9.92 6.84
CA THR A 11 -0.31 -9.72 8.26
C THR A 11 -0.66 -8.30 8.68
N PRO A 12 -0.94 -8.13 9.99
CA PRO A 12 -1.28 -6.82 10.57
C PRO A 12 -0.09 -5.87 10.60
N SER A 13 1.07 -6.40 10.94
CA SER A 13 2.29 -5.59 11.01
C SER A 13 2.57 -4.91 9.66
N GLU A 14 2.30 -5.64 8.58
CA GLU A 14 2.53 -5.10 7.24
C GLU A 14 1.61 -3.93 6.95
N LEU A 15 0.31 -4.13 7.17
CA LEU A 15 -0.67 -3.09 6.94
C LEU A 15 -0.38 -1.86 7.80
N GLU A 16 -0.21 -2.07 9.09
CA GLU A 16 0.08 -0.98 10.01
C GLU A 16 1.38 -0.27 9.63
N GLU A 17 2.39 -1.05 9.26
CA GLU A 17 3.68 -0.50 8.86
C GLU A 17 3.56 0.28 7.56
N LEU A 18 2.67 -0.18 6.68
CA LEU A 18 2.46 0.47 5.39
C LEU A 18 1.84 1.86 5.58
N GLN A 19 0.74 1.91 6.33
CA GLN A 19 0.05 3.17 6.57
C GLN A 19 0.96 4.16 7.30
N GLN A 20 1.63 3.68 8.34
CA GLN A 20 2.53 4.53 9.12
C GLN A 20 3.64 5.09 8.23
N ASN A 21 4.21 4.23 7.38
CA ASN A 21 5.28 4.65 6.49
C ASN A 21 4.77 5.67 5.47
N ILE A 22 3.50 5.55 5.10
CA ILE A 22 2.90 6.45 4.13
C ILE A 22 2.81 7.87 4.70
N LYS A 23 2.18 8.00 5.86
CA LYS A 23 2.03 9.30 6.51
C LYS A 23 3.37 9.82 7.01
N LEU A 24 4.30 8.90 7.26
CA LEU A 24 5.62 9.26 7.74
C LEU A 24 6.53 9.67 6.59
N GLU A 25 6.27 9.11 5.40
CA GLU A 25 7.05 9.43 4.22
C GLU A 25 6.31 10.38 3.30
N LEU A 26 5.33 9.85 2.57
CA LEU A 26 4.53 10.65 1.65
C LEU A 26 3.93 11.86 2.36
N GLU A 27 3.30 12.74 1.60
CA GLU A 27 2.68 13.93 2.15
C GLU A 27 1.92 14.71 1.07
N GLY A 28 1.14 15.69 1.51
CA GLY A 28 0.37 16.49 0.57
C GLY A 28 -0.68 15.68 -0.15
N LYS A 29 -0.59 15.65 -1.49
CA LYS A 29 -1.55 14.90 -2.29
C LYS A 29 -0.99 13.55 -2.70
N GLU A 30 -0.36 12.86 -1.74
CA GLU A 30 0.23 11.55 -2.00
C GLU A 30 -0.13 10.58 -0.89
N GLN A 31 0.31 10.89 0.33
CA GLN A 31 0.03 10.02 1.48
C GLN A 31 -1.47 9.83 1.66
N GLU A 32 -2.25 10.83 1.27
CA GLU A 32 -3.71 10.75 1.39
C GLU A 32 -4.27 9.60 0.57
N LEU A 33 -3.88 9.54 -0.71
CA LEU A 33 -4.34 8.49 -1.60
C LEU A 33 -3.91 7.11 -1.10
N ALA A 34 -2.62 6.97 -0.82
CA ALA A 34 -2.08 5.71 -0.33
C ALA A 34 -2.83 5.25 0.92
N LEU A 35 -2.84 6.10 1.94
CA LEU A 35 -3.52 5.78 3.20
C LEU A 35 -5.01 5.55 2.96
N GLU A 36 -5.60 6.35 2.09
CA GLU A 36 -7.02 6.24 1.77
C GLU A 36 -7.37 4.80 1.39
N LEU A 37 -6.72 4.28 0.37
CA LEU A 37 -6.96 2.92 -0.09
C LEU A 37 -6.64 1.90 1.00
N LEU A 38 -5.52 2.12 1.69
CA LEU A 38 -5.10 1.23 2.77
C LEU A 38 -6.21 1.07 3.80
N ASN A 39 -6.81 2.19 4.20
CA ASN A 39 -7.88 2.17 5.19
C ASN A 39 -9.17 1.67 4.58
N TYR A 40 -9.36 1.94 3.29
CA TYR A 40 -10.56 1.51 2.58
C TYR A 40 -10.61 0.00 2.45
N LEU A 41 -9.43 -0.62 2.43
CA LEU A 41 -9.34 -2.08 2.31
C LEU A 41 -7.98 -2.57 2.82
N ASN A 42 -8.00 -3.69 3.53
CA ASN A 42 -6.77 -4.28 4.06
C ASN A 42 -6.03 -5.06 2.99
N GLU A 43 -6.73 -6.03 2.38
CA GLU A 43 -6.14 -6.85 1.33
C GLU A 43 -5.47 -5.99 0.27
N LYS A 44 -6.15 -4.93 -0.15
CA LYS A 44 -5.62 -4.02 -1.15
C LYS A 44 -4.71 -2.98 -0.52
N GLY A 45 -3.40 -3.23 -0.55
CA GLY A 45 -2.46 -2.30 0.03
C GLY A 45 -1.05 -2.88 0.11
N PHE A 46 -0.74 -3.53 1.23
CA PHE A 46 0.57 -4.13 1.42
C PHE A 46 0.97 -4.98 0.22
N LEU A 47 0.07 -5.88 -0.17
CA LEU A 47 0.32 -6.77 -1.30
C LEU A 47 -0.79 -6.67 -2.33
N SER A 48 -1.31 -5.46 -2.50
CA SER A 48 -2.40 -5.23 -3.46
C SER A 48 -1.99 -5.69 -4.86
N LYS A 49 -2.89 -5.50 -5.81
CA LYS A 49 -2.63 -5.90 -7.20
C LYS A 49 -1.70 -4.90 -7.87
N SER A 50 -1.71 -4.89 -9.20
CA SER A 50 -0.85 -3.99 -9.97
C SER A 50 -1.23 -2.54 -9.71
N VAL A 51 -0.29 -1.63 -9.97
CA VAL A 51 -0.52 -0.21 -9.76
C VAL A 51 -1.81 0.25 -10.44
N GLU A 52 -2.08 -0.33 -11.61
CA GLU A 52 -3.28 0.02 -12.37
C GLU A 52 -4.53 -0.22 -11.53
N GLU A 53 -4.62 -1.40 -10.93
CA GLU A 53 -5.76 -1.75 -10.10
C GLU A 53 -6.03 -0.70 -9.04
N ILE A 54 -5.02 -0.46 -8.19
CA ILE A 54 -5.14 0.53 -7.13
C ILE A 54 -5.55 1.89 -7.68
N SER A 55 -4.85 2.33 -8.72
CA SER A 55 -5.15 3.61 -9.34
C SER A 55 -6.60 3.68 -9.81
N ASP A 56 -7.05 2.61 -10.46
CA ASP A 56 -8.41 2.54 -10.96
C ASP A 56 -9.41 2.54 -9.80
N VAL A 57 -9.00 1.97 -8.67
CA VAL A 57 -9.87 1.90 -7.50
C VAL A 57 -9.94 3.26 -6.80
N LEU A 58 -8.82 3.99 -6.82
CA LEU A 58 -8.76 5.30 -6.18
C LEU A 58 -9.12 6.40 -7.17
N ARG A 59 -9.39 6.01 -8.42
CA ARG A 59 -9.75 6.97 -9.46
C ARG A 59 -8.65 8.00 -9.64
N CYS A 60 -7.45 7.68 -9.19
CA CYS A 60 -6.31 8.59 -9.31
C CYS A 60 -5.30 8.07 -10.33
N SER A 61 -4.37 8.94 -10.72
CA SER A 61 -3.35 8.58 -11.70
C SER A 61 -2.48 7.43 -11.18
N VAL A 62 -2.09 6.54 -12.07
CA VAL A 62 -1.26 5.39 -11.70
C VAL A 62 0.12 5.85 -11.24
N GLU A 63 0.68 6.83 -11.95
CA GLU A 63 2.00 7.36 -11.62
C GLU A 63 2.10 7.68 -10.13
N GLU A 64 1.13 8.43 -9.62
CA GLU A 64 1.11 8.80 -8.22
C GLU A 64 1.14 7.56 -7.32
N LEU A 65 0.34 6.56 -7.68
CA LEU A 65 0.29 5.32 -6.91
C LEU A 65 1.64 4.62 -6.89
N GLU A 66 2.33 4.65 -8.04
CA GLU A 66 3.63 4.01 -8.16
C GLU A 66 4.66 4.71 -7.26
N LYS A 67 4.59 6.03 -7.20
CA LYS A 67 5.50 6.81 -6.38
C LYS A 67 5.29 6.51 -4.89
N VAL A 68 4.07 6.70 -4.43
CA VAL A 68 3.73 6.45 -3.03
C VAL A 68 4.10 5.03 -2.62
N ARG A 69 3.77 4.08 -3.49
CA ARG A 69 4.05 2.67 -3.23
C ARG A 69 5.55 2.45 -3.05
N GLN A 70 6.33 2.88 -4.03
CA GLN A 70 7.79 2.72 -3.98
C GLN A 70 8.35 3.40 -2.73
N LYS A 71 7.84 4.57 -2.41
CA LYS A 71 8.29 5.33 -1.24
C LYS A 71 8.13 4.50 0.03
N VAL A 72 6.97 3.87 0.17
CA VAL A 72 6.69 3.05 1.35
C VAL A 72 7.29 1.66 1.20
N LEU A 73 7.67 1.31 -0.03
CA LEU A 73 8.27 0.01 -0.30
C LEU A 73 9.76 0.01 0.01
N ARG A 74 10.38 1.17 -0.11
CA ARG A 74 11.81 1.31 0.16
C ARG A 74 12.18 0.59 1.45
N LEU A 75 11.65 1.07 2.57
CA LEU A 75 11.93 0.47 3.87
C LEU A 75 11.73 -1.04 3.83
N GLU A 76 10.67 -1.48 3.18
CA GLU A 76 10.36 -2.90 3.07
C GLU A 76 10.80 -3.44 1.70
N LYS A 1 2.43 -28.43 2.99
CA LYS A 1 2.18 -29.71 3.64
C LYS A 1 2.10 -29.55 5.15
N GLU A 2 1.49 -28.47 5.60
CA GLU A 2 1.35 -28.21 7.03
C GLU A 2 0.49 -26.97 7.28
N THR A 3 0.31 -26.63 8.55
CA THR A 3 -0.49 -25.47 8.93
C THR A 3 -0.05 -24.22 8.17
N VAL A 4 -1.01 -23.42 7.73
CA VAL A 4 -0.70 -22.19 6.99
C VAL A 4 0.04 -21.19 7.87
N PRO A 5 0.81 -20.31 7.23
CA PRO A 5 1.58 -19.28 7.93
C PRO A 5 0.69 -18.21 8.56
N TYR A 6 1.32 -17.14 9.04
CA TYR A 6 0.58 -16.04 9.67
C TYR A 6 0.50 -14.84 8.74
N GLN A 7 1.49 -14.72 7.86
CA GLN A 7 1.53 -13.61 6.91
C GLN A 7 0.49 -13.78 5.82
N ILE A 8 0.00 -15.01 5.66
CA ILE A 8 -1.00 -15.30 4.65
C ILE A 8 -2.40 -15.36 5.26
N PRO A 9 -3.35 -14.67 4.60
CA PRO A 9 -3.08 -13.91 3.38
C PRO A 9 -2.23 -12.66 3.64
N TYR A 10 -2.64 -11.88 4.64
CA TYR A 10 -1.92 -10.66 4.99
C TYR A 10 -1.82 -10.49 6.50
N THR A 11 -0.75 -9.87 6.96
CA THR A 11 -0.55 -9.65 8.38
C THR A 11 -0.80 -8.19 8.76
N PRO A 12 -1.10 -7.95 10.04
CA PRO A 12 -1.38 -6.60 10.56
C PRO A 12 -0.13 -5.73 10.59
N SER A 13 1.00 -6.35 10.91
CA SER A 13 2.27 -5.62 10.97
C SER A 13 2.60 -4.98 9.63
N GLU A 14 2.30 -5.69 8.55
CA GLU A 14 2.57 -5.19 7.21
C GLU A 14 1.68 -4.01 6.89
N LEU A 15 0.37 -4.16 7.12
CA LEU A 15 -0.59 -3.09 6.86
C LEU A 15 -0.28 -1.87 7.71
N GLU A 16 -0.14 -2.07 9.02
CA GLU A 16 0.15 -0.99 9.94
C GLU A 16 1.45 -0.28 9.56
N GLU A 17 2.45 -1.07 9.18
CA GLU A 17 3.75 -0.53 8.80
C GLU A 17 3.65 0.27 7.50
N LEU A 18 2.79 -0.20 6.60
CA LEU A 18 2.59 0.47 5.31
C LEU A 18 1.97 1.85 5.51
N GLN A 19 0.85 1.89 6.22
CA GLN A 19 0.15 3.15 6.48
C GLN A 19 1.06 4.13 7.22
N GLN A 20 1.73 3.63 8.26
CA GLN A 20 2.63 4.46 9.06
C GLN A 20 3.72 5.07 8.19
N ASN A 21 4.30 4.25 7.33
CA ASN A 21 5.36 4.72 6.44
C ASN A 21 4.83 5.74 5.44
N ILE A 22 3.57 5.59 5.08
CA ILE A 22 2.93 6.51 4.13
C ILE A 22 2.82 7.92 4.71
N LYS A 23 2.18 8.01 5.87
CA LYS A 23 1.99 9.29 6.54
C LYS A 23 3.32 9.82 7.07
N LEU A 24 4.28 8.92 7.27
CA LEU A 24 5.59 9.30 7.77
C LEU A 24 6.49 9.76 6.64
N GLU A 25 6.23 9.25 5.44
CA GLU A 25 7.02 9.61 4.26
C GLU A 25 6.23 10.53 3.33
N LEU A 26 5.28 9.94 2.61
CA LEU A 26 4.45 10.71 1.69
C LEU A 26 3.83 11.92 2.38
N GLU A 27 3.19 12.78 1.60
CA GLU A 27 2.55 13.97 2.14
C GLU A 27 1.70 14.66 1.08
N GLY A 28 0.93 15.66 1.51
CA GLY A 28 0.08 16.38 0.58
C GLY A 28 -0.88 15.48 -0.17
N LYS A 29 -0.83 15.53 -1.50
CA LYS A 29 -1.69 14.71 -2.32
C LYS A 29 -1.01 13.40 -2.72
N GLU A 30 -0.44 12.71 -1.73
CA GLU A 30 0.26 11.46 -1.97
C GLU A 30 -0.02 10.46 -0.86
N GLN A 31 0.15 10.90 0.38
CA GLN A 31 -0.08 10.06 1.54
C GLN A 31 -1.57 9.81 1.75
N GLU A 32 -2.38 10.80 1.39
CA GLU A 32 -3.83 10.69 1.53
C GLU A 32 -4.38 9.54 0.68
N LEU A 33 -3.91 9.45 -0.55
CA LEU A 33 -4.36 8.40 -1.46
C LEU A 33 -3.95 7.03 -0.95
N ALA A 34 -2.66 6.87 -0.65
CA ALA A 34 -2.13 5.62 -0.15
C ALA A 34 -2.87 5.17 1.10
N LEU A 35 -2.93 6.05 2.10
CA LEU A 35 -3.61 5.75 3.36
C LEU A 35 -5.10 5.52 3.12
N GLU A 36 -5.67 6.25 2.17
CA GLU A 36 -7.08 6.12 1.86
C GLU A 36 -7.42 4.68 1.47
N LEU A 37 -6.82 4.20 0.40
CA LEU A 37 -7.06 2.84 -0.08
C LEU A 37 -6.67 1.82 0.98
N LEU A 38 -5.56 2.09 1.67
CA LEU A 38 -5.07 1.19 2.71
C LEU A 38 -6.11 1.01 3.81
N ASN A 39 -6.57 2.13 4.38
CA ASN A 39 -7.57 2.09 5.44
C ASN A 39 -8.93 1.63 4.89
N TYR A 40 -9.17 1.92 3.61
CA TYR A 40 -10.42 1.54 2.97
C TYR A 40 -10.55 0.02 2.88
N LEU A 41 -9.44 -0.64 2.56
CA LEU A 41 -9.43 -2.10 2.44
C LEU A 41 -8.07 -2.66 2.84
N ASN A 42 -8.04 -3.39 3.96
CA ASN A 42 -6.80 -3.98 4.46
C ASN A 42 -6.26 -5.00 3.45
N GLU A 43 -7.12 -5.48 2.57
CA GLU A 43 -6.73 -6.45 1.56
C GLU A 43 -6.09 -5.76 0.35
N LYS A 44 -6.25 -4.44 0.28
CA LYS A 44 -5.69 -3.66 -0.82
C LYS A 44 -4.58 -2.73 -0.32
N GLY A 45 -3.34 -3.15 -0.48
CA GLY A 45 -2.21 -2.35 -0.05
C GLY A 45 -0.90 -3.11 -0.08
N PHE A 46 -0.58 -3.78 1.02
CA PHE A 46 0.66 -4.55 1.10
C PHE A 46 0.82 -5.45 -0.12
N LEU A 47 -0.07 -6.43 -0.25
CA LEU A 47 -0.01 -7.36 -1.38
C LEU A 47 -1.04 -6.99 -2.43
N SER A 48 -1.43 -5.72 -2.47
CA SER A 48 -2.42 -5.24 -3.43
C SER A 48 -2.05 -5.67 -4.84
N LYS A 49 -2.98 -5.50 -5.77
CA LYS A 49 -2.76 -5.87 -7.16
C LYS A 49 -1.79 -4.89 -7.84
N SER A 50 -1.79 -4.90 -9.17
CA SER A 50 -0.91 -4.01 -9.93
C SER A 50 -1.28 -2.55 -9.70
N VAL A 51 -0.31 -1.66 -9.91
CA VAL A 51 -0.53 -0.23 -9.73
C VAL A 51 -1.77 0.23 -10.47
N GLU A 52 -2.00 -0.35 -11.65
CA GLU A 52 -3.17 0.01 -12.46
C GLU A 52 -4.46 -0.25 -11.70
N GLU A 53 -4.47 -1.33 -10.92
CA GLU A 53 -5.65 -1.69 -10.14
C GLU A 53 -5.96 -0.63 -9.09
N ILE A 54 -5.02 -0.40 -8.17
CA ILE A 54 -5.19 0.59 -7.13
C ILE A 54 -5.55 1.95 -7.71
N SER A 55 -4.87 2.32 -8.79
CA SER A 55 -5.11 3.60 -9.45
C SER A 55 -6.54 3.67 -9.98
N ASP A 56 -6.99 2.59 -10.59
CA ASP A 56 -8.34 2.52 -11.15
C ASP A 56 -9.39 2.57 -10.05
N VAL A 57 -9.06 1.99 -8.90
CA VAL A 57 -9.97 1.96 -7.76
C VAL A 57 -10.02 3.32 -7.07
N LEU A 58 -8.89 4.01 -7.04
CA LEU A 58 -8.80 5.33 -6.41
C LEU A 58 -9.11 6.43 -7.42
N ARG A 59 -9.31 6.05 -8.67
CA ARG A 59 -9.61 7.01 -9.73
C ARG A 59 -8.48 8.02 -9.89
N CYS A 60 -7.31 7.66 -9.38
CA CYS A 60 -6.14 8.54 -9.46
C CYS A 60 -5.13 7.99 -10.46
N SER A 61 -4.17 8.83 -10.86
CA SER A 61 -3.15 8.43 -11.81
C SER A 61 -2.25 7.36 -11.22
N VAL A 62 -1.82 6.42 -12.07
CA VAL A 62 -0.95 5.34 -11.63
C VAL A 62 0.41 5.87 -11.19
N GLU A 63 0.89 6.89 -11.89
CA GLU A 63 2.18 7.49 -11.56
C GLU A 63 2.27 7.83 -10.08
N GLU A 64 1.23 8.48 -9.56
CA GLU A 64 1.20 8.86 -8.16
C GLU A 64 1.19 7.62 -7.26
N LEU A 65 0.35 6.65 -7.61
CA LEU A 65 0.23 5.42 -6.83
C LEU A 65 1.56 4.66 -6.83
N GLU A 66 2.33 4.81 -7.90
CA GLU A 66 3.62 4.14 -8.02
C GLU A 66 4.66 4.82 -7.15
N LYS A 67 4.69 6.14 -7.20
CA LYS A 67 5.64 6.92 -6.41
C LYS A 67 5.42 6.71 -4.91
N VAL A 68 4.15 6.64 -4.52
CA VAL A 68 3.80 6.43 -3.12
C VAL A 68 4.10 5.00 -2.68
N ARG A 69 3.81 4.05 -3.56
CA ARG A 69 4.05 2.64 -3.26
C ARG A 69 5.54 2.35 -3.12
N GLN A 70 6.33 2.90 -4.05
CA GLN A 70 7.77 2.70 -4.03
C GLN A 70 8.41 3.44 -2.86
N LYS A 71 7.85 4.59 -2.51
CA LYS A 71 8.35 5.39 -1.41
C LYS A 71 8.15 4.68 -0.07
N VAL A 72 7.00 4.00 0.06
CA VAL A 72 6.69 3.28 1.28
C VAL A 72 7.26 1.86 1.24
N LEU A 73 7.53 1.38 0.04
CA LEU A 73 8.08 0.04 -0.14
C LEU A 73 9.60 0.03 0.04
N ARG A 74 10.22 1.17 -0.28
CA ARG A 74 11.67 1.30 -0.15
C ARG A 74 12.14 0.87 1.24
N LEU A 75 11.27 1.07 2.23
CA LEU A 75 11.60 0.71 3.61
C LEU A 75 12.03 -0.75 3.70
N GLU A 76 11.31 -1.63 3.01
CA GLU A 76 11.63 -3.06 3.02
C GLU A 76 11.92 -3.55 1.60
N LYS A 1 2.10 -28.89 1.00
CA LYS A 1 2.46 -27.96 2.06
C LYS A 1 1.65 -28.23 3.33
N GLU A 2 2.31 -28.81 4.33
CA GLU A 2 1.65 -29.12 5.60
C GLU A 2 1.43 -27.85 6.42
N THR A 3 2.51 -27.31 6.97
CA THR A 3 2.43 -26.11 7.78
C THR A 3 2.34 -24.86 6.91
N VAL A 4 1.61 -23.85 7.39
CA VAL A 4 1.44 -22.61 6.65
C VAL A 4 2.10 -21.44 7.39
N PRO A 5 2.47 -20.39 6.62
CA PRO A 5 3.11 -19.20 7.18
C PRO A 5 2.16 -18.38 8.04
N TYR A 6 2.58 -17.17 8.38
CA TYR A 6 1.77 -16.28 9.21
C TYR A 6 1.36 -15.03 8.42
N GLN A 7 2.12 -14.72 7.38
CA GLN A 7 1.83 -13.56 6.55
C GLN A 7 0.71 -13.85 5.56
N ILE A 8 0.40 -15.14 5.39
CA ILE A 8 -0.66 -15.55 4.47
C ILE A 8 -1.98 -15.73 5.21
N PRO A 9 -3.06 -15.17 4.65
CA PRO A 9 -2.99 -14.40 3.39
C PRO A 9 -2.25 -13.09 3.56
N TYR A 10 -2.65 -12.32 4.58
CA TYR A 10 -2.03 -11.02 4.84
C TYR A 10 -1.81 -10.83 6.34
N THR A 11 -0.73 -10.12 6.68
CA THR A 11 -0.40 -9.86 8.08
C THR A 11 -0.71 -8.42 8.45
N PRO A 12 -1.07 -8.20 9.73
CA PRO A 12 -1.39 -6.87 10.24
C PRO A 12 -0.17 -5.97 10.33
N SER A 13 0.94 -6.53 10.78
CA SER A 13 2.18 -5.77 10.91
C SER A 13 2.54 -5.07 9.61
N GLU A 14 2.32 -5.77 8.49
CA GLU A 14 2.62 -5.21 7.17
C GLU A 14 1.68 -4.05 6.85
N LEU A 15 0.38 -4.28 7.02
CA LEU A 15 -0.61 -3.26 6.74
C LEU A 15 -0.37 -2.02 7.59
N GLU A 16 -0.24 -2.21 8.90
CA GLU A 16 0.01 -1.10 9.81
C GLU A 16 1.30 -0.37 9.46
N GLU A 17 2.34 -1.14 9.13
CA GLU A 17 3.63 -0.56 8.78
C GLU A 17 3.53 0.20 7.46
N LEU A 18 2.68 -0.28 6.56
CA LEU A 18 2.50 0.35 5.27
C LEU A 18 1.86 1.72 5.41
N GLN A 19 0.72 1.77 6.10
CA GLN A 19 0.01 3.02 6.32
C GLN A 19 0.88 4.02 7.06
N GLN A 20 1.49 3.57 8.16
CA GLN A 20 2.35 4.43 8.95
C GLN A 20 3.48 5.02 8.11
N ASN A 21 4.10 4.17 7.29
CA ASN A 21 5.19 4.61 6.43
C ASN A 21 4.71 5.64 5.42
N ILE A 22 3.45 5.50 5.00
CA ILE A 22 2.88 6.43 4.02
C ILE A 22 2.77 7.83 4.60
N LYS A 23 2.08 7.96 5.73
CA LYS A 23 1.91 9.25 6.38
C LYS A 23 3.23 9.75 6.95
N LEU A 24 4.16 8.82 7.17
CA LEU A 24 5.47 9.18 7.70
C LEU A 24 6.42 9.64 6.59
N GLU A 25 6.17 9.15 5.38
CA GLU A 25 7.00 9.51 4.23
C GLU A 25 6.25 10.45 3.30
N LEU A 26 5.29 9.90 2.56
CA LEU A 26 4.49 10.69 1.63
C LEU A 26 3.94 11.94 2.31
N GLU A 27 3.40 12.86 1.51
CA GLU A 27 2.82 14.09 2.03
C GLU A 27 1.94 14.77 1.00
N GLY A 28 1.29 15.85 1.40
CA GLY A 28 0.42 16.58 0.48
C GLY A 28 -0.65 15.69 -0.12
N LYS A 29 -0.71 15.66 -1.45
CA LYS A 29 -1.69 14.85 -2.15
C LYS A 29 -1.09 13.52 -2.59
N GLU A 30 -0.42 12.84 -1.66
CA GLU A 30 0.20 11.56 -1.96
C GLU A 30 -0.07 10.55 -0.84
N GLN A 31 0.12 10.99 0.40
CA GLN A 31 -0.11 10.12 1.56
C GLN A 31 -1.60 9.90 1.78
N GLU A 32 -2.40 10.89 1.44
CA GLU A 32 -3.85 10.80 1.61
C GLU A 32 -4.42 9.68 0.76
N LEU A 33 -3.99 9.61 -0.50
CA LEU A 33 -4.46 8.58 -1.41
C LEU A 33 -4.06 7.18 -0.91
N ALA A 34 -2.78 7.01 -0.63
CA ALA A 34 -2.26 5.73 -0.14
C ALA A 34 -3.00 5.29 1.12
N LEU A 35 -3.00 6.16 2.12
CA LEU A 35 -3.67 5.86 3.39
C LEU A 35 -5.16 5.65 3.18
N GLU A 36 -5.72 6.38 2.23
CA GLU A 36 -7.15 6.27 1.93
C GLU A 36 -7.52 4.85 1.53
N LEU A 37 -6.89 4.35 0.47
CA LEU A 37 -7.15 2.99 0.00
C LEU A 37 -6.83 1.96 1.08
N LEU A 38 -5.68 2.12 1.72
CA LEU A 38 -5.26 1.21 2.79
C LEU A 38 -6.30 1.15 3.90
N ASN A 39 -6.66 2.32 4.43
CA ASN A 39 -7.64 2.41 5.50
C ASN A 39 -9.02 1.95 5.01
N TYR A 40 -9.27 2.15 3.72
CA TYR A 40 -10.55 1.76 3.13
C TYR A 40 -10.73 0.25 3.16
N LEU A 41 -9.65 -0.47 2.88
CA LEU A 41 -9.68 -1.93 2.87
C LEU A 41 -8.36 -2.51 3.38
N ASN A 42 -8.46 -3.42 4.34
CA ASN A 42 -7.28 -4.06 4.92
C ASN A 42 -6.34 -4.56 3.83
N GLU A 43 -6.92 -5.18 2.81
CA GLU A 43 -6.15 -5.71 1.70
C GLU A 43 -5.92 -4.65 0.62
N LYS A 44 -5.46 -5.09 -0.54
CA LYS A 44 -5.21 -4.17 -1.66
C LYS A 44 -4.20 -3.09 -1.25
N GLY A 45 -3.24 -3.46 -0.41
CA GLY A 45 -2.24 -2.51 0.03
C GLY A 45 -0.84 -3.09 0.01
N PHE A 46 -0.46 -3.74 1.10
CA PHE A 46 0.86 -4.34 1.22
C PHE A 46 1.17 -5.19 -0.01
N LEU A 47 0.31 -6.15 -0.30
CA LEU A 47 0.49 -7.03 -1.45
C LEU A 47 -0.58 -6.78 -2.51
N SER A 48 -1.03 -5.54 -2.60
CA SER A 48 -2.05 -5.16 -3.57
C SER A 48 -1.67 -5.62 -4.97
N LYS A 49 -2.61 -5.51 -5.90
CA LYS A 49 -2.38 -5.93 -7.27
C LYS A 49 -1.48 -4.92 -8.00
N SER A 50 -1.57 -4.90 -9.32
CA SER A 50 -0.77 -3.99 -10.13
C SER A 50 -1.13 -2.53 -9.84
N VAL A 51 -0.18 -1.64 -10.06
CA VAL A 51 -0.40 -0.21 -9.82
C VAL A 51 -1.68 0.27 -10.49
N GLU A 52 -1.97 -0.29 -11.67
CA GLU A 52 -3.17 0.09 -12.42
C GLU A 52 -4.43 -0.21 -11.62
N GLU A 53 -4.45 -1.38 -10.98
CA GLU A 53 -5.61 -1.79 -10.18
C GLU A 53 -5.92 -0.74 -9.12
N ILE A 54 -4.97 -0.49 -8.23
CA ILE A 54 -5.16 0.49 -7.18
C ILE A 54 -5.57 1.85 -7.74
N SER A 55 -4.81 2.34 -8.71
CA SER A 55 -5.08 3.62 -9.34
C SER A 55 -6.52 3.66 -9.86
N ASP A 56 -6.93 2.60 -10.53
CA ASP A 56 -8.28 2.50 -11.09
C ASP A 56 -9.32 2.49 -9.98
N VAL A 57 -8.96 1.91 -8.85
CA VAL A 57 -9.86 1.83 -7.70
C VAL A 57 -9.97 3.17 -6.99
N LEU A 58 -8.88 3.92 -6.98
CA LEU A 58 -8.85 5.22 -6.33
C LEU A 58 -9.17 6.33 -7.33
N ARG A 59 -9.38 5.94 -8.58
CA ARG A 59 -9.70 6.90 -9.63
C ARG A 59 -8.59 7.94 -9.77
N CYS A 60 -7.40 7.60 -9.27
CA CYS A 60 -6.26 8.51 -9.34
C CYS A 60 -5.23 8.01 -10.35
N SER A 61 -4.30 8.89 -10.71
CA SER A 61 -3.26 8.53 -11.68
C SER A 61 -2.40 7.38 -11.16
N VAL A 62 -2.01 6.49 -12.06
CA VAL A 62 -1.18 5.34 -11.70
C VAL A 62 0.20 5.79 -11.21
N GLU A 63 0.78 6.76 -11.91
CA GLU A 63 2.10 7.28 -11.56
C GLU A 63 2.17 7.60 -10.07
N GLU A 64 1.18 8.34 -9.59
CA GLU A 64 1.14 8.73 -8.18
C GLU A 64 1.17 7.49 -7.28
N LEU A 65 0.37 6.48 -7.63
CA LEU A 65 0.31 5.26 -6.86
C LEU A 65 1.66 4.54 -6.84
N GLU A 66 2.37 4.60 -7.97
CA GLU A 66 3.68 3.98 -8.09
C GLU A 66 4.69 4.67 -7.17
N LYS A 67 4.63 6.00 -7.12
CA LYS A 67 5.54 6.78 -6.30
C LYS A 67 5.32 6.48 -4.82
N VAL A 68 4.08 6.60 -4.37
CA VAL A 68 3.74 6.35 -2.97
C VAL A 68 4.08 4.92 -2.58
N ARG A 69 3.79 3.97 -3.47
CA ARG A 69 4.07 2.57 -3.22
C ARG A 69 5.58 2.32 -3.09
N GLN A 70 6.33 2.86 -4.05
CA GLN A 70 7.78 2.71 -4.05
C GLN A 70 8.41 3.43 -2.87
N LYS A 71 7.79 4.54 -2.46
CA LYS A 71 8.29 5.33 -1.35
C LYS A 71 8.10 4.59 -0.03
N VAL A 72 6.97 3.91 0.11
CA VAL A 72 6.67 3.16 1.31
C VAL A 72 7.25 1.75 1.25
N LEU A 73 7.58 1.31 0.03
CA LEU A 73 8.14 -0.02 -0.17
C LEU A 73 9.67 0.00 -0.03
N ARG A 74 10.26 1.14 -0.36
CA ARG A 74 11.71 1.29 -0.26
C ARG A 74 12.21 0.90 1.12
N LEU A 75 11.37 1.09 2.13
CA LEU A 75 11.73 0.75 3.50
C LEU A 75 12.09 -0.72 3.62
N GLU A 76 11.26 -1.58 3.06
CA GLU A 76 11.50 -3.02 3.10
C GLU A 76 11.71 -3.58 1.70
N LYS A 1 11.06 -20.57 -3.86
CA LYS A 1 10.04 -21.01 -4.81
C LYS A 1 8.74 -21.34 -4.08
N GLU A 2 8.33 -20.47 -3.17
CA GLU A 2 7.10 -20.67 -2.42
C GLU A 2 5.92 -20.95 -3.35
N THR A 3 4.84 -21.47 -2.79
CA THR A 3 3.65 -21.78 -3.57
C THR A 3 2.58 -20.71 -3.40
N VAL A 4 2.71 -19.92 -2.34
CA VAL A 4 1.75 -18.86 -2.06
C VAL A 4 2.43 -17.49 -2.13
N PRO A 5 1.61 -16.45 -2.40
CA PRO A 5 2.11 -15.07 -2.49
C PRO A 5 2.55 -14.52 -1.14
N TYR A 6 2.83 -13.21 -1.10
CA TYR A 6 3.26 -12.57 0.13
C TYR A 6 2.09 -11.86 0.81
N GLN A 7 1.07 -11.54 0.03
CA GLN A 7 -0.11 -10.86 0.55
C GLN A 7 -1.10 -11.86 1.16
N ILE A 8 -1.01 -13.10 0.72
CA ILE A 8 -1.89 -14.15 1.22
C ILE A 8 -1.08 -15.29 1.84
N PRO A 9 -1.28 -15.51 3.14
CA PRO A 9 -2.19 -14.71 3.95
C PRO A 9 -1.69 -13.29 4.16
N TYR A 10 -2.53 -12.45 4.79
CA TYR A 10 -2.16 -11.07 5.05
C TYR A 10 -2.03 -10.82 6.54
N THR A 11 -0.95 -10.14 6.92
CA THR A 11 -0.70 -9.83 8.33
C THR A 11 -0.96 -8.37 8.62
N PRO A 12 -1.31 -8.07 9.88
CA PRO A 12 -1.60 -6.70 10.33
C PRO A 12 -0.35 -5.83 10.35
N SER A 13 0.77 -6.41 10.76
CA SER A 13 2.03 -5.68 10.83
C SER A 13 2.35 -5.01 9.50
N GLU A 14 2.13 -5.74 8.41
CA GLU A 14 2.40 -5.21 7.08
C GLU A 14 1.51 -4.02 6.77
N LEU A 15 0.21 -4.19 6.98
CA LEU A 15 -0.76 -3.12 6.73
C LEU A 15 -0.46 -1.90 7.59
N GLU A 16 -0.31 -2.13 8.89
CA GLU A 16 -0.02 -1.05 9.82
C GLU A 16 1.30 -0.36 9.47
N GLU A 17 2.29 -1.16 9.10
CA GLU A 17 3.60 -0.64 8.74
C GLU A 17 3.53 0.16 7.44
N LEU A 18 2.70 -0.30 6.52
CA LEU A 18 2.53 0.37 5.23
C LEU A 18 1.91 1.75 5.41
N GLN A 19 0.78 1.81 6.10
CA GLN A 19 0.09 3.07 6.35
C GLN A 19 0.98 4.03 7.12
N GLN A 20 1.66 3.51 8.14
CA GLN A 20 2.54 4.33 8.96
C GLN A 20 3.65 4.95 8.11
N ASN A 21 4.25 4.14 7.23
CA ASN A 21 5.32 4.61 6.37
C ASN A 21 4.80 5.65 5.37
N ILE A 22 3.54 5.50 4.98
CA ILE A 22 2.93 6.42 4.03
C ILE A 22 2.80 7.81 4.62
N LYS A 23 2.14 7.90 5.77
CA LYS A 23 1.96 9.18 6.45
C LYS A 23 3.28 9.71 6.99
N LEU A 24 4.22 8.81 7.22
CA LEU A 24 5.53 9.19 7.73
C LEU A 24 6.44 9.67 6.60
N GLU A 25 6.20 9.16 5.40
CA GLU A 25 7.00 9.54 4.24
C GLU A 25 6.22 10.48 3.33
N LEU A 26 5.27 9.92 2.57
CA LEU A 26 4.46 10.71 1.66
C LEU A 26 3.83 11.90 2.37
N GLU A 27 3.21 12.78 1.60
CA GLU A 27 2.56 13.97 2.17
C GLU A 27 1.77 14.72 1.10
N GLY A 28 1.02 15.72 1.52
CA GLY A 28 0.23 16.50 0.60
C GLY A 28 -0.79 15.66 -0.15
N LYS A 29 -0.67 15.64 -1.48
CA LYS A 29 -1.58 14.87 -2.31
C LYS A 29 -0.96 13.54 -2.72
N GLU A 30 -0.42 12.82 -1.75
CA GLU A 30 0.21 11.54 -2.00
C GLU A 30 -0.12 10.53 -0.91
N GLN A 31 0.19 10.90 0.33
CA GLN A 31 -0.07 10.03 1.48
C GLN A 31 -1.57 9.80 1.65
N GLU A 32 -2.36 10.80 1.28
CA GLU A 32 -3.81 10.71 1.39
C GLU A 32 -4.36 9.56 0.54
N LEU A 33 -3.87 9.46 -0.69
CA LEU A 33 -4.31 8.42 -1.61
C LEU A 33 -3.91 7.03 -1.08
N ALA A 34 -2.63 6.86 -0.78
CA ALA A 34 -2.13 5.60 -0.26
C ALA A 34 -2.90 5.16 0.98
N LEU A 35 -2.96 6.05 1.97
CA LEU A 35 -3.67 5.75 3.22
C LEU A 35 -5.16 5.54 2.95
N GLU A 36 -5.69 6.27 1.98
CA GLU A 36 -7.11 6.16 1.64
C GLU A 36 -7.47 4.72 1.29
N LEU A 37 -6.81 4.18 0.28
CA LEU A 37 -7.06 2.81 -0.16
C LEU A 37 -6.74 1.81 0.97
N LEU A 38 -5.60 2.03 1.63
CA LEU A 38 -5.19 1.16 2.72
C LEU A 38 -6.28 1.05 3.79
N ASN A 39 -6.75 2.20 4.25
CA ASN A 39 -7.79 2.24 5.27
C ASN A 39 -9.13 1.80 4.69
N TYR A 40 -9.32 2.03 3.39
CA TYR A 40 -10.56 1.66 2.72
C TYR A 40 -10.73 0.15 2.70
N LEU A 41 -9.61 -0.57 2.56
CA LEU A 41 -9.64 -2.02 2.51
C LEU A 41 -8.31 -2.60 3.00
N ASN A 42 -8.35 -3.32 4.12
CA ASN A 42 -7.16 -3.92 4.68
C ASN A 42 -6.41 -4.75 3.63
N GLU A 43 -7.17 -5.38 2.74
CA GLU A 43 -6.58 -6.19 1.68
C GLU A 43 -5.81 -5.33 0.70
N LYS A 44 -6.50 -4.40 0.05
CA LYS A 44 -5.88 -3.51 -0.91
C LYS A 44 -4.75 -2.70 -0.26
N GLY A 45 -3.52 -3.16 -0.44
CA GLY A 45 -2.38 -2.46 0.13
C GLY A 45 -1.14 -3.33 0.16
N PHE A 46 -0.90 -3.99 1.29
CA PHE A 46 0.27 -4.84 1.45
C PHE A 46 0.38 -5.83 0.28
N LEU A 47 1.32 -5.56 -0.61
CA LEU A 47 1.54 -6.42 -1.77
C LEU A 47 0.28 -6.50 -2.64
N SER A 48 -0.50 -5.42 -2.64
CA SER A 48 -1.73 -5.36 -3.42
C SER A 48 -1.45 -5.68 -4.88
N LYS A 49 -2.51 -5.65 -5.69
CA LYS A 49 -2.39 -5.94 -7.11
C LYS A 49 -1.48 -4.93 -7.81
N SER A 50 -1.55 -4.88 -9.13
CA SER A 50 -0.73 -3.95 -9.90
C SER A 50 -1.14 -2.50 -9.64
N VAL A 51 -0.22 -1.58 -9.89
CA VAL A 51 -0.48 -0.16 -9.68
C VAL A 51 -1.79 0.27 -10.35
N GLU A 52 -2.07 -0.33 -11.51
CA GLU A 52 -3.28 -0.01 -12.25
C GLU A 52 -4.52 -0.27 -11.40
N GLU A 53 -4.55 -1.42 -10.75
CA GLU A 53 -5.68 -1.79 -9.91
C GLU A 53 -5.96 -0.70 -8.87
N ILE A 54 -5.00 -0.47 -7.98
CA ILE A 54 -5.15 0.54 -6.95
C ILE A 54 -5.51 1.90 -7.55
N SER A 55 -4.88 2.23 -8.68
CA SER A 55 -5.13 3.50 -9.34
C SER A 55 -6.59 3.60 -9.79
N ASP A 56 -7.12 2.51 -10.35
CA ASP A 56 -8.50 2.47 -10.81
C ASP A 56 -9.46 2.59 -9.63
N VAL A 57 -9.10 1.97 -8.51
CA VAL A 57 -9.94 2.02 -7.33
C VAL A 57 -9.88 3.39 -6.65
N LEU A 58 -8.73 4.03 -6.74
CA LEU A 58 -8.53 5.35 -6.15
C LEU A 58 -8.94 6.45 -7.13
N ARG A 59 -9.21 6.07 -8.37
CA ARG A 59 -9.61 7.02 -9.40
C ARG A 59 -8.51 8.06 -9.64
N CYS A 60 -7.30 7.73 -9.20
CA CYS A 60 -6.16 8.62 -9.36
C CYS A 60 -5.16 8.07 -10.37
N SER A 61 -4.26 8.91 -10.84
CA SER A 61 -3.26 8.50 -11.81
C SER A 61 -2.35 7.42 -11.24
N VAL A 62 -1.95 6.48 -12.09
CA VAL A 62 -1.08 5.38 -11.67
C VAL A 62 0.27 5.90 -11.21
N GLU A 63 0.79 6.91 -11.92
CA GLU A 63 2.08 7.50 -11.58
C GLU A 63 2.14 7.84 -10.10
N GLU A 64 1.06 8.38 -9.57
CA GLU A 64 1.00 8.75 -8.16
C GLU A 64 1.05 7.52 -7.26
N LEU A 65 0.21 6.54 -7.59
CA LEU A 65 0.15 5.30 -6.82
C LEU A 65 1.49 4.59 -6.82
N GLU A 66 2.16 4.61 -7.97
CA GLU A 66 3.47 3.96 -8.11
C GLU A 66 4.52 4.69 -7.28
N LYS A 67 4.52 6.00 -7.36
CA LYS A 67 5.48 6.82 -6.62
C LYS A 67 5.36 6.56 -5.12
N VAL A 68 4.15 6.76 -4.59
CA VAL A 68 3.91 6.54 -3.17
C VAL A 68 4.25 5.11 -2.76
N ARG A 69 3.86 4.16 -3.59
CA ARG A 69 4.13 2.75 -3.31
C ARG A 69 5.62 2.51 -3.11
N GLN A 70 6.42 2.95 -4.08
CA GLN A 70 7.87 2.77 -4.01
C GLN A 70 8.43 3.46 -2.77
N LYS A 71 7.94 4.66 -2.48
CA LYS A 71 8.40 5.41 -1.33
C LYS A 71 8.26 4.60 -0.05
N VAL A 72 7.10 3.97 0.11
CA VAL A 72 6.84 3.14 1.29
C VAL A 72 7.40 1.74 1.12
N LEU A 73 7.75 1.39 -0.11
CA LEU A 73 8.30 0.08 -0.41
C LEU A 73 9.78 0.02 -0.07
N ARG A 74 10.45 1.16 -0.14
CA ARG A 74 11.88 1.24 0.15
C ARG A 74 12.21 0.43 1.41
N LEU A 75 11.68 0.86 2.55
CA LEU A 75 11.92 0.18 3.81
C LEU A 75 11.68 -1.32 3.68
N GLU A 76 10.60 -1.68 3.00
CA GLU A 76 10.24 -3.08 2.79
C GLU A 76 10.69 -3.56 1.42
N LYS A 1 3.57 -28.84 2.11
CA LYS A 1 3.53 -30.00 3.01
C LYS A 1 3.35 -29.54 4.46
N GLU A 2 2.13 -29.09 4.79
CA GLU A 2 1.84 -28.63 6.14
C GLU A 2 2.86 -27.60 6.60
N THR A 3 3.24 -26.70 5.70
CA THR A 3 4.19 -25.66 6.01
C THR A 3 3.90 -24.37 5.25
N VAL A 4 3.17 -23.46 5.89
CA VAL A 4 2.81 -22.19 5.27
C VAL A 4 3.48 -21.03 5.98
N PRO A 5 3.65 -19.91 5.25
CA PRO A 5 4.28 -18.70 5.79
C PRO A 5 3.41 -18.01 6.84
N TYR A 6 3.80 -16.81 7.22
CA TYR A 6 3.06 -16.04 8.22
C TYR A 6 2.49 -14.75 7.60
N GLN A 7 3.04 -14.37 6.46
CA GLN A 7 2.60 -13.16 5.77
C GLN A 7 1.55 -13.48 4.71
N ILE A 8 0.88 -14.62 4.88
CA ILE A 8 -0.14 -15.05 3.94
C ILE A 8 -1.44 -15.41 4.65
N PRO A 9 -2.56 -14.90 4.14
CA PRO A 9 -2.56 -14.03 2.97
C PRO A 9 -1.95 -12.66 3.24
N TYR A 10 -2.39 -12.04 4.32
CA TYR A 10 -1.89 -10.73 4.70
C TYR A 10 -1.64 -10.65 6.20
N THR A 11 -0.59 -9.94 6.59
CA THR A 11 -0.25 -9.78 8.01
C THR A 11 -0.60 -8.39 8.51
N PRO A 12 -0.91 -8.29 9.81
CA PRO A 12 -1.28 -7.03 10.44
C PRO A 12 -0.10 -6.07 10.54
N SER A 13 1.06 -6.61 10.93
CA SER A 13 2.27 -5.80 11.08
C SER A 13 2.60 -5.08 9.77
N GLU A 14 2.33 -5.74 8.65
CA GLU A 14 2.60 -5.16 7.34
C GLU A 14 1.67 -3.99 7.06
N LEU A 15 0.38 -4.20 7.30
CA LEU A 15 -0.63 -3.16 7.07
C LEU A 15 -0.32 -1.91 7.89
N GLU A 16 -0.12 -2.11 9.20
CA GLU A 16 0.19 -0.99 10.09
C GLU A 16 1.49 -0.30 9.67
N GLU A 17 2.49 -1.10 9.31
CA GLU A 17 3.78 -0.56 8.90
C GLU A 17 3.64 0.21 7.59
N LEU A 18 2.75 -0.24 6.72
CA LEU A 18 2.52 0.42 5.44
C LEU A 18 1.90 1.79 5.63
N GLN A 19 0.81 1.85 6.37
CA GLN A 19 0.12 3.11 6.63
C GLN A 19 1.04 4.09 7.34
N GLN A 20 1.74 3.60 8.36
CA GLN A 20 2.66 4.44 9.13
C GLN A 20 3.74 5.03 8.23
N ASN A 21 4.32 4.19 7.38
CA ASN A 21 5.37 4.63 6.47
C ASN A 21 4.83 5.63 5.46
N ILE A 22 3.55 5.47 5.10
CA ILE A 22 2.91 6.37 4.15
C ILE A 22 2.80 7.79 4.72
N LYS A 23 2.17 7.90 5.88
CA LYS A 23 1.99 9.20 6.52
C LYS A 23 3.33 9.74 7.03
N LEU A 24 4.28 8.85 7.25
CA LEU A 24 5.59 9.23 7.73
C LEU A 24 6.48 9.69 6.57
N GLU A 25 6.25 9.14 5.39
CA GLU A 25 7.02 9.50 4.21
C GLU A 25 6.23 10.43 3.30
N LEU A 26 5.24 9.87 2.61
CA LEU A 26 4.41 10.65 1.70
C LEU A 26 3.78 11.83 2.43
N GLU A 27 3.26 12.79 1.65
CA GLU A 27 2.62 13.97 2.23
C GLU A 27 2.15 14.92 1.13
N GLY A 28 0.89 15.34 1.22
CA GLY A 28 0.35 16.25 0.23
C GLY A 28 -0.07 15.53 -1.04
N LYS A 29 -1.36 15.20 -1.13
CA LYS A 29 -1.89 14.51 -2.31
C LYS A 29 -1.07 13.28 -2.62
N GLU A 30 -0.48 12.68 -1.59
CA GLU A 30 0.34 11.48 -1.76
C GLU A 30 0.02 10.45 -0.69
N GLN A 31 0.18 10.85 0.57
CA GLN A 31 -0.09 9.95 1.69
C GLN A 31 -1.59 9.74 1.88
N GLU A 32 -2.37 10.76 1.53
CA GLU A 32 -3.82 10.68 1.65
C GLU A 32 -4.39 9.56 0.80
N LEU A 33 -3.90 9.45 -0.44
CA LEU A 33 -4.35 8.42 -1.36
C LEU A 33 -3.95 7.04 -0.87
N ALA A 34 -2.66 6.87 -0.57
CA ALA A 34 -2.15 5.59 -0.09
C ALA A 34 -2.90 5.13 1.16
N LEU A 35 -2.94 6.00 2.17
CA LEU A 35 -3.64 5.69 3.42
C LEU A 35 -5.12 5.42 3.17
N GLU A 36 -5.72 6.21 2.28
CA GLU A 36 -7.12 6.06 1.96
C GLU A 36 -7.43 4.63 1.53
N LEU A 37 -6.74 4.17 0.49
CA LEU A 37 -6.93 2.82 -0.03
C LEU A 37 -6.59 1.78 1.02
N LEU A 38 -5.55 2.06 1.81
CA LEU A 38 -5.12 1.16 2.87
C LEU A 38 -6.22 0.93 3.88
N ASN A 39 -6.85 2.01 4.33
CA ASN A 39 -7.92 1.94 5.30
C ASN A 39 -9.22 1.47 4.64
N TYR A 40 -9.37 1.79 3.37
CA TYR A 40 -10.57 1.42 2.62
C TYR A 40 -10.65 -0.11 2.45
N LEU A 41 -9.49 -0.72 2.21
CA LEU A 41 -9.42 -2.17 2.03
C LEU A 41 -8.08 -2.71 2.49
N ASN A 42 -8.07 -3.35 3.65
CA ASN A 42 -6.84 -3.92 4.20
C ASN A 42 -6.21 -4.92 3.22
N GLU A 43 -7.06 -5.58 2.45
CA GLU A 43 -6.61 -6.57 1.48
C GLU A 43 -5.92 -5.89 0.29
N LYS A 44 -6.10 -4.57 0.20
CA LYS A 44 -5.50 -3.80 -0.89
C LYS A 44 -4.57 -2.72 -0.33
N GLY A 45 -3.28 -3.04 -0.30
CA GLY A 45 -2.30 -2.09 0.20
C GLY A 45 -0.90 -2.67 0.27
N PHE A 46 -0.61 -3.35 1.38
CA PHE A 46 0.71 -3.96 1.56
C PHE A 46 1.09 -4.80 0.36
N LEU A 47 0.19 -5.69 -0.04
CA LEU A 47 0.44 -6.56 -1.18
C LEU A 47 -0.69 -6.44 -2.21
N SER A 48 -1.28 -5.25 -2.30
CA SER A 48 -2.35 -5.01 -3.25
C SER A 48 -1.96 -5.44 -4.65
N LYS A 49 -2.93 -5.41 -5.57
CA LYS A 49 -2.69 -5.79 -6.95
C LYS A 49 -1.72 -4.83 -7.62
N SER A 50 -1.69 -4.84 -8.94
CA SER A 50 -0.81 -3.97 -9.71
C SER A 50 -1.17 -2.50 -9.50
N VAL A 51 -0.23 -1.62 -9.80
CA VAL A 51 -0.46 -0.18 -9.64
C VAL A 51 -1.71 0.27 -10.40
N GLU A 52 -1.93 -0.34 -11.55
CA GLU A 52 -3.09 -0.01 -12.38
C GLU A 52 -4.39 -0.24 -11.60
N GLU A 53 -4.42 -1.32 -10.82
CA GLU A 53 -5.61 -1.66 -10.04
C GLU A 53 -5.90 -0.58 -9.00
N ILE A 54 -4.96 -0.36 -8.10
CA ILE A 54 -5.13 0.66 -7.05
C ILE A 54 -5.46 2.01 -7.66
N SER A 55 -4.84 2.34 -8.78
CA SER A 55 -5.08 3.61 -9.46
C SER A 55 -6.52 3.70 -9.95
N ASP A 56 -6.96 2.66 -10.65
CA ASP A 56 -8.32 2.62 -11.17
C ASP A 56 -9.35 2.63 -10.04
N VAL A 57 -8.97 2.04 -8.90
CA VAL A 57 -9.86 1.99 -7.75
C VAL A 57 -9.92 3.33 -7.03
N LEU A 58 -8.80 4.04 -7.04
CA LEU A 58 -8.73 5.36 -6.39
C LEU A 58 -9.05 6.47 -7.38
N ARG A 59 -9.29 6.09 -8.63
CA ARG A 59 -9.62 7.06 -9.68
C ARG A 59 -8.48 8.06 -9.85
N CYS A 60 -7.29 7.70 -9.38
CA CYS A 60 -6.13 8.56 -9.48
C CYS A 60 -5.14 8.02 -10.51
N SER A 61 -4.20 8.86 -10.93
CA SER A 61 -3.19 8.46 -11.90
C SER A 61 -2.28 7.37 -11.34
N VAL A 62 -1.88 6.45 -12.20
CA VAL A 62 -1.01 5.36 -11.80
C VAL A 62 0.37 5.87 -11.37
N GLU A 63 0.86 6.87 -12.09
CA GLU A 63 2.16 7.46 -11.78
C GLU A 63 2.27 7.81 -10.29
N GLU A 64 1.24 8.50 -9.79
CA GLU A 64 1.21 8.89 -8.38
C GLU A 64 1.18 7.67 -7.47
N LEU A 65 0.31 6.73 -7.80
CA LEU A 65 0.19 5.50 -7.00
C LEU A 65 1.51 4.74 -6.95
N GLU A 66 2.23 4.74 -8.07
CA GLU A 66 3.51 4.05 -8.14
C GLU A 66 4.55 4.75 -7.27
N LYS A 67 4.60 6.08 -7.36
CA LYS A 67 5.54 6.86 -6.57
C LYS A 67 5.36 6.62 -5.08
N VAL A 68 4.12 6.76 -4.61
CA VAL A 68 3.81 6.56 -3.21
C VAL A 68 4.09 5.12 -2.79
N ARG A 69 3.73 4.18 -3.65
CA ARG A 69 3.94 2.76 -3.37
C ARG A 69 5.43 2.44 -3.28
N GLN A 70 6.20 2.98 -4.21
CA GLN A 70 7.65 2.75 -4.23
C GLN A 70 8.32 3.39 -3.02
N LYS A 71 7.80 4.53 -2.60
CA LYS A 71 8.35 5.25 -1.45
C LYS A 71 8.07 4.47 -0.16
N VAL A 72 6.89 3.88 -0.06
CA VAL A 72 6.50 3.12 1.12
C VAL A 72 7.03 1.69 1.04
N LEU A 73 7.37 1.26 -0.17
CA LEU A 73 7.89 -0.09 -0.37
C LEU A 73 9.41 -0.11 -0.26
N ARG A 74 10.03 1.03 -0.51
CA ARG A 74 11.49 1.14 -0.43
C ARG A 74 11.98 0.77 0.96
N LEU A 75 11.10 0.86 1.95
CA LEU A 75 11.45 0.53 3.32
C LEU A 75 11.77 -0.96 3.47
N GLU A 76 10.93 -1.80 2.88
CA GLU A 76 11.13 -3.24 2.93
C GLU A 76 11.67 -3.77 1.60
N LYS A 1 7.38 -27.36 12.45
CA LYS A 1 7.53 -26.01 12.98
C LYS A 1 7.61 -24.98 11.86
N GLU A 2 8.01 -25.43 10.68
CA GLU A 2 8.13 -24.55 9.53
C GLU A 2 7.14 -24.94 8.43
N THR A 3 5.96 -25.36 8.85
CA THR A 3 4.91 -25.78 7.91
C THR A 3 4.53 -24.62 6.99
N VAL A 4 3.78 -23.67 7.53
CA VAL A 4 3.34 -22.51 6.76
C VAL A 4 3.93 -21.22 7.31
N PRO A 5 4.02 -20.20 6.46
CA PRO A 5 4.58 -18.89 6.84
C PRO A 5 3.66 -18.14 7.78
N TYR A 6 3.96 -16.86 8.01
CA TYR A 6 3.16 -16.03 8.89
C TYR A 6 2.55 -14.86 8.14
N GLN A 7 3.11 -14.55 6.97
CA GLN A 7 2.62 -13.45 6.15
C GLN A 7 1.65 -13.96 5.09
N ILE A 8 0.99 -15.08 5.39
CA ILE A 8 0.03 -15.67 4.45
C ILE A 8 -1.30 -15.94 5.13
N PRO A 9 -2.39 -15.47 4.51
CA PRO A 9 -2.32 -14.73 3.24
C PRO A 9 -1.71 -13.35 3.41
N TYR A 10 -2.18 -12.60 4.40
CA TYR A 10 -1.67 -11.26 4.67
C TYR A 10 -1.52 -11.04 6.17
N THR A 11 -0.47 -10.30 6.53
CA THR A 11 -0.20 -10.00 7.94
C THR A 11 -0.58 -8.57 8.28
N PRO A 12 -1.05 -8.36 9.52
CA PRO A 12 -1.45 -7.03 10.00
C PRO A 12 -0.27 -6.09 10.18
N SER A 13 0.83 -6.61 10.71
CA SER A 13 2.03 -5.81 10.93
C SER A 13 2.45 -5.10 9.65
N GLU A 14 2.32 -5.79 8.53
CA GLU A 14 2.68 -5.22 7.23
C GLU A 14 1.75 -4.07 6.86
N LEU A 15 0.46 -4.31 6.97
CA LEU A 15 -0.55 -3.30 6.65
C LEU A 15 -0.36 -2.06 7.51
N GLU A 16 -0.29 -2.26 8.82
CA GLU A 16 -0.11 -1.15 9.76
C GLU A 16 1.18 -0.39 9.47
N GLU A 17 2.24 -1.13 9.18
CA GLU A 17 3.53 -0.53 8.88
C GLU A 17 3.48 0.24 7.57
N LEU A 18 2.70 -0.27 6.62
CA LEU A 18 2.56 0.38 5.32
C LEU A 18 1.89 1.73 5.44
N GLN A 19 0.72 1.75 6.08
CA GLN A 19 -0.04 2.98 6.27
C GLN A 19 0.78 4.00 7.07
N GLN A 20 1.36 3.55 8.17
CA GLN A 20 2.16 4.42 9.02
C GLN A 20 3.30 5.04 8.23
N ASN A 21 3.99 4.23 7.45
CA ASN A 21 5.10 4.71 6.64
C ASN A 21 4.63 5.73 5.60
N ILE A 22 3.40 5.55 5.12
CA ILE A 22 2.83 6.45 4.14
C ILE A 22 2.65 7.86 4.71
N LYS A 23 1.91 7.94 5.80
CA LYS A 23 1.66 9.23 6.45
C LYS A 23 2.93 9.77 7.08
N LEU A 24 3.89 8.89 7.34
CA LEU A 24 5.16 9.28 7.94
C LEU A 24 6.14 9.77 6.88
N GLU A 25 5.97 9.28 5.65
CA GLU A 25 6.83 9.69 4.55
C GLU A 25 6.10 10.61 3.59
N LEU A 26 5.20 10.04 2.79
CA LEU A 26 4.43 10.82 1.83
C LEU A 26 3.77 12.03 2.50
N GLU A 27 3.35 12.99 1.69
CA GLU A 27 2.70 14.19 2.21
C GLU A 27 2.33 15.14 1.07
N GLY A 28 1.04 15.43 0.94
CA GLY A 28 0.58 16.31 -0.11
C GLY A 28 0.09 15.57 -1.33
N LYS A 29 -1.20 15.27 -1.36
CA LYS A 29 -1.80 14.54 -2.49
C LYS A 29 -1.02 13.27 -2.78
N GLU A 30 -0.41 12.69 -1.75
CA GLU A 30 0.37 11.48 -1.90
C GLU A 30 0.05 10.48 -0.80
N GLN A 31 0.13 10.94 0.45
CA GLN A 31 -0.15 10.09 1.59
C GLN A 31 -1.66 9.83 1.72
N GLU A 32 -2.45 10.81 1.33
CA GLU A 32 -3.91 10.69 1.40
C GLU A 32 -4.40 9.55 0.50
N LEU A 33 -3.86 9.48 -0.71
CA LEU A 33 -4.24 8.45 -1.66
C LEU A 33 -3.84 7.06 -1.15
N ALA A 34 -2.57 6.91 -0.80
CA ALA A 34 -2.07 5.64 -0.29
C ALA A 34 -2.85 5.20 0.94
N LEU A 35 -2.94 6.08 1.93
CA LEU A 35 -3.66 5.77 3.17
C LEU A 35 -5.14 5.50 2.88
N GLU A 36 -5.67 6.20 1.89
CA GLU A 36 -7.08 6.03 1.51
C GLU A 36 -7.37 4.59 1.11
N LEU A 37 -6.67 4.11 0.08
CA LEU A 37 -6.86 2.75 -0.40
C LEU A 37 -6.56 1.74 0.70
N LEU A 38 -5.49 1.99 1.45
CA LEU A 38 -5.10 1.10 2.53
C LEU A 38 -6.20 1.00 3.58
N ASN A 39 -6.63 2.14 4.09
CA ASN A 39 -7.68 2.18 5.11
C ASN A 39 -9.01 1.69 4.53
N TYR A 40 -9.20 1.90 3.22
CA TYR A 40 -10.42 1.48 2.55
C TYR A 40 -10.53 -0.04 2.53
N LEU A 41 -9.41 -0.71 2.28
CA LEU A 41 -9.39 -2.17 2.23
C LEU A 41 -8.04 -2.70 2.72
N ASN A 42 -8.04 -3.27 3.92
CA ASN A 42 -6.81 -3.83 4.50
C ASN A 42 -6.23 -4.90 3.59
N GLU A 43 -7.08 -5.52 2.77
CA GLU A 43 -6.64 -6.56 1.87
C GLU A 43 -5.94 -5.96 0.65
N LYS A 44 -6.12 -4.66 0.45
CA LYS A 44 -5.51 -3.97 -0.68
C LYS A 44 -4.42 -3.01 -0.20
N GLY A 45 -3.18 -3.48 -0.22
CA GLY A 45 -2.06 -2.65 0.21
C GLY A 45 -0.73 -3.34 0.04
N PHE A 46 -0.29 -4.04 1.08
CA PHE A 46 0.98 -4.75 1.05
C PHE A 46 1.10 -5.59 -0.22
N LEU A 47 0.25 -6.61 -0.33
CA LEU A 47 0.25 -7.48 -1.49
C LEU A 47 -0.87 -7.12 -2.46
N SER A 48 -1.29 -5.87 -2.43
CA SER A 48 -2.37 -5.40 -3.30
C SER A 48 -2.09 -5.78 -4.74
N LYS A 49 -3.10 -5.62 -5.59
CA LYS A 49 -2.97 -5.95 -7.01
C LYS A 49 -2.00 -5.00 -7.70
N SER A 50 -2.00 -5.03 -9.03
CA SER A 50 -1.10 -4.17 -9.81
C SER A 50 -1.45 -2.70 -9.61
N VAL A 51 -0.55 -1.83 -10.02
CA VAL A 51 -0.77 -0.39 -9.88
C VAL A 51 -2.11 0.02 -10.47
N GLU A 52 -2.45 -0.54 -11.62
CA GLU A 52 -3.70 -0.24 -12.29
C GLU A 52 -4.88 -0.41 -11.35
N GLU A 53 -4.94 -1.57 -10.70
CA GLU A 53 -6.02 -1.86 -9.76
C GLU A 53 -6.18 -0.73 -8.74
N ILE A 54 -5.14 -0.52 -7.93
CA ILE A 54 -5.16 0.52 -6.91
C ILE A 54 -5.52 1.87 -7.53
N SER A 55 -4.87 2.19 -8.64
CA SER A 55 -5.11 3.46 -9.32
C SER A 55 -6.59 3.62 -9.66
N ASP A 56 -7.20 2.56 -10.17
CA ASP A 56 -8.61 2.58 -10.53
C ASP A 56 -9.48 2.79 -9.30
N VAL A 57 -9.07 2.19 -8.18
CA VAL A 57 -9.82 2.31 -6.93
C VAL A 57 -9.65 3.69 -6.32
N LEU A 58 -8.45 4.26 -6.45
CA LEU A 58 -8.16 5.58 -5.92
C LEU A 58 -8.60 6.68 -6.88
N ARG A 59 -8.99 6.27 -8.08
CA ARG A 59 -9.45 7.21 -9.10
C ARG A 59 -8.37 8.24 -9.41
N CYS A 60 -7.12 7.90 -9.09
CA CYS A 60 -6.00 8.79 -9.35
C CYS A 60 -5.04 8.19 -10.37
N SER A 61 -4.14 9.02 -10.88
CA SER A 61 -3.16 8.57 -11.87
C SER A 61 -2.27 7.48 -11.30
N VAL A 62 -1.92 6.51 -12.15
CA VAL A 62 -1.08 5.40 -11.72
C VAL A 62 0.30 5.89 -11.30
N GLU A 63 0.85 6.85 -12.05
CA GLU A 63 2.16 7.41 -11.75
C GLU A 63 2.26 7.78 -10.28
N GLU A 64 1.30 8.55 -9.80
CA GLU A 64 1.27 8.98 -8.40
C GLU A 64 1.37 7.78 -7.47
N LEU A 65 0.58 6.75 -7.75
CA LEU A 65 0.56 5.54 -6.93
C LEU A 65 1.93 4.88 -6.92
N GLU A 66 2.57 4.82 -8.09
CA GLU A 66 3.88 4.21 -8.21
C GLU A 66 4.91 4.94 -7.34
N LYS A 67 4.81 6.26 -7.31
CA LYS A 67 5.73 7.08 -6.51
C LYS A 67 5.55 6.81 -5.03
N VAL A 68 4.31 6.95 -4.55
CA VAL A 68 4.01 6.72 -3.15
C VAL A 68 4.30 5.28 -2.75
N ARG A 69 3.98 4.35 -3.64
CA ARG A 69 4.21 2.94 -3.39
C ARG A 69 5.70 2.64 -3.23
N GLN A 70 6.50 3.21 -4.13
CA GLN A 70 7.94 3.01 -4.09
C GLN A 70 8.55 3.67 -2.86
N LYS A 71 8.00 4.81 -2.46
CA LYS A 71 8.49 5.52 -1.30
C LYS A 71 8.21 4.74 -0.01
N VAL A 72 7.05 4.10 0.04
CA VAL A 72 6.67 3.32 1.20
C VAL A 72 7.23 1.90 1.13
N LEU A 73 7.58 1.48 -0.07
CA LEU A 73 8.14 0.14 -0.29
C LEU A 73 9.65 0.16 -0.12
N ARG A 74 10.26 1.33 -0.33
CA ARG A 74 11.70 1.47 -0.21
C ARG A 74 12.17 1.08 1.19
N LEU A 75 11.24 1.11 2.15
CA LEU A 75 11.56 0.77 3.54
C LEU A 75 12.00 -0.70 3.64
N GLU A 76 11.23 -1.59 3.03
CA GLU A 76 11.54 -3.01 3.06
C GLU A 76 12.89 -3.29 2.39
N LYS A 1 -4.79 -23.80 10.88
CA LYS A 1 -4.07 -22.55 11.12
C LYS A 1 -2.58 -22.81 11.22
N GLU A 2 -2.21 -23.92 11.87
CA GLU A 2 -0.81 -24.27 12.03
C GLU A 2 -0.18 -24.69 10.71
N THR A 3 -0.97 -25.38 9.88
CA THR A 3 -0.49 -25.83 8.58
C THR A 3 -0.25 -24.66 7.65
N VAL A 4 -0.81 -23.50 8.00
CA VAL A 4 -0.64 -22.30 7.19
C VAL A 4 0.14 -21.23 7.94
N PRO A 5 0.78 -20.32 7.19
CA PRO A 5 1.58 -19.24 7.77
C PRO A 5 0.71 -18.20 8.46
N TYR A 6 1.33 -17.07 8.82
CA TYR A 6 0.61 -15.99 9.51
C TYR A 6 0.42 -14.80 8.57
N GLN A 7 1.30 -14.67 7.59
CA GLN A 7 1.23 -13.57 6.63
C GLN A 7 0.10 -13.79 5.63
N ILE A 8 -0.36 -15.04 5.53
CA ILE A 8 -1.43 -15.39 4.61
C ILE A 8 -2.78 -15.44 5.34
N PRO A 9 -3.80 -14.79 4.74
CA PRO A 9 -3.63 -14.06 3.48
C PRO A 9 -2.79 -12.80 3.64
N TYR A 10 -3.12 -11.99 4.63
CA TYR A 10 -2.39 -10.76 4.89
C TYR A 10 -2.19 -10.55 6.38
N THR A 11 -1.01 -10.02 6.74
CA THR A 11 -0.69 -9.77 8.14
C THR A 11 -0.94 -8.31 8.51
N PRO A 12 -1.27 -8.08 9.79
CA PRO A 12 -1.54 -6.73 10.30
C PRO A 12 -0.29 -5.87 10.36
N SER A 13 0.82 -6.49 10.77
CA SER A 13 2.10 -5.78 10.88
C SER A 13 2.43 -5.06 9.59
N GLU A 14 2.14 -5.71 8.46
CA GLU A 14 2.42 -5.14 7.15
C GLU A 14 1.51 -3.94 6.88
N LEU A 15 0.22 -4.11 7.15
CA LEU A 15 -0.75 -3.05 6.93
C LEU A 15 -0.41 -1.82 7.76
N GLU A 16 -0.22 -2.03 9.06
CA GLU A 16 0.12 -0.93 9.96
C GLU A 16 1.42 -0.27 9.56
N GLU A 17 2.40 -1.09 9.18
CA GLU A 17 3.71 -0.59 8.76
C GLU A 17 3.59 0.22 7.47
N LEU A 18 2.70 -0.22 6.59
CA LEU A 18 2.50 0.47 5.31
C LEU A 18 1.89 1.85 5.53
N GLN A 19 0.78 1.90 6.26
CA GLN A 19 0.11 3.17 6.53
C GLN A 19 1.04 4.13 7.25
N GLN A 20 1.74 3.64 8.26
CA GLN A 20 2.66 4.47 9.03
C GLN A 20 3.75 5.05 8.13
N ASN A 21 4.32 4.20 7.28
CA ASN A 21 5.37 4.63 6.36
C ASN A 21 4.83 5.64 5.35
N ILE A 22 3.56 5.51 5.02
CA ILE A 22 2.92 6.41 4.06
C ILE A 22 2.82 7.82 4.64
N LYS A 23 2.19 7.95 5.79
CA LYS A 23 2.03 9.24 6.45
C LYS A 23 3.37 9.77 6.95
N LEU A 24 4.32 8.86 7.16
CA LEU A 24 5.64 9.24 7.64
C LEU A 24 6.53 9.67 6.48
N GLU A 25 6.27 9.12 5.30
CA GLU A 25 7.05 9.44 4.11
C GLU A 25 6.28 10.38 3.18
N LEU A 26 5.28 9.83 2.49
CA LEU A 26 4.46 10.62 1.58
C LEU A 26 3.86 11.84 2.29
N GLU A 27 3.16 12.67 1.52
CA GLU A 27 2.54 13.86 2.07
C GLU A 27 1.75 14.62 1.01
N GLY A 28 1.15 15.74 1.40
CA GLY A 28 0.37 16.53 0.47
C GLY A 28 -0.73 15.73 -0.19
N LYS A 29 -0.63 15.54 -1.51
CA LYS A 29 -1.63 14.79 -2.25
C LYS A 29 -1.10 13.42 -2.65
N GLU A 30 -0.36 12.78 -1.74
CA GLU A 30 0.21 11.47 -2.00
C GLU A 30 -0.16 10.49 -0.89
N GLN A 31 0.23 10.82 0.34
CA GLN A 31 -0.07 9.96 1.48
C GLN A 31 -1.58 9.77 1.65
N GLU A 32 -2.34 10.78 1.24
CA GLU A 32 -3.80 10.72 1.35
C GLU A 32 -4.35 9.54 0.57
N LEU A 33 -3.97 9.45 -0.71
CA LEU A 33 -4.43 8.36 -1.57
C LEU A 33 -4.00 7.00 -1.01
N ALA A 34 -2.71 6.87 -0.71
CA ALA A 34 -2.17 5.63 -0.17
C ALA A 34 -2.93 5.21 1.08
N LEU A 35 -2.97 6.09 2.07
CA LEU A 35 -3.67 5.80 3.32
C LEU A 35 -5.16 5.57 3.07
N GLU A 36 -5.72 6.33 2.15
CA GLU A 36 -7.13 6.20 1.81
C GLU A 36 -7.49 4.76 1.47
N LEU A 37 -6.84 4.23 0.44
CA LEU A 37 -7.08 2.86 0.00
C LEU A 37 -6.74 1.87 1.10
N LEU A 38 -5.62 2.11 1.79
CA LEU A 38 -5.19 1.24 2.87
C LEU A 38 -6.28 1.12 3.94
N ASN A 39 -6.82 2.26 4.36
CA ASN A 39 -7.87 2.28 5.37
C ASN A 39 -9.19 1.78 4.80
N TYR A 40 -9.38 1.99 3.50
CA TYR A 40 -10.60 1.57 2.83
C TYR A 40 -10.72 0.04 2.83
N LEU A 41 -9.60 -0.63 2.60
CA LEU A 41 -9.58 -2.10 2.58
C LEU A 41 -8.24 -2.63 3.08
N ASN A 42 -8.30 -3.48 4.09
CA ASN A 42 -7.08 -4.07 4.66
C ASN A 42 -6.38 -4.95 3.64
N GLU A 43 -7.14 -5.83 2.98
CA GLU A 43 -6.58 -6.73 1.98
C GLU A 43 -5.80 -5.95 0.93
N LYS A 44 -6.22 -4.72 0.66
CA LYS A 44 -5.55 -3.87 -0.32
C LYS A 44 -4.24 -3.32 0.24
N GLY A 45 -3.55 -2.53 -0.57
CA GLY A 45 -2.28 -1.95 -0.13
C GLY A 45 -1.17 -2.98 -0.06
N PHE A 46 -1.05 -3.63 1.09
CA PHE A 46 -0.01 -4.63 1.29
C PHE A 46 -0.04 -5.67 0.16
N LEU A 47 1.02 -5.69 -0.64
CA LEU A 47 1.12 -6.62 -1.75
C LEU A 47 -0.07 -6.48 -2.69
N SER A 48 -0.68 -5.30 -2.70
CA SER A 48 -1.83 -5.04 -3.55
C SER A 48 -1.55 -5.45 -4.99
N LYS A 49 -2.59 -5.46 -5.81
CA LYS A 49 -2.47 -5.84 -7.22
C LYS A 49 -1.56 -4.86 -7.96
N SER A 50 -1.65 -4.86 -9.28
CA SER A 50 -0.83 -3.97 -10.10
C SER A 50 -1.19 -2.51 -9.85
N VAL A 51 -0.23 -1.63 -10.07
CA VAL A 51 -0.43 -0.20 -9.86
C VAL A 51 -1.71 0.28 -10.55
N GLU A 52 -2.02 -0.32 -11.69
CA GLU A 52 -3.22 0.05 -12.45
C GLU A 52 -4.48 -0.23 -11.63
N GLU A 53 -4.52 -1.40 -11.00
CA GLU A 53 -5.66 -1.79 -10.19
C GLU A 53 -5.98 -0.73 -9.14
N ILE A 54 -5.02 -0.50 -8.24
CA ILE A 54 -5.20 0.49 -7.19
C ILE A 54 -5.57 1.85 -7.77
N SER A 55 -4.86 2.26 -8.80
CA SER A 55 -5.11 3.55 -9.45
C SER A 55 -6.55 3.63 -9.94
N ASP A 56 -7.01 2.57 -10.60
CA ASP A 56 -8.37 2.53 -11.13
C ASP A 56 -9.38 2.54 -9.99
N VAL A 57 -9.02 1.94 -8.87
CA VAL A 57 -9.90 1.88 -7.71
C VAL A 57 -9.94 3.21 -6.98
N LEU A 58 -8.82 3.92 -7.00
CA LEU A 58 -8.73 5.22 -6.33
C LEU A 58 -9.07 6.34 -7.31
N ARG A 59 -9.32 5.99 -8.57
CA ARG A 59 -9.66 6.96 -9.59
C ARG A 59 -8.55 8.00 -9.73
N CYS A 60 -7.36 7.65 -9.29
CA CYS A 60 -6.20 8.55 -9.36
C CYS A 60 -5.18 8.03 -10.36
N SER A 61 -4.25 8.91 -10.74
CA SER A 61 -3.21 8.54 -11.70
C SER A 61 -2.31 7.46 -11.12
N VAL A 62 -1.85 6.55 -11.98
CA VAL A 62 -0.99 5.45 -11.56
C VAL A 62 0.36 5.98 -11.08
N GLU A 63 0.83 7.05 -11.73
CA GLU A 63 2.11 7.65 -11.36
C GLU A 63 2.18 7.93 -9.87
N GLU A 64 1.13 8.55 -9.34
CA GLU A 64 1.07 8.87 -7.92
C GLU A 64 1.07 7.60 -7.07
N LEU A 65 0.38 6.58 -7.55
CA LEU A 65 0.31 5.31 -6.83
C LEU A 65 1.65 4.58 -6.86
N GLU A 66 2.40 4.80 -7.94
CA GLU A 66 3.72 4.17 -8.09
C GLU A 66 4.75 4.82 -7.17
N LYS A 67 4.77 6.15 -7.18
CA LYS A 67 5.71 6.89 -6.35
C LYS A 67 5.45 6.63 -4.87
N VAL A 68 4.18 6.65 -4.48
CA VAL A 68 3.81 6.40 -3.09
C VAL A 68 4.11 4.97 -2.68
N ARG A 69 3.84 4.03 -3.57
CA ARG A 69 4.08 2.62 -3.30
C ARG A 69 5.58 2.34 -3.17
N GLN A 70 6.35 2.89 -4.10
CA GLN A 70 7.80 2.70 -4.10
C GLN A 70 8.44 3.42 -2.91
N LYS A 71 7.84 4.53 -2.50
CA LYS A 71 8.35 5.30 -1.36
C LYS A 71 8.12 4.55 -0.06
N VAL A 72 6.96 3.90 0.05
CA VAL A 72 6.62 3.14 1.26
C VAL A 72 7.19 1.73 1.19
N LEU A 73 7.52 1.29 -0.01
CA LEU A 73 8.06 -0.05 -0.21
C LEU A 73 9.58 -0.05 -0.03
N ARG A 74 10.21 1.08 -0.36
CA ARG A 74 11.66 1.20 -0.25
C ARG A 74 12.13 0.81 1.14
N LEU A 75 11.27 1.01 2.14
CA LEU A 75 11.60 0.67 3.52
C LEU A 75 12.05 -0.78 3.62
N GLU A 76 11.31 -1.68 2.99
CA GLU A 76 11.64 -3.10 3.01
C GLU A 76 12.02 -3.59 1.62
N LYS A 1 7.48 -21.63 -1.76
CA LYS A 1 7.65 -22.72 -0.81
C LYS A 1 6.30 -23.20 -0.28
N GLU A 2 5.56 -22.30 0.34
CA GLU A 2 4.25 -22.63 0.89
C GLU A 2 3.20 -22.69 -0.22
N THR A 3 2.14 -23.45 0.02
CA THR A 3 1.06 -23.59 -0.95
C THR A 3 0.30 -22.28 -1.12
N VAL A 4 0.47 -21.38 -0.17
CA VAL A 4 -0.20 -20.08 -0.20
C VAL A 4 0.80 -18.94 -0.38
N PRO A 5 0.33 -17.82 -0.92
CA PRO A 5 1.16 -16.64 -1.16
C PRO A 5 1.59 -15.96 0.14
N TYR A 6 2.17 -14.77 0.02
CA TYR A 6 2.61 -14.01 1.19
C TYR A 6 1.55 -13.01 1.63
N GLN A 7 0.69 -12.61 0.69
CA GLN A 7 -0.37 -11.66 0.98
C GLN A 7 -1.58 -12.36 1.58
N ILE A 8 -1.72 -13.65 1.29
CA ILE A 8 -2.83 -14.43 1.81
C ILE A 8 -2.34 -15.62 2.62
N PRO A 9 -2.64 -15.61 3.93
CA PRO A 9 -3.39 -14.53 4.56
C PRO A 9 -2.59 -13.23 4.63
N TYR A 10 -3.26 -12.15 5.03
CA TYR A 10 -2.61 -10.85 5.12
C TYR A 10 -2.44 -10.45 6.59
N THR A 11 -1.19 -10.29 7.01
CA THR A 11 -0.88 -9.92 8.39
C THR A 11 -1.15 -8.43 8.61
N PRO A 12 -1.63 -8.09 9.82
CA PRO A 12 -1.94 -6.71 10.19
C PRO A 12 -0.68 -5.86 10.36
N SER A 13 0.39 -6.49 10.83
CA SER A 13 1.65 -5.79 11.04
C SER A 13 2.09 -5.07 9.77
N GLU A 14 1.91 -5.73 8.63
CA GLU A 14 2.28 -5.15 7.34
C GLU A 14 1.41 -3.95 7.01
N LEU A 15 0.11 -4.09 7.27
CA LEU A 15 -0.84 -3.01 7.00
C LEU A 15 -0.52 -1.77 7.83
N GLU A 16 -0.39 -1.96 9.13
CA GLU A 16 -0.08 -0.86 10.04
C GLU A 16 1.26 -0.21 9.67
N GLU A 17 2.24 -1.05 9.35
CA GLU A 17 3.57 -0.55 8.98
C GLU A 17 3.51 0.23 7.67
N LEU A 18 2.62 -0.18 6.77
CA LEU A 18 2.46 0.49 5.48
C LEU A 18 1.85 1.87 5.66
N GLN A 19 0.71 1.93 6.34
CA GLN A 19 0.01 3.19 6.57
C GLN A 19 0.93 4.18 7.29
N GLN A 20 1.58 3.72 8.35
CA GLN A 20 2.48 4.57 9.12
C GLN A 20 3.62 5.09 8.24
N ASN A 21 4.26 4.19 7.52
CA ASN A 21 5.37 4.55 6.64
C ASN A 21 4.93 5.61 5.63
N ILE A 22 3.68 5.52 5.19
CA ILE A 22 3.14 6.47 4.23
C ILE A 22 2.97 7.85 4.85
N LYS A 23 2.43 7.88 6.07
CA LYS A 23 2.21 9.14 6.77
C LYS A 23 3.54 9.84 7.04
N LEU A 24 4.57 9.06 7.34
CA LEU A 24 5.90 9.60 7.62
C LEU A 24 6.61 9.98 6.33
N GLU A 25 6.57 9.07 5.35
CA GLU A 25 7.22 9.31 4.06
C GLU A 25 6.40 10.27 3.21
N LEU A 26 5.32 9.79 2.64
CA LEU A 26 4.45 10.60 1.80
C LEU A 26 3.87 11.78 2.59
N GLU A 27 3.30 12.73 1.88
CA GLU A 27 2.71 13.90 2.51
C GLU A 27 2.04 14.81 1.48
N GLY A 28 1.03 15.56 1.91
CA GLY A 28 0.32 16.44 1.02
C GLY A 28 -0.70 15.72 0.17
N LYS A 29 -0.39 15.56 -1.12
CA LYS A 29 -1.29 14.88 -2.04
C LYS A 29 -0.71 13.53 -2.47
N GLU A 30 -0.17 12.79 -1.51
CA GLU A 30 0.41 11.48 -1.80
C GLU A 30 0.06 10.48 -0.70
N GLN A 31 0.18 10.91 0.55
CA GLN A 31 -0.12 10.05 1.68
C GLN A 31 -1.63 9.84 1.82
N GLU A 32 -2.40 10.83 1.38
CA GLU A 32 -3.86 10.75 1.46
C GLU A 32 -4.38 9.58 0.63
N LEU A 33 -3.98 9.53 -0.63
CA LEU A 33 -4.41 8.46 -1.52
C LEU A 33 -3.99 7.10 -0.99
N ALA A 34 -2.70 6.95 -0.71
CA ALA A 34 -2.17 5.69 -0.18
C ALA A 34 -2.95 5.24 1.04
N LEU A 35 -3.02 6.11 2.06
CA LEU A 35 -3.74 5.79 3.28
C LEU A 35 -5.21 5.53 3.01
N GLU A 36 -5.79 6.33 2.11
CA GLU A 36 -7.19 6.19 1.75
C GLU A 36 -7.51 4.75 1.37
N LEU A 37 -6.82 4.24 0.35
CA LEU A 37 -7.03 2.88 -0.10
C LEU A 37 -6.72 1.87 1.00
N LEU A 38 -5.64 2.12 1.74
CA LEU A 38 -5.24 1.24 2.83
C LEU A 38 -6.39 1.03 3.81
N ASN A 39 -7.00 2.13 4.25
CA ASN A 39 -8.11 2.06 5.19
C ASN A 39 -9.40 1.64 4.48
N TYR A 40 -9.50 1.99 3.21
CA TYR A 40 -10.68 1.64 2.42
C TYR A 40 -10.78 0.13 2.21
N LEU A 41 -9.64 -0.54 2.32
CA LEU A 41 -9.59 -1.99 2.14
C LEU A 41 -8.27 -2.56 2.66
N ASN A 42 -8.35 -3.28 3.76
CA ASN A 42 -7.16 -3.89 4.35
C ASN A 42 -6.44 -4.80 3.35
N GLU A 43 -7.22 -5.67 2.71
CA GLU A 43 -6.66 -6.60 1.73
C GLU A 43 -5.77 -5.86 0.74
N LYS A 44 -6.11 -4.62 0.44
CA LYS A 44 -5.35 -3.81 -0.49
C LYS A 44 -4.08 -3.29 0.16
N GLY A 45 -3.34 -2.45 -0.58
CA GLY A 45 -2.10 -1.90 -0.06
C GLY A 45 -1.00 -2.93 0.05
N PHE A 46 -0.92 -3.59 1.21
CA PHE A 46 0.11 -4.60 1.44
C PHE A 46 0.12 -5.62 0.31
N LEU A 47 1.18 -5.58 -0.50
CA LEU A 47 1.32 -6.50 -1.62
C LEU A 47 0.10 -6.42 -2.55
N SER A 48 -0.53 -5.25 -2.58
CA SER A 48 -1.70 -5.04 -3.43
C SER A 48 -1.43 -5.48 -4.86
N LYS A 49 -2.47 -5.52 -5.68
CA LYS A 49 -2.35 -5.92 -7.07
C LYS A 49 -1.47 -4.93 -7.84
N SER A 50 -1.60 -4.95 -9.16
CA SER A 50 -0.81 -4.06 -10.01
C SER A 50 -1.17 -2.60 -9.75
N VAL A 51 -0.22 -1.71 -10.03
CA VAL A 51 -0.44 -0.28 -9.84
C VAL A 51 -1.73 0.18 -10.49
N GLU A 52 -2.03 -0.37 -11.66
CA GLU A 52 -3.24 -0.02 -12.39
C GLU A 52 -4.48 -0.32 -11.55
N GLU A 53 -4.46 -1.46 -10.86
CA GLU A 53 -5.59 -1.86 -10.02
C GLU A 53 -5.91 -0.79 -8.99
N ILE A 54 -4.96 -0.52 -8.09
CA ILE A 54 -5.14 0.49 -7.06
C ILE A 54 -5.54 1.84 -7.65
N SER A 55 -4.90 2.19 -8.76
CA SER A 55 -5.18 3.46 -9.44
C SER A 55 -6.62 3.51 -9.90
N ASP A 56 -7.06 2.46 -10.58
CA ASP A 56 -8.44 2.39 -11.07
C ASP A 56 -9.43 2.38 -9.93
N VAL A 57 -9.02 1.84 -8.79
CA VAL A 57 -9.88 1.77 -7.61
C VAL A 57 -9.96 3.13 -6.92
N LEU A 58 -8.86 3.87 -6.93
CA LEU A 58 -8.80 5.19 -6.32
C LEU A 58 -9.18 6.28 -7.31
N ARG A 59 -9.42 5.88 -8.56
CA ARG A 59 -9.78 6.82 -9.61
C ARG A 59 -8.71 7.88 -9.79
N CYS A 60 -7.49 7.57 -9.32
CA CYS A 60 -6.37 8.50 -9.43
C CYS A 60 -5.35 8.01 -10.43
N SER A 61 -4.44 8.89 -10.83
CA SER A 61 -3.40 8.54 -11.80
C SER A 61 -2.50 7.44 -11.24
N VAL A 62 -2.08 6.53 -12.12
CA VAL A 62 -1.21 5.43 -11.73
C VAL A 62 0.15 5.94 -11.26
N GLU A 63 0.68 6.92 -11.98
CA GLU A 63 1.98 7.50 -11.64
C GLU A 63 2.06 7.83 -10.15
N GLU A 64 0.97 8.40 -9.62
CA GLU A 64 0.92 8.77 -8.21
C GLU A 64 0.98 7.53 -7.33
N LEU A 65 0.21 6.51 -7.68
CA LEU A 65 0.18 5.27 -6.92
C LEU A 65 1.55 4.59 -6.92
N GLU A 66 2.23 4.64 -8.06
CA GLU A 66 3.54 4.04 -8.20
C GLU A 66 4.58 4.79 -7.35
N LYS A 67 4.48 6.11 -7.35
CA LYS A 67 5.39 6.95 -6.58
C LYS A 67 5.27 6.66 -5.09
N VAL A 68 4.05 6.74 -4.56
CA VAL A 68 3.80 6.48 -3.16
C VAL A 68 4.18 5.05 -2.78
N ARG A 69 3.81 4.11 -3.63
CA ARG A 69 4.11 2.70 -3.39
C ARG A 69 5.61 2.47 -3.29
N GLN A 70 6.34 2.93 -4.30
CA GLN A 70 7.79 2.77 -4.32
C GLN A 70 8.43 3.42 -3.10
N LYS A 71 7.92 4.59 -2.73
CA LYS A 71 8.44 5.32 -1.57
C LYS A 71 8.35 4.47 -0.31
N VAL A 72 7.19 3.84 -0.11
CA VAL A 72 6.99 2.99 1.06
C VAL A 72 7.57 1.60 0.85
N LEU A 73 7.89 1.28 -0.40
CA LEU A 73 8.46 -0.02 -0.74
C LEU A 73 9.98 -0.01 -0.50
N ARG A 74 10.59 1.16 -0.63
CA ARG A 74 12.03 1.28 -0.44
C ARG A 74 12.47 0.56 0.82
N LEU A 75 12.03 1.06 1.98
CA LEU A 75 12.38 0.46 3.25
C LEU A 75 12.13 -1.05 3.23
N GLU A 76 11.01 -1.45 2.66
CA GLU A 76 10.65 -2.87 2.57
C GLU A 76 10.98 -3.43 1.19
N LYS A 1 2.87 -27.37 -0.71
CA LYS A 1 2.83 -26.35 0.33
C LYS A 1 1.68 -26.62 1.30
N GLU A 2 2.00 -27.28 2.42
CA GLU A 2 0.99 -27.60 3.43
C GLU A 2 0.85 -26.46 4.44
N THR A 3 1.84 -26.34 5.32
CA THR A 3 1.82 -25.29 6.34
C THR A 3 2.47 -24.01 5.83
N VAL A 4 1.81 -22.88 6.06
CA VAL A 4 2.33 -21.59 5.63
C VAL A 4 2.69 -20.71 6.81
N PRO A 5 3.60 -19.75 6.58
CA PRO A 5 4.05 -18.83 7.62
C PRO A 5 2.97 -17.84 8.04
N TYR A 6 3.36 -16.83 8.81
CA TYR A 6 2.41 -15.81 9.27
C TYR A 6 2.27 -14.71 8.24
N GLN A 7 3.40 -14.26 7.69
CA GLN A 7 3.39 -13.20 6.69
C GLN A 7 2.59 -13.61 5.46
N ILE A 8 2.49 -14.92 5.23
CA ILE A 8 1.76 -15.44 4.09
C ILE A 8 0.38 -15.93 4.51
N PRO A 9 -0.65 -15.51 3.75
CA PRO A 9 -0.47 -14.65 2.58
C PRO A 9 -0.06 -13.23 2.98
N TYR A 10 -0.80 -12.65 3.91
CA TYR A 10 -0.50 -11.29 4.37
C TYR A 10 -0.65 -11.19 5.89
N THR A 11 0.18 -10.36 6.51
CA THR A 11 0.16 -10.17 7.95
C THR A 11 -0.49 -8.84 8.32
N PRO A 12 -1.01 -8.75 9.55
CA PRO A 12 -1.67 -7.54 10.05
C PRO A 12 -0.69 -6.40 10.28
N SER A 13 0.57 -6.76 10.52
CA SER A 13 1.61 -5.76 10.76
C SER A 13 2.00 -5.05 9.47
N GLU A 14 1.91 -5.77 8.35
CA GLU A 14 2.26 -5.22 7.05
C GLU A 14 1.40 -3.98 6.75
N LEU A 15 0.10 -4.10 6.97
CA LEU A 15 -0.82 -2.99 6.72
C LEU A 15 -0.49 -1.80 7.61
N GLU A 16 -0.36 -2.04 8.91
CA GLU A 16 -0.03 -0.98 9.86
C GLU A 16 1.29 -0.33 9.50
N GLU A 17 2.27 -1.14 9.13
CA GLU A 17 3.60 -0.65 8.76
C GLU A 17 3.53 0.18 7.48
N LEU A 18 2.69 -0.25 6.55
CA LEU A 18 2.54 0.44 5.27
C LEU A 18 1.94 1.82 5.48
N GLN A 19 0.81 1.88 6.17
CA GLN A 19 0.14 3.15 6.43
C GLN A 19 1.06 4.10 7.20
N GLN A 20 1.69 3.58 8.24
CA GLN A 20 2.60 4.39 9.06
C GLN A 20 3.71 4.98 8.21
N ASN A 21 4.31 4.16 7.35
CA ASN A 21 5.39 4.61 6.49
C ASN A 21 4.89 5.67 5.50
N ILE A 22 3.63 5.54 5.09
CA ILE A 22 3.04 6.47 4.15
C ILE A 22 2.94 7.87 4.75
N LYS A 23 2.26 7.97 5.89
CA LYS A 23 2.09 9.24 6.58
C LYS A 23 3.42 9.73 7.14
N LEU A 24 4.35 8.81 7.33
CA LEU A 24 5.67 9.15 7.86
C LEU A 24 6.59 9.66 6.76
N GLU A 25 6.34 9.20 5.54
CA GLU A 25 7.16 9.60 4.39
C GLU A 25 6.37 10.55 3.48
N LEU A 26 5.43 9.99 2.73
CA LEU A 26 4.61 10.78 1.82
C LEU A 26 3.98 11.96 2.55
N GLU A 27 3.33 12.84 1.78
CA GLU A 27 2.68 14.01 2.35
C GLU A 27 1.91 14.78 1.29
N GLY A 28 1.08 15.73 1.72
CA GLY A 28 0.30 16.52 0.79
C GLY A 28 -0.67 15.67 -0.02
N LYS A 29 -0.56 15.74 -1.34
CA LYS A 29 -1.43 14.98 -2.23
C LYS A 29 -0.79 13.66 -2.62
N GLU A 30 -0.24 12.95 -1.64
CA GLU A 30 0.40 11.67 -1.88
C GLU A 30 0.05 10.66 -0.79
N GLN A 31 0.35 11.01 0.45
CA GLN A 31 0.06 10.13 1.57
C GLN A 31 -1.44 9.92 1.74
N GLU A 32 -2.21 10.94 1.37
CA GLU A 32 -3.67 10.88 1.47
C GLU A 32 -4.22 9.75 0.61
N LEU A 33 -3.68 9.62 -0.60
CA LEU A 33 -4.12 8.59 -1.53
C LEU A 33 -3.76 7.20 -1.02
N ALA A 34 -2.49 7.01 -0.69
CA ALA A 34 -2.00 5.73 -0.17
C ALA A 34 -2.80 5.31 1.06
N LEU A 35 -2.89 6.19 2.04
CA LEU A 35 -3.61 5.90 3.27
C LEU A 35 -5.10 5.69 2.99
N GLU A 36 -5.63 6.45 2.04
CA GLU A 36 -7.04 6.34 1.67
C GLU A 36 -7.39 4.91 1.28
N LEU A 37 -6.70 4.38 0.28
CA LEU A 37 -6.94 3.02 -0.19
C LEU A 37 -6.65 2.01 0.92
N LEU A 38 -5.52 2.19 1.60
CA LEU A 38 -5.12 1.29 2.68
C LEU A 38 -6.22 1.21 3.74
N ASN A 39 -6.71 2.36 4.17
CA ASN A 39 -7.76 2.42 5.17
C ASN A 39 -9.09 1.92 4.60
N TYR A 40 -9.28 2.10 3.31
CA TYR A 40 -10.50 1.67 2.65
C TYR A 40 -10.64 0.16 2.67
N LEU A 41 -9.51 -0.53 2.50
CA LEU A 41 -9.50 -2.00 2.50
C LEU A 41 -8.09 -2.53 2.75
N ASN A 42 -7.93 -3.27 3.84
CA ASN A 42 -6.64 -3.84 4.19
C ASN A 42 -6.04 -4.61 3.00
N GLU A 43 -6.84 -5.51 2.43
CA GLU A 43 -6.39 -6.29 1.29
C GLU A 43 -5.83 -5.40 0.18
N LYS A 44 -6.35 -4.18 0.10
CA LYS A 44 -5.90 -3.22 -0.91
C LYS A 44 -4.70 -2.43 -0.40
N GLY A 45 -3.54 -3.06 -0.37
CA GLY A 45 -2.34 -2.39 0.10
C GLY A 45 -1.11 -3.29 0.04
N PHE A 46 -0.80 -3.93 1.16
CA PHE A 46 0.36 -4.83 1.24
C PHE A 46 0.33 -5.84 0.10
N LEU A 47 1.35 -5.79 -0.75
CA LEU A 47 1.45 -6.71 -1.88
C LEU A 47 0.18 -6.67 -2.72
N SER A 48 -0.49 -5.53 -2.72
CA SER A 48 -1.73 -5.35 -3.48
C SER A 48 -1.52 -5.75 -4.94
N LYS A 49 -2.62 -5.77 -5.70
CA LYS A 49 -2.55 -6.12 -7.11
C LYS A 49 -1.68 -5.14 -7.89
N SER A 50 -1.81 -5.15 -9.21
CA SER A 50 -1.03 -4.27 -10.06
C SER A 50 -1.39 -2.81 -9.80
N VAL A 51 -0.43 -1.91 -10.03
CA VAL A 51 -0.64 -0.49 -9.82
C VAL A 51 -1.92 -0.02 -10.50
N GLU A 52 -2.25 -0.63 -11.63
CA GLU A 52 -3.45 -0.28 -12.39
C GLU A 52 -4.71 -0.55 -11.56
N GLU A 53 -4.73 -1.70 -10.89
CA GLU A 53 -5.87 -2.08 -10.06
C GLU A 53 -6.17 -1.01 -9.02
N ILE A 54 -5.21 -0.78 -8.13
CA ILE A 54 -5.38 0.22 -7.08
C ILE A 54 -5.73 1.58 -7.67
N SER A 55 -5.01 1.98 -8.71
CA SER A 55 -5.26 3.26 -9.36
C SER A 55 -6.71 3.37 -9.83
N ASP A 56 -7.16 2.37 -10.57
CA ASP A 56 -8.52 2.35 -11.08
C ASP A 56 -9.53 2.38 -9.93
N VAL A 57 -9.17 1.75 -8.82
CA VAL A 57 -10.03 1.70 -7.64
C VAL A 57 -10.07 3.03 -6.92
N LEU A 58 -8.95 3.75 -6.96
CA LEU A 58 -8.84 5.05 -6.32
C LEU A 58 -9.19 6.17 -7.29
N ARG A 59 -9.49 5.80 -8.53
CA ARG A 59 -9.83 6.78 -9.56
C ARG A 59 -8.74 7.83 -9.70
N CYS A 60 -7.52 7.47 -9.30
CA CYS A 60 -6.38 8.38 -9.38
C CYS A 60 -5.34 7.87 -10.35
N SER A 61 -4.41 8.74 -10.74
CA SER A 61 -3.35 8.37 -11.68
C SER A 61 -2.47 7.27 -11.09
N VAL A 62 -2.02 6.36 -11.95
CA VAL A 62 -1.16 5.26 -11.52
C VAL A 62 0.20 5.77 -11.07
N GLU A 63 0.73 6.74 -11.79
CA GLU A 63 2.04 7.31 -11.47
C GLU A 63 2.11 7.68 -9.99
N GLU A 64 1.10 8.40 -9.50
CA GLU A 64 1.06 8.80 -8.10
C GLU A 64 1.14 7.60 -7.18
N LEU A 65 0.33 6.58 -7.48
CA LEU A 65 0.30 5.36 -6.67
C LEU A 65 1.67 4.69 -6.67
N GLU A 66 2.38 4.78 -7.79
CA GLU A 66 3.70 4.18 -7.91
C GLU A 66 4.72 4.91 -7.02
N LYS A 67 4.65 6.23 -7.03
CA LYS A 67 5.57 7.04 -6.24
C LYS A 67 5.37 6.77 -4.74
N VAL A 68 4.12 6.87 -4.29
CA VAL A 68 3.79 6.64 -2.90
C VAL A 68 4.12 5.21 -2.48
N ARG A 69 3.77 4.26 -3.34
CA ARG A 69 4.02 2.85 -3.07
C ARG A 69 5.53 2.57 -3.04
N GLN A 70 6.25 3.14 -4.00
CA GLN A 70 7.69 2.95 -4.08
C GLN A 70 8.40 3.58 -2.89
N LYS A 71 7.86 4.70 -2.42
CA LYS A 71 8.43 5.41 -1.28
C LYS A 71 8.23 4.63 0.00
N VAL A 72 7.04 4.05 0.16
CA VAL A 72 6.73 3.27 1.35
C VAL A 72 7.27 1.85 1.24
N LEU A 73 7.58 1.43 0.02
CA LEU A 73 8.11 0.10 -0.23
C LEU A 73 9.63 0.10 -0.16
N ARG A 74 10.23 1.25 -0.45
CA ARG A 74 11.69 1.39 -0.42
C ARG A 74 12.25 0.87 0.90
N LEU A 75 11.47 1.00 1.97
CA LEU A 75 11.89 0.54 3.29
C LEU A 75 12.26 -0.94 3.27
N GLU A 76 11.37 -1.76 2.71
CA GLU A 76 11.60 -3.19 2.62
C GLU A 76 12.96 -3.49 1.99
N LYS A 1 10.17 -20.71 -6.74
CA LYS A 1 8.80 -21.18 -6.60
C LYS A 1 8.65 -22.04 -5.33
N GLU A 2 9.65 -22.86 -5.06
CA GLU A 2 9.64 -23.72 -3.90
C GLU A 2 9.72 -22.91 -2.61
N THR A 3 10.52 -21.84 -2.65
CA THR A 3 10.69 -20.97 -1.48
C THR A 3 9.60 -19.90 -1.43
N VAL A 4 8.80 -19.94 -0.38
CA VAL A 4 7.72 -18.97 -0.20
C VAL A 4 8.28 -17.56 -0.02
N PRO A 5 7.45 -16.56 -0.37
CA PRO A 5 7.84 -15.15 -0.26
C PRO A 5 7.94 -14.69 1.20
N TYR A 6 8.08 -13.39 1.38
CA TYR A 6 8.20 -12.82 2.73
C TYR A 6 6.97 -11.97 3.07
N GLN A 7 5.88 -12.20 2.34
CA GLN A 7 4.65 -11.47 2.56
C GLN A 7 3.44 -12.39 2.52
N ILE A 8 3.70 -13.70 2.48
CA ILE A 8 2.63 -14.69 2.43
C ILE A 8 2.81 -15.74 3.53
N PRO A 9 1.80 -15.85 4.40
CA PRO A 9 0.60 -15.03 4.33
C PRO A 9 0.86 -13.57 4.69
N TYR A 10 -0.21 -12.80 4.85
CA TYR A 10 -0.09 -11.40 5.20
C TYR A 10 -0.34 -11.17 6.68
N THR A 11 0.60 -10.51 7.35
CA THR A 11 0.48 -10.23 8.77
C THR A 11 -0.15 -8.86 9.01
N PRO A 12 -0.74 -8.67 10.20
CA PRO A 12 -1.39 -7.42 10.58
C PRO A 12 -0.39 -6.30 10.81
N SER A 13 0.87 -6.66 11.01
CA SER A 13 1.93 -5.68 11.24
C SER A 13 2.30 -4.97 9.95
N GLU A 14 2.16 -5.68 8.83
CA GLU A 14 2.48 -5.11 7.53
C GLU A 14 1.54 -3.95 7.19
N LEU A 15 0.25 -4.17 7.41
CA LEU A 15 -0.75 -3.14 7.13
C LEU A 15 -0.47 -1.87 7.92
N GLU A 16 -0.32 -2.00 9.23
CA GLU A 16 -0.05 -0.87 10.09
C GLU A 16 1.27 -0.20 9.70
N GLU A 17 2.28 -1.01 9.43
CA GLU A 17 3.60 -0.50 9.05
C GLU A 17 3.52 0.25 7.72
N LEU A 18 2.63 -0.19 6.85
CA LEU A 18 2.45 0.43 5.55
C LEU A 18 1.82 1.82 5.68
N GLN A 19 0.67 1.86 6.36
CA GLN A 19 -0.03 3.12 6.57
C GLN A 19 0.85 4.13 7.28
N GLN A 20 1.50 3.69 8.35
CA GLN A 20 2.38 4.56 9.11
C GLN A 20 3.52 5.10 8.25
N ASN A 21 4.21 4.20 7.57
CA ASN A 21 5.32 4.58 6.70
C ASN A 21 4.88 5.63 5.69
N ILE A 22 3.64 5.51 5.23
CA ILE A 22 3.09 6.45 4.26
C ILE A 22 2.88 7.83 4.88
N LYS A 23 2.32 7.85 6.08
CA LYS A 23 2.07 9.10 6.78
C LYS A 23 3.38 9.83 7.08
N LEU A 24 4.42 9.07 7.38
CA LEU A 24 5.74 9.64 7.67
C LEU A 24 6.47 10.02 6.39
N GLU A 25 6.47 9.11 5.43
CA GLU A 25 7.14 9.35 4.15
C GLU A 25 6.30 10.27 3.27
N LEU A 26 5.26 9.71 2.67
CA LEU A 26 4.38 10.47 1.80
C LEU A 26 3.75 11.65 2.54
N GLU A 27 3.23 12.61 1.80
CA GLU A 27 2.60 13.79 2.39
C GLU A 27 1.81 14.57 1.34
N GLY A 28 1.25 15.71 1.76
CA GLY A 28 0.48 16.53 0.84
C GLY A 28 -0.59 15.74 0.12
N LYS A 29 -0.45 15.63 -1.20
CA LYS A 29 -1.41 14.89 -2.01
C LYS A 29 -0.84 13.54 -2.44
N GLU A 30 -0.28 12.80 -1.49
CA GLU A 30 0.29 11.50 -1.78
C GLU A 30 -0.08 10.48 -0.70
N GLN A 31 0.12 10.87 0.56
CA GLN A 31 -0.20 9.99 1.68
C GLN A 31 -1.71 9.78 1.80
N GLU A 32 -2.47 10.78 1.38
CA GLU A 32 -3.93 10.71 1.44
C GLU A 32 -4.44 9.56 0.57
N LEU A 33 -3.95 9.49 -0.66
CA LEU A 33 -4.37 8.44 -1.58
C LEU A 33 -4.00 7.06 -1.04
N ALA A 34 -2.74 6.88 -0.70
CA ALA A 34 -2.26 5.61 -0.16
C ALA A 34 -3.06 5.19 1.06
N LEU A 35 -3.10 6.07 2.06
CA LEU A 35 -3.83 5.79 3.29
C LEU A 35 -5.31 5.53 3.00
N GLU A 36 -5.87 6.33 2.08
CA GLU A 36 -7.27 6.18 1.71
C GLU A 36 -7.60 4.74 1.34
N LEU A 37 -6.91 4.24 0.32
CA LEU A 37 -7.13 2.86 -0.14
C LEU A 37 -6.76 1.86 0.95
N LEU A 38 -5.75 2.20 1.75
CA LEU A 38 -5.31 1.33 2.83
C LEU A 38 -6.42 1.12 3.86
N ASN A 39 -7.13 2.21 4.19
CA ASN A 39 -8.23 2.14 5.15
C ASN A 39 -9.45 1.48 4.53
N TYR A 40 -9.69 1.76 3.25
CA TYR A 40 -10.83 1.19 2.55
C TYR A 40 -10.67 -0.31 2.36
N LEU A 41 -9.42 -0.75 2.25
CA LEU A 41 -9.13 -2.17 2.06
C LEU A 41 -7.65 -2.46 2.33
N ASN A 42 -7.36 -2.90 3.55
CA ASN A 42 -5.99 -3.22 3.93
C ASN A 42 -5.37 -4.23 2.97
N GLU A 43 -6.17 -5.22 2.57
CA GLU A 43 -5.70 -6.25 1.66
C GLU A 43 -5.28 -5.65 0.32
N LYS A 44 -5.73 -4.42 0.07
CA LYS A 44 -5.40 -3.72 -1.17
C LYS A 44 -4.19 -2.82 -0.97
N GLY A 45 -3.37 -3.13 0.03
CA GLY A 45 -2.19 -2.34 0.30
C GLY A 45 -0.91 -3.16 0.24
N PHE A 46 -0.59 -3.80 1.36
CA PHE A 46 0.62 -4.62 1.43
C PHE A 46 0.69 -5.59 0.24
N LEU A 47 -0.29 -6.47 0.13
CA LEU A 47 -0.33 -7.44 -0.95
C LEU A 47 -1.26 -6.97 -2.07
N SER A 48 -1.42 -5.65 -2.18
CA SER A 48 -2.28 -5.07 -3.20
C SER A 48 -1.92 -5.61 -4.59
N LYS A 49 -2.75 -5.29 -5.57
CA LYS A 49 -2.53 -5.75 -6.94
C LYS A 49 -1.61 -4.78 -7.69
N SER A 50 -1.66 -4.84 -9.02
CA SER A 50 -0.82 -3.98 -9.84
C SER A 50 -1.18 -2.51 -9.63
N VAL A 51 -0.23 -1.63 -9.90
CA VAL A 51 -0.44 -0.20 -9.74
C VAL A 51 -1.72 0.25 -10.45
N GLU A 52 -1.98 -0.35 -11.61
CA GLU A 52 -3.17 -0.01 -12.39
C GLU A 52 -4.44 -0.28 -11.59
N GLU A 53 -4.43 -1.37 -10.82
CA GLU A 53 -5.58 -1.75 -10.00
C GLU A 53 -5.90 -0.66 -8.97
N ILE A 54 -4.93 -0.38 -8.10
CA ILE A 54 -5.11 0.64 -7.07
C ILE A 54 -5.52 1.97 -7.68
N SER A 55 -4.84 2.36 -8.75
CA SER A 55 -5.14 3.62 -9.42
C SER A 55 -6.58 3.64 -9.94
N ASP A 56 -7.00 2.51 -10.52
CA ASP A 56 -8.34 2.40 -11.05
C ASP A 56 -9.38 2.44 -9.94
N VAL A 57 -9.01 1.92 -8.77
CA VAL A 57 -9.91 1.88 -7.62
C VAL A 57 -10.00 3.27 -6.97
N LEU A 58 -8.90 4.00 -6.99
CA LEU A 58 -8.86 5.34 -6.41
C LEU A 58 -9.24 6.40 -7.44
N ARG A 59 -9.39 5.97 -8.69
CA ARG A 59 -9.75 6.88 -9.77
C ARG A 59 -8.67 7.94 -9.98
N CYS A 60 -7.49 7.67 -9.43
CA CYS A 60 -6.36 8.60 -9.55
C CYS A 60 -5.33 8.08 -10.53
N SER A 61 -4.41 8.95 -10.95
CA SER A 61 -3.36 8.57 -11.89
C SER A 61 -2.49 7.47 -11.30
N VAL A 62 -2.05 6.56 -12.17
CA VAL A 62 -1.20 5.45 -11.74
C VAL A 62 0.16 5.95 -11.29
N GLU A 63 0.68 6.96 -11.97
CA GLU A 63 1.98 7.53 -11.64
C GLU A 63 2.08 7.81 -10.14
N GLU A 64 1.08 8.51 -9.61
CA GLU A 64 1.07 8.84 -8.19
C GLU A 64 1.13 7.58 -7.33
N LEU A 65 0.29 6.60 -7.66
CA LEU A 65 0.26 5.34 -6.93
C LEU A 65 1.62 4.65 -6.95
N GLU A 66 2.32 4.78 -8.07
CA GLU A 66 3.63 4.16 -8.22
C GLU A 66 4.66 4.84 -7.31
N LYS A 67 4.62 6.17 -7.27
CA LYS A 67 5.54 6.93 -6.43
C LYS A 67 5.35 6.59 -4.97
N VAL A 68 4.11 6.68 -4.49
CA VAL A 68 3.80 6.38 -3.11
C VAL A 68 4.17 4.94 -2.76
N ARG A 69 3.86 4.02 -3.66
CA ARG A 69 4.16 2.61 -3.44
C ARG A 69 5.67 2.38 -3.42
N GLN A 70 6.38 3.01 -4.34
CA GLN A 70 7.83 2.87 -4.42
C GLN A 70 8.50 3.49 -3.20
N LYS A 71 7.93 4.57 -2.69
CA LYS A 71 8.47 5.25 -1.53
C LYS A 71 8.29 4.41 -0.27
N VAL A 72 7.14 3.73 -0.18
CA VAL A 72 6.85 2.88 0.97
C VAL A 72 7.45 1.50 0.80
N LEU A 73 7.78 1.14 -0.44
CA LEU A 73 8.36 -0.16 -0.74
C LEU A 73 9.88 -0.10 -0.68
N ARG A 74 10.44 1.09 -0.89
CA ARG A 74 11.88 1.28 -0.85
C ARG A 74 12.45 0.83 0.49
N LEU A 75 11.61 0.82 1.51
CA LEU A 75 12.04 0.41 2.85
C LEU A 75 12.49 -1.05 2.85
N GLU A 76 11.69 -1.91 2.23
CA GLU A 76 12.01 -3.33 2.16
C GLU A 76 13.38 -3.55 1.52
N LYS A 1 8.70 -27.88 2.54
CA LYS A 1 7.65 -26.89 2.76
C LYS A 1 6.66 -27.36 3.82
N GLU A 2 7.17 -28.09 4.81
CA GLU A 2 6.33 -28.60 5.89
C GLU A 2 5.63 -27.45 6.62
N THR A 3 6.38 -26.70 7.41
CA THR A 3 5.83 -25.58 8.16
C THR A 3 5.69 -24.35 7.29
N VAL A 4 4.77 -23.47 7.65
CA VAL A 4 4.53 -22.24 6.90
C VAL A 4 4.92 -21.01 7.71
N PRO A 5 5.23 -19.91 7.01
CA PRO A 5 5.63 -18.66 7.65
C PRO A 5 4.47 -17.98 8.37
N TYR A 6 4.69 -16.75 8.81
CA TYR A 6 3.66 -15.99 9.52
C TYR A 6 3.22 -14.77 8.71
N GLN A 7 4.04 -14.39 7.74
CA GLN A 7 3.74 -13.24 6.90
C GLN A 7 3.00 -13.67 5.63
N ILE A 8 2.43 -14.89 5.67
CA ILE A 8 1.70 -15.41 4.53
C ILE A 8 0.32 -15.89 4.93
N PRO A 9 -0.71 -15.48 4.16
CA PRO A 9 -0.51 -14.62 2.98
C PRO A 9 -0.09 -13.20 3.37
N TYR A 10 -0.83 -12.60 4.30
CA TYR A 10 -0.54 -11.25 4.76
C TYR A 10 -0.68 -11.13 6.27
N THR A 11 0.16 -10.31 6.88
CA THR A 11 0.14 -10.11 8.32
C THR A 11 -0.50 -8.77 8.68
N PRO A 12 -1.04 -8.68 9.91
CA PRO A 12 -1.70 -7.47 10.40
C PRO A 12 -0.70 -6.34 10.66
N SER A 13 0.56 -6.71 10.89
CA SER A 13 1.60 -5.72 11.14
C SER A 13 2.01 -5.01 9.85
N GLU A 14 1.92 -5.72 8.74
CA GLU A 14 2.26 -5.15 7.44
C GLU A 14 1.42 -3.92 7.14
N LEU A 15 0.11 -4.04 7.34
CA LEU A 15 -0.80 -2.94 7.10
C LEU A 15 -0.44 -1.72 7.94
N GLU A 16 -0.27 -1.93 9.24
CA GLU A 16 0.08 -0.84 10.15
C GLU A 16 1.40 -0.20 9.74
N GLU A 17 2.36 -1.03 9.33
CA GLU A 17 3.67 -0.54 8.92
C GLU A 17 3.57 0.24 7.61
N LEU A 18 2.68 -0.21 6.73
CA LEU A 18 2.49 0.44 5.44
C LEU A 18 1.89 1.84 5.62
N GLN A 19 0.79 1.92 6.36
CA GLN A 19 0.12 3.19 6.61
C GLN A 19 1.07 4.16 7.31
N GLN A 20 1.75 3.67 8.35
CA GLN A 20 2.68 4.50 9.10
C GLN A 20 3.76 5.07 8.20
N ASN A 21 4.34 4.22 7.37
CA ASN A 21 5.40 4.63 6.45
C ASN A 21 4.87 5.63 5.43
N ILE A 22 3.60 5.51 5.08
CA ILE A 22 2.96 6.40 4.12
C ILE A 22 2.88 7.81 4.67
N LYS A 23 2.24 7.96 5.84
CA LYS A 23 2.09 9.26 6.47
C LYS A 23 3.43 9.77 6.99
N LEU A 24 4.37 8.85 7.19
CA LEU A 24 5.70 9.22 7.68
C LEU A 24 6.60 9.66 6.53
N GLU A 25 6.34 9.13 5.34
CA GLU A 25 7.12 9.47 4.16
C GLU A 25 6.35 10.43 3.25
N LEU A 26 5.34 9.89 2.57
CA LEU A 26 4.52 10.69 1.66
C LEU A 26 3.94 11.90 2.38
N GLU A 27 3.19 12.72 1.64
CA GLU A 27 2.57 13.91 2.21
C GLU A 27 1.75 14.65 1.16
N GLY A 28 1.17 15.77 1.56
CA GLY A 28 0.37 16.56 0.64
C GLY A 28 -0.70 15.73 -0.06
N LYS A 29 -0.55 15.56 -1.36
CA LYS A 29 -1.51 14.78 -2.14
C LYS A 29 -0.92 13.44 -2.55
N GLU A 30 -0.22 12.79 -1.63
CA GLU A 30 0.41 11.50 -1.89
C GLU A 30 0.04 10.49 -0.80
N GLN A 31 0.29 10.86 0.45
CA GLN A 31 -0.01 9.98 1.58
C GLN A 31 -1.51 9.78 1.72
N GLU A 32 -2.29 10.78 1.32
CA GLU A 32 -3.74 10.70 1.41
C GLU A 32 -4.27 9.52 0.60
N LEU A 33 -3.89 9.45 -0.66
CA LEU A 33 -4.32 8.37 -1.53
C LEU A 33 -3.90 7.02 -0.98
N ALA A 34 -2.61 6.89 -0.68
CA ALA A 34 -2.08 5.64 -0.14
C ALA A 34 -2.86 5.21 1.10
N LEU A 35 -2.92 6.09 2.10
CA LEU A 35 -3.63 5.80 3.33
C LEU A 35 -5.11 5.54 3.07
N GLU A 36 -5.66 6.27 2.10
CA GLU A 36 -7.07 6.12 1.74
C GLU A 36 -7.39 4.67 1.38
N LEU A 37 -6.73 4.16 0.35
CA LEU A 37 -6.95 2.79 -0.09
C LEU A 37 -6.61 1.80 1.02
N LEU A 38 -5.55 2.08 1.76
CA LEU A 38 -5.12 1.21 2.86
C LEU A 38 -6.23 1.07 3.90
N ASN A 39 -6.71 2.20 4.39
CA ASN A 39 -7.77 2.21 5.40
C ASN A 39 -9.08 1.71 4.79
N TYR A 40 -9.26 1.93 3.50
CA TYR A 40 -10.47 1.50 2.81
C TYR A 40 -10.56 -0.01 2.77
N LEU A 41 -9.43 -0.67 2.55
CA LEU A 41 -9.40 -2.14 2.49
C LEU A 41 -7.97 -2.64 2.69
N ASN A 42 -7.69 -3.17 3.88
CA ASN A 42 -6.37 -3.70 4.18
C ASN A 42 -5.92 -4.70 3.13
N GLU A 43 -6.86 -5.52 2.66
CA GLU A 43 -6.56 -6.53 1.64
C GLU A 43 -5.86 -5.90 0.45
N LYS A 44 -6.18 -4.64 0.17
CA LYS A 44 -5.57 -3.92 -0.95
C LYS A 44 -4.56 -2.91 -0.46
N GLY A 45 -3.29 -3.29 -0.46
CA GLY A 45 -2.24 -2.39 -0.01
C GLY A 45 -0.89 -3.07 0.07
N PHE A 46 -0.60 -3.68 1.22
CA PHE A 46 0.67 -4.37 1.42
C PHE A 46 0.97 -5.31 0.26
N LEU A 47 0.03 -6.19 -0.04
CA LEU A 47 0.19 -7.14 -1.14
C LEU A 47 -0.80 -6.85 -2.26
N SER A 48 -1.26 -5.61 -2.35
CA SER A 48 -2.21 -5.21 -3.38
C SER A 48 -1.71 -5.61 -4.76
N LYS A 49 -2.58 -5.46 -5.76
CA LYS A 49 -2.23 -5.80 -7.14
C LYS A 49 -1.29 -4.77 -7.73
N SER A 50 -1.22 -4.73 -9.07
CA SER A 50 -0.35 -3.79 -9.76
C SER A 50 -0.80 -2.35 -9.50
N VAL A 51 0.10 -1.40 -9.77
CA VAL A 51 -0.20 0.01 -9.57
C VAL A 51 -1.46 0.43 -10.32
N GLU A 52 -1.68 -0.20 -11.48
CA GLU A 52 -2.85 0.11 -12.29
C GLU A 52 -4.14 -0.20 -11.53
N GLU A 53 -4.21 -1.39 -10.95
CA GLU A 53 -5.38 -1.81 -10.20
C GLU A 53 -5.76 -0.76 -9.16
N ILE A 54 -4.87 -0.51 -8.21
CA ILE A 54 -5.11 0.47 -7.17
C ILE A 54 -5.49 1.82 -7.76
N SER A 55 -4.79 2.21 -8.83
CA SER A 55 -5.05 3.48 -9.49
C SER A 55 -6.49 3.55 -9.98
N ASP A 56 -6.96 2.48 -10.60
CA ASP A 56 -8.32 2.42 -11.12
C ASP A 56 -9.34 2.46 -9.98
N VAL A 57 -9.01 1.78 -8.88
CA VAL A 57 -9.89 1.73 -7.71
C VAL A 57 -9.92 3.07 -7.00
N LEU A 58 -8.79 3.78 -7.01
CA LEU A 58 -8.69 5.08 -6.36
C LEU A 58 -9.09 6.20 -7.31
N ARG A 59 -9.27 5.85 -8.59
CA ARG A 59 -9.65 6.83 -9.60
C ARG A 59 -8.58 7.90 -9.75
N CYS A 60 -7.38 7.61 -9.26
CA CYS A 60 -6.27 8.55 -9.32
C CYS A 60 -5.24 8.09 -10.35
N SER A 61 -4.35 9.01 -10.72
CA SER A 61 -3.30 8.70 -11.70
C SER A 61 -2.40 7.59 -11.19
N VAL A 62 -1.96 6.73 -12.11
CA VAL A 62 -1.09 5.61 -11.76
C VAL A 62 0.27 6.12 -11.28
N GLU A 63 0.78 7.15 -11.96
CA GLU A 63 2.08 7.72 -11.61
C GLU A 63 2.14 8.04 -10.12
N GLU A 64 1.06 8.63 -9.61
CA GLU A 64 0.99 8.99 -8.19
C GLU A 64 1.00 7.76 -7.31
N LEU A 65 0.08 6.83 -7.57
CA LEU A 65 -0.02 5.61 -6.80
C LEU A 65 1.28 4.82 -6.85
N GLU A 66 2.00 4.95 -7.97
CA GLU A 66 3.28 4.26 -8.13
C GLU A 66 4.37 4.90 -7.28
N LYS A 67 4.43 6.23 -7.31
CA LYS A 67 5.42 6.97 -6.54
C LYS A 67 5.25 6.72 -5.04
N VAL A 68 4.00 6.67 -4.59
CA VAL A 68 3.70 6.43 -3.19
C VAL A 68 3.96 4.96 -2.81
N ARG A 69 3.58 4.06 -3.71
CA ARG A 69 3.77 2.64 -3.47
C ARG A 69 5.25 2.29 -3.37
N GLN A 70 6.04 2.84 -4.29
CA GLN A 70 7.48 2.58 -4.30
C GLN A 70 8.17 3.27 -3.13
N LYS A 71 7.66 4.44 -2.75
CA LYS A 71 8.23 5.20 -1.65
C LYS A 71 7.99 4.48 -0.33
N VAL A 72 6.84 3.82 -0.21
CA VAL A 72 6.49 3.09 1.00
C VAL A 72 7.01 1.66 0.95
N LEU A 73 7.23 1.16 -0.26
CA LEU A 73 7.72 -0.20 -0.45
C LEU A 73 9.25 -0.24 -0.35
N ARG A 74 9.88 0.90 -0.64
CA ARG A 74 11.33 0.98 -0.59
C ARG A 74 11.86 0.61 0.79
N LEU A 75 11.00 0.72 1.80
CA LEU A 75 11.37 0.40 3.17
C LEU A 75 11.85 -1.04 3.28
N GLU A 76 11.17 -1.94 2.57
CA GLU A 76 11.53 -3.35 2.59
C GLU A 76 12.23 -3.75 1.29
N LYS A 1 13.21 -22.74 3.34
CA LYS A 1 12.10 -22.83 4.29
C LYS A 1 11.16 -23.98 3.93
N GLU A 2 10.70 -24.70 4.94
CA GLU A 2 9.80 -25.83 4.73
C GLU A 2 8.36 -25.43 5.01
N THR A 3 8.04 -25.28 6.30
CA THR A 3 6.68 -24.91 6.71
C THR A 3 6.25 -23.61 6.04
N VAL A 4 4.96 -23.31 6.12
CA VAL A 4 4.41 -22.10 5.52
C VAL A 4 4.96 -20.86 6.21
N PRO A 5 4.97 -19.74 5.49
CA PRO A 5 5.46 -18.46 6.01
C PRO A 5 4.55 -17.88 7.08
N TYR A 6 4.79 -16.62 7.44
CA TYR A 6 4.00 -15.95 8.46
C TYR A 6 3.28 -14.74 7.87
N GLN A 7 3.76 -14.28 6.72
CA GLN A 7 3.18 -13.11 6.05
C GLN A 7 2.17 -13.55 5.00
N ILE A 8 1.59 -14.74 5.18
CA ILE A 8 0.62 -15.27 4.24
C ILE A 8 -0.65 -15.72 4.96
N PRO A 9 -1.80 -15.32 4.43
CA PRO A 9 -1.88 -14.49 3.22
C PRO A 9 -1.38 -13.06 3.47
N TYR A 10 -1.90 -12.44 4.52
CA TYR A 10 -1.52 -11.07 4.85
C TYR A 10 -1.37 -10.91 6.37
N THR A 11 -0.34 -10.17 6.77
CA THR A 11 -0.07 -9.94 8.19
C THR A 11 -0.46 -8.52 8.60
N PRO A 12 -0.76 -8.34 9.89
CA PRO A 12 -1.15 -7.03 10.43
C PRO A 12 0.02 -6.05 10.47
N SER A 13 1.19 -6.55 10.88
CA SER A 13 2.38 -5.71 10.96
C SER A 13 2.65 -5.01 9.63
N GLU A 14 2.42 -5.74 8.53
CA GLU A 14 2.63 -5.19 7.20
C GLU A 14 1.68 -4.04 6.91
N LEU A 15 0.38 -4.29 7.11
CA LEU A 15 -0.64 -3.27 6.88
C LEU A 15 -0.38 -2.03 7.73
N GLU A 16 -0.19 -2.24 9.03
CA GLU A 16 0.06 -1.14 9.96
C GLU A 16 1.34 -0.41 9.57
N GLU A 17 2.38 -1.17 9.20
CA GLU A 17 3.65 -0.59 8.81
C GLU A 17 3.52 0.20 7.52
N LEU A 18 2.63 -0.25 6.64
CA LEU A 18 2.41 0.42 5.36
C LEU A 18 1.75 1.78 5.56
N GLN A 19 0.63 1.78 6.29
CA GLN A 19 -0.10 3.01 6.55
C GLN A 19 0.78 4.01 7.30
N GLN A 20 1.48 3.54 8.31
CA GLN A 20 2.35 4.40 9.11
C GLN A 20 3.46 4.98 8.24
N ASN A 21 4.09 4.13 7.44
CA ASN A 21 5.18 4.56 6.57
C ASN A 21 4.68 5.57 5.54
N ILE A 22 3.42 5.43 5.15
CA ILE A 22 2.83 6.34 4.18
C ILE A 22 2.64 7.73 4.76
N LYS A 23 1.92 7.81 5.88
CA LYS A 23 1.67 9.08 6.55
C LYS A 23 2.97 9.68 7.09
N LEU A 24 3.95 8.82 7.32
CA LEU A 24 5.24 9.25 7.84
C LEU A 24 6.15 9.74 6.72
N GLU A 25 6.18 8.99 5.62
CA GLU A 25 7.00 9.34 4.47
C GLU A 25 6.26 10.32 3.55
N LEU A 26 5.32 9.79 2.78
CA LEU A 26 4.54 10.61 1.85
C LEU A 26 3.92 11.81 2.58
N GLU A 27 3.34 12.72 1.80
CA GLU A 27 2.72 13.91 2.37
C GLU A 27 1.93 14.66 1.30
N GLY A 28 1.36 15.81 1.69
CA GLY A 28 0.58 16.60 0.76
C GLY A 28 -0.49 15.80 0.06
N LYS A 29 -0.39 15.70 -1.26
CA LYS A 29 -1.37 14.95 -2.05
C LYS A 29 -0.79 13.61 -2.48
N GLU A 30 -0.10 12.94 -1.56
CA GLU A 30 0.50 11.64 -1.85
C GLU A 30 0.08 10.61 -0.80
N GLN A 31 0.36 10.91 0.46
CA GLN A 31 0.02 10.01 1.56
C GLN A 31 -1.49 9.83 1.66
N GLU A 32 -2.23 10.85 1.28
CA GLU A 32 -3.70 10.80 1.33
C GLU A 32 -4.22 9.62 0.49
N LEU A 33 -3.80 9.56 -0.77
CA LEU A 33 -4.23 8.50 -1.67
C LEU A 33 -3.83 7.13 -1.12
N ALA A 34 -2.55 6.98 -0.80
CA ALA A 34 -2.04 5.72 -0.26
C ALA A 34 -2.83 5.30 0.98
N LEU A 35 -2.85 6.17 1.99
CA LEU A 35 -3.56 5.88 3.23
C LEU A 35 -5.05 5.67 2.96
N GLU A 36 -5.58 6.38 1.97
CA GLU A 36 -6.98 6.26 1.62
C GLU A 36 -7.35 4.82 1.26
N LEU A 37 -6.72 4.31 0.21
CA LEU A 37 -6.97 2.94 -0.23
C LEU A 37 -6.68 1.94 0.88
N LEU A 38 -5.59 2.19 1.61
CA LEU A 38 -5.20 1.31 2.71
C LEU A 38 -6.29 1.25 3.78
N ASN A 39 -6.80 2.42 4.16
CA ASN A 39 -7.85 2.50 5.18
C ASN A 39 -9.18 1.99 4.63
N TYR A 40 -9.39 2.19 3.33
CA TYR A 40 -10.62 1.74 2.68
C TYR A 40 -10.62 0.23 2.50
N LEU A 41 -9.42 -0.35 2.39
CA LEU A 41 -9.28 -1.79 2.20
C LEU A 41 -7.86 -2.24 2.52
N ASN A 42 -7.63 -2.57 3.78
CA ASN A 42 -6.31 -3.03 4.23
C ASN A 42 -5.83 -4.20 3.37
N GLU A 43 -6.76 -5.04 2.94
CA GLU A 43 -6.44 -6.19 2.13
C GLU A 43 -5.75 -5.76 0.83
N LYS A 44 -6.01 -4.53 0.41
CA LYS A 44 -5.41 -4.00 -0.81
C LYS A 44 -4.38 -2.92 -0.49
N GLY A 45 -3.11 -3.34 -0.37
CA GLY A 45 -2.05 -2.41 -0.06
C GLY A 45 -0.69 -3.08 0.01
N PHE A 46 -0.40 -3.70 1.14
CA PHE A 46 0.88 -4.38 1.33
C PHE A 46 1.18 -5.31 0.16
N LEU A 47 0.20 -6.13 -0.21
CA LEU A 47 0.36 -7.07 -1.32
C LEU A 47 -0.77 -6.92 -2.32
N SER A 48 -1.31 -5.70 -2.42
CA SER A 48 -2.40 -5.42 -3.35
C SER A 48 -2.03 -5.85 -4.77
N LYS A 49 -2.99 -5.76 -5.69
CA LYS A 49 -2.77 -6.14 -7.07
C LYS A 49 -1.79 -5.17 -7.75
N SER A 50 -1.78 -5.20 -9.07
CA SER A 50 -0.90 -4.33 -9.84
C SER A 50 -1.24 -2.85 -9.61
N VAL A 51 -0.26 -1.98 -9.78
CA VAL A 51 -0.46 -0.54 -9.59
C VAL A 51 -1.67 -0.06 -10.36
N GLU A 52 -1.88 -0.63 -11.55
CA GLU A 52 -3.00 -0.24 -12.40
C GLU A 52 -4.33 -0.52 -11.70
N GLU A 53 -4.40 -1.66 -11.01
CA GLU A 53 -5.60 -2.04 -10.29
C GLU A 53 -5.97 -1.01 -9.23
N ILE A 54 -5.04 -0.78 -8.31
CA ILE A 54 -5.26 0.18 -7.24
C ILE A 54 -5.64 1.55 -7.80
N SER A 55 -4.86 2.03 -8.75
CA SER A 55 -5.12 3.32 -9.37
C SER A 55 -6.56 3.42 -9.86
N ASP A 56 -6.99 2.40 -10.59
CA ASP A 56 -8.35 2.36 -11.11
C ASP A 56 -9.37 2.35 -9.98
N VAL A 57 -9.05 1.67 -8.89
CA VAL A 57 -9.93 1.58 -7.75
C VAL A 57 -10.03 2.91 -7.02
N LEU A 58 -8.92 3.67 -7.03
CA LEU A 58 -8.89 4.97 -6.38
C LEU A 58 -9.25 6.09 -7.35
N ARG A 59 -9.45 5.72 -8.61
CA ARG A 59 -9.80 6.69 -9.64
C ARG A 59 -8.76 7.80 -9.73
N CYS A 60 -7.57 7.52 -9.21
CA CYS A 60 -6.49 8.50 -9.24
C CYS A 60 -5.40 8.08 -10.23
N SER A 61 -4.51 9.02 -10.56
CA SER A 61 -3.44 8.75 -11.50
C SER A 61 -2.51 7.67 -10.97
N VAL A 62 -2.04 6.81 -11.88
CA VAL A 62 -1.14 5.72 -11.51
C VAL A 62 0.23 6.26 -11.10
N GLU A 63 0.68 7.30 -11.80
CA GLU A 63 1.98 7.89 -11.52
C GLU A 63 2.12 8.22 -10.03
N GLU A 64 1.08 8.81 -9.47
CA GLU A 64 1.09 9.17 -8.05
C GLU A 64 1.11 7.92 -7.17
N LEU A 65 0.34 6.91 -7.57
CA LEU A 65 0.28 5.66 -6.82
C LEU A 65 1.59 4.88 -6.92
N GLU A 66 2.29 5.07 -8.04
CA GLU A 66 3.56 4.39 -8.26
C GLU A 66 4.66 4.99 -7.40
N LYS A 67 4.74 6.32 -7.40
CA LYS A 67 5.75 7.02 -6.61
C LYS A 67 5.55 6.76 -5.12
N VAL A 68 4.30 6.84 -4.66
CA VAL A 68 3.98 6.61 -3.26
C VAL A 68 4.22 5.15 -2.88
N ARG A 69 3.84 4.24 -3.77
CA ARG A 69 4.00 2.82 -3.52
C ARG A 69 5.49 2.46 -3.36
N GLN A 70 6.32 3.03 -4.23
CA GLN A 70 7.75 2.77 -4.19
C GLN A 70 8.39 3.42 -2.96
N LYS A 71 7.87 4.59 -2.59
CA LYS A 71 8.39 5.32 -1.43
C LYS A 71 8.09 4.56 -0.13
N VAL A 72 6.95 3.88 -0.11
CA VAL A 72 6.55 3.12 1.07
C VAL A 72 7.09 1.69 1.01
N LEU A 73 7.32 1.20 -0.20
CA LEU A 73 7.83 -0.15 -0.39
C LEU A 73 9.34 -0.19 -0.22
N ARG A 74 9.99 0.94 -0.49
CA ARG A 74 11.43 1.05 -0.36
C ARG A 74 11.88 0.80 1.08
N LEU A 75 10.93 0.92 2.00
CA LEU A 75 11.22 0.71 3.42
C LEU A 75 11.67 -0.72 3.68
N GLU A 76 10.92 -1.67 3.14
CA GLU A 76 11.24 -3.10 3.31
C GLU A 76 12.69 -3.37 2.90
N LYS A 1 2.41 -32.93 2.44
CA LYS A 1 1.99 -31.65 2.98
C LYS A 1 3.20 -30.78 3.34
N GLU A 2 2.99 -29.47 3.41
CA GLU A 2 4.06 -28.54 3.73
C GLU A 2 3.53 -27.35 4.52
N THR A 3 4.18 -27.06 5.65
CA THR A 3 3.77 -25.95 6.50
C THR A 3 3.65 -24.66 5.70
N VAL A 4 2.84 -23.73 6.20
CA VAL A 4 2.63 -22.45 5.53
C VAL A 4 3.21 -21.30 6.36
N PRO A 5 3.54 -20.19 5.67
CA PRO A 5 4.10 -19.01 6.31
C PRO A 5 3.09 -18.28 7.20
N TYR A 6 3.45 -17.08 7.63
CA TYR A 6 2.57 -16.29 8.49
C TYR A 6 2.15 -14.99 7.80
N GLN A 7 2.92 -14.61 6.78
CA GLN A 7 2.63 -13.39 6.02
C GLN A 7 1.76 -13.69 4.81
N ILE A 8 1.06 -14.82 4.85
CA ILE A 8 0.19 -15.22 3.75
C ILE A 8 -1.21 -15.54 4.24
N PRO A 9 -2.23 -14.99 3.56
CA PRO A 9 -2.01 -14.13 2.39
C PRO A 9 -1.41 -12.78 2.78
N TYR A 10 -2.02 -12.13 3.77
CA TYR A 10 -1.54 -10.82 4.22
C TYR A 10 -1.60 -10.74 5.74
N THR A 11 -0.58 -10.10 6.33
CA THR A 11 -0.51 -9.94 7.77
C THR A 11 -0.86 -8.52 8.19
N PRO A 12 -1.31 -8.36 9.44
CA PRO A 12 -1.68 -7.05 9.99
C PRO A 12 -0.47 -6.15 10.21
N SER A 13 0.62 -6.74 10.68
CA SER A 13 1.85 -5.99 10.94
C SER A 13 2.26 -5.20 9.71
N GLU A 14 2.20 -5.83 8.54
CA GLU A 14 2.56 -5.19 7.29
C GLU A 14 1.62 -4.03 6.98
N LEU A 15 0.34 -4.23 7.27
CA LEU A 15 -0.67 -3.20 7.02
C LEU A 15 -0.36 -1.93 7.80
N GLU A 16 -0.14 -2.09 9.10
CA GLU A 16 0.17 -0.95 9.96
C GLU A 16 1.47 -0.27 9.53
N GLU A 17 2.47 -1.08 9.18
CA GLU A 17 3.75 -0.55 8.75
C GLU A 17 3.62 0.20 7.42
N LEU A 18 2.71 -0.27 6.57
CA LEU A 18 2.49 0.37 5.28
C LEU A 18 1.87 1.75 5.45
N GLN A 19 0.77 1.81 6.19
CA GLN A 19 0.08 3.08 6.42
C GLN A 19 1.01 4.07 7.12
N GLN A 20 1.69 3.60 8.15
CA GLN A 20 2.62 4.46 8.91
C GLN A 20 3.71 5.01 8.01
N ASN A 21 4.28 4.14 7.18
CA ASN A 21 5.34 4.55 6.26
C ASN A 21 4.83 5.58 5.26
N ILE A 22 3.56 5.45 4.87
CA ILE A 22 2.95 6.36 3.93
C ILE A 22 2.86 7.78 4.50
N LYS A 23 2.21 7.90 5.65
CA LYS A 23 2.06 9.20 6.31
C LYS A 23 3.41 9.70 6.83
N LEU A 24 4.35 8.78 7.02
CA LEU A 24 5.68 9.13 7.51
C LEU A 24 6.58 9.60 6.36
N GLU A 25 6.33 9.08 5.17
CA GLU A 25 7.12 9.45 3.99
C GLU A 25 6.33 10.39 3.09
N LEU A 26 5.34 9.84 2.39
CA LEU A 26 4.50 10.63 1.49
C LEU A 26 3.91 11.83 2.22
N GLU A 27 3.22 12.69 1.46
CA GLU A 27 2.60 13.87 2.03
C GLU A 27 1.74 14.60 0.99
N GLY A 28 1.10 15.69 1.40
CA GLY A 28 0.27 16.45 0.49
C GLY A 28 -0.74 15.58 -0.23
N LYS A 29 -0.66 15.56 -1.56
CA LYS A 29 -1.58 14.77 -2.36
C LYS A 29 -0.94 13.46 -2.79
N GLU A 30 -0.36 12.75 -1.83
CA GLU A 30 0.30 11.48 -2.10
C GLU A 30 -0.01 10.46 -1.00
N GLN A 31 0.21 10.87 0.25
CA GLN A 31 -0.04 9.99 1.39
C GLN A 31 -1.53 9.76 1.58
N GLU A 32 -2.33 10.76 1.21
CA GLU A 32 -3.79 10.66 1.34
C GLU A 32 -4.33 9.51 0.49
N LEU A 33 -3.86 9.42 -0.75
CA LEU A 33 -4.30 8.38 -1.66
C LEU A 33 -3.91 7.00 -1.14
N ALA A 34 -2.62 6.83 -0.84
CA ALA A 34 -2.12 5.56 -0.33
C ALA A 34 -2.89 5.13 0.92
N LEU A 35 -2.92 6.00 1.92
CA LEU A 35 -3.61 5.70 3.16
C LEU A 35 -5.10 5.48 2.92
N GLU A 36 -5.65 6.20 1.94
CA GLU A 36 -7.06 6.08 1.61
C GLU A 36 -7.42 4.64 1.23
N LEU A 37 -6.72 4.10 0.24
CA LEU A 37 -6.96 2.74 -0.22
C LEU A 37 -6.64 1.74 0.89
N LEU A 38 -5.59 2.02 1.65
CA LEU A 38 -5.18 1.14 2.75
C LEU A 38 -6.28 1.04 3.80
N ASN A 39 -6.77 2.20 4.24
CA ASN A 39 -7.82 2.24 5.25
C ASN A 39 -9.15 1.75 4.67
N TYR A 40 -9.35 2.00 3.39
CA TYR A 40 -10.58 1.59 2.71
C TYR A 40 -10.67 0.07 2.62
N LEU A 41 -9.53 -0.57 2.40
CA LEU A 41 -9.48 -2.02 2.29
C LEU A 41 -8.08 -2.54 2.64
N ASN A 42 -7.92 -2.99 3.89
CA ASN A 42 -6.64 -3.51 4.34
C ASN A 42 -6.17 -4.66 3.46
N GLU A 43 -7.12 -5.33 2.81
CA GLU A 43 -6.81 -6.45 1.93
C GLU A 43 -6.08 -5.98 0.69
N LYS A 44 -6.15 -4.67 0.43
CA LYS A 44 -5.49 -4.09 -0.74
C LYS A 44 -4.56 -2.96 -0.32
N GLY A 45 -3.26 -3.23 -0.30
CA GLY A 45 -2.29 -2.22 0.08
C GLY A 45 -0.87 -2.76 0.13
N PHE A 46 -0.50 -3.33 1.27
CA PHE A 46 0.84 -3.88 1.44
C PHE A 46 1.20 -4.81 0.28
N LEU A 47 0.25 -5.66 -0.09
CA LEU A 47 0.47 -6.61 -1.19
C LEU A 47 -0.70 -6.56 -2.18
N SER A 48 -1.30 -5.39 -2.32
CA SER A 48 -2.42 -5.22 -3.23
C SER A 48 -2.05 -5.65 -4.65
N LYS A 49 -3.00 -5.52 -5.57
CA LYS A 49 -2.77 -5.90 -6.96
C LYS A 49 -1.74 -4.98 -7.62
N SER A 50 -1.70 -4.99 -8.95
CA SER A 50 -0.77 -4.15 -9.68
C SER A 50 -1.02 -2.67 -9.41
N VAL A 51 -0.05 -1.84 -9.75
CA VAL A 51 -0.17 -0.40 -9.55
C VAL A 51 -1.40 0.15 -10.26
N GLU A 52 -1.58 -0.24 -11.52
CA GLU A 52 -2.72 0.22 -12.31
C GLU A 52 -4.03 -0.13 -11.61
N GLU A 53 -4.09 -1.32 -11.03
CA GLU A 53 -5.29 -1.77 -10.34
C GLU A 53 -5.71 -0.77 -9.27
N ILE A 54 -4.82 -0.54 -8.31
CA ILE A 54 -5.09 0.40 -7.22
C ILE A 54 -5.49 1.77 -7.77
N SER A 55 -4.70 2.28 -8.71
CA SER A 55 -4.98 3.58 -9.30
C SER A 55 -6.42 3.66 -9.82
N ASP A 56 -6.84 2.63 -10.54
CA ASP A 56 -8.19 2.57 -11.08
C ASP A 56 -9.22 2.55 -9.96
N VAL A 57 -8.92 1.80 -8.90
CA VAL A 57 -9.82 1.70 -7.75
C VAL A 57 -9.92 3.02 -7.01
N LEU A 58 -8.82 3.77 -6.98
CA LEU A 58 -8.78 5.05 -6.30
C LEU A 58 -9.18 6.18 -7.24
N ARG A 59 -9.35 5.86 -8.51
CA ARG A 59 -9.73 6.83 -9.51
C ARG A 59 -8.69 7.93 -9.63
N CYS A 60 -7.48 7.65 -9.13
CA CYS A 60 -6.39 8.62 -9.18
C CYS A 60 -5.32 8.17 -10.16
N SER A 61 -4.43 9.09 -10.53
CA SER A 61 -3.34 8.80 -11.46
C SER A 61 -2.43 7.70 -10.91
N VAL A 62 -1.95 6.85 -11.80
CA VAL A 62 -1.06 5.75 -11.41
C VAL A 62 0.27 6.29 -10.91
N GLU A 63 0.77 7.33 -11.58
CA GLU A 63 2.05 7.92 -11.21
C GLU A 63 2.10 8.20 -9.71
N GLU A 64 0.99 8.69 -9.16
CA GLU A 64 0.91 8.99 -7.73
C GLU A 64 0.93 7.72 -6.90
N LEU A 65 0.21 6.71 -7.38
CA LEU A 65 0.13 5.43 -6.68
C LEU A 65 1.47 4.69 -6.74
N GLU A 66 2.22 4.92 -7.81
CA GLU A 66 3.51 4.29 -7.99
C GLU A 66 4.56 4.93 -7.08
N LYS A 67 4.60 6.25 -7.08
CA LYS A 67 5.56 6.99 -6.26
C LYS A 67 5.32 6.73 -4.77
N VAL A 68 4.06 6.73 -4.38
CA VAL A 68 3.69 6.50 -2.98
C VAL A 68 3.98 5.06 -2.58
N ARG A 69 3.64 4.12 -3.47
CA ARG A 69 3.87 2.70 -3.20
C ARG A 69 5.36 2.39 -3.17
N GLN A 70 6.11 2.99 -4.09
CA GLN A 70 7.55 2.76 -4.16
C GLN A 70 8.26 3.39 -2.96
N LYS A 71 7.74 4.52 -2.51
CA LYS A 71 8.33 5.23 -1.37
C LYS A 71 8.11 4.44 -0.08
N VAL A 72 6.92 3.85 0.04
CA VAL A 72 6.59 3.07 1.23
C VAL A 72 7.11 1.65 1.13
N LEU A 73 7.37 1.21 -0.10
CA LEU A 73 7.88 -0.13 -0.34
C LEU A 73 9.41 -0.16 -0.25
N ARG A 74 10.03 0.99 -0.52
CA ARG A 74 11.48 1.09 -0.48
C ARG A 74 12.02 0.63 0.87
N LEU A 75 11.18 0.73 1.90
CA LEU A 75 11.57 0.32 3.24
C LEU A 75 11.99 -1.15 3.27
N GLU A 76 11.18 -2.00 2.64
CA GLU A 76 11.46 -3.43 2.60
C GLU A 76 12.78 -3.69 1.87
N LYS A 1 8.24 -24.70 -6.03
CA LYS A 1 6.92 -25.25 -6.28
C LYS A 1 5.93 -24.75 -5.23
N GLU A 2 5.95 -23.45 -4.96
CA GLU A 2 5.06 -22.84 -3.98
C GLU A 2 4.04 -21.94 -4.66
N THR A 3 4.50 -21.17 -5.65
CA THR A 3 3.64 -20.25 -6.38
C THR A 3 2.76 -19.45 -5.42
N VAL A 4 3.39 -18.73 -4.50
CA VAL A 4 2.67 -17.92 -3.53
C VAL A 4 2.97 -16.43 -3.72
N PRO A 5 2.05 -15.58 -3.27
CA PRO A 5 2.19 -14.12 -3.37
C PRO A 5 3.28 -13.58 -2.46
N TYR A 6 3.28 -12.27 -2.26
CA TYR A 6 4.27 -11.62 -1.40
C TYR A 6 4.43 -12.38 -0.08
N GLN A 7 3.44 -12.23 0.79
CA GLN A 7 3.47 -12.91 2.09
C GLN A 7 2.07 -13.35 2.50
N ILE A 8 1.88 -14.66 2.61
CA ILE A 8 0.59 -15.22 3.00
C ILE A 8 0.73 -16.20 4.15
N PRO A 9 -0.15 -16.08 5.15
CA PRO A 9 -1.21 -15.06 5.15
C PRO A 9 -0.66 -13.66 5.34
N TYR A 10 -1.56 -12.70 5.58
CA TYR A 10 -1.16 -11.31 5.78
C TYR A 10 -1.14 -10.96 7.27
N THR A 11 -0.01 -10.41 7.71
CA THR A 11 0.14 -10.03 9.11
C THR A 11 -0.25 -8.58 9.33
N PRO A 12 -0.60 -8.23 10.58
CA PRO A 12 -1.01 -6.88 10.96
C PRO A 12 0.16 -5.89 10.89
N SER A 13 1.35 -6.38 11.20
CA SER A 13 2.54 -5.53 11.19
C SER A 13 2.80 -4.97 9.80
N GLU A 14 2.56 -5.79 8.78
CA GLU A 14 2.77 -5.37 7.40
C GLU A 14 1.86 -4.19 7.05
N LEU A 15 0.55 -4.39 7.20
CA LEU A 15 -0.42 -3.34 6.91
C LEU A 15 -0.15 -2.09 7.73
N GLU A 16 -0.01 -2.27 9.03
CA GLU A 16 0.26 -1.15 9.94
C GLU A 16 1.54 -0.43 9.54
N GLU A 17 2.54 -1.20 9.12
CA GLU A 17 3.82 -0.63 8.70
C GLU A 17 3.67 0.18 7.43
N LEU A 18 2.79 -0.29 6.53
CA LEU A 18 2.56 0.39 5.27
C LEU A 18 1.90 1.74 5.49
N GLN A 19 0.80 1.75 6.22
CA GLN A 19 0.07 2.99 6.51
C GLN A 19 0.97 3.99 7.24
N GLN A 20 1.66 3.51 8.26
CA GLN A 20 2.55 4.36 9.05
C GLN A 20 3.66 4.94 8.18
N ASN A 21 4.23 4.10 7.32
CA ASN A 21 5.31 4.53 6.42
C ASN A 21 4.79 5.56 5.42
N ILE A 22 3.52 5.44 5.05
CA ILE A 22 2.91 6.35 4.10
C ILE A 22 2.79 7.76 4.69
N LYS A 23 2.13 7.85 5.85
CA LYS A 23 1.95 9.13 6.52
C LYS A 23 3.27 9.67 7.05
N LEU A 24 4.22 8.77 7.26
CA LEU A 24 5.54 9.15 7.76
C LEU A 24 6.45 9.61 6.63
N GLU A 25 6.24 9.03 5.44
CA GLU A 25 7.03 9.38 4.26
C GLU A 25 6.28 10.34 3.36
N LEU A 26 5.29 9.82 2.64
CA LEU A 26 4.49 10.63 1.73
C LEU A 26 3.88 11.83 2.46
N GLU A 27 3.21 12.69 1.71
CA GLU A 27 2.59 13.88 2.29
C GLU A 27 1.76 14.62 1.24
N GLY A 28 1.06 15.66 1.67
CA GLY A 28 0.24 16.44 0.77
C GLY A 28 -0.76 15.59 0.01
N LYS A 29 -0.64 15.57 -1.31
CA LYS A 29 -1.54 14.79 -2.15
C LYS A 29 -0.90 13.46 -2.57
N GLU A 30 -0.32 12.76 -1.60
CA GLU A 30 0.33 11.48 -1.87
C GLU A 30 0.02 10.47 -0.77
N GLN A 31 0.23 10.87 0.47
CA GLN A 31 -0.03 10.00 1.61
C GLN A 31 -1.53 9.79 1.81
N GLU A 32 -2.31 10.80 1.46
CA GLU A 32 -3.76 10.74 1.60
C GLU A 32 -4.34 9.63 0.72
N LEU A 33 -3.85 9.56 -0.51
CA LEU A 33 -4.33 8.54 -1.46
C LEU A 33 -3.96 7.15 -0.98
N ALA A 34 -2.68 6.94 -0.68
CA ALA A 34 -2.20 5.65 -0.21
C ALA A 34 -2.97 5.20 1.02
N LEU A 35 -3.00 6.05 2.04
CA LEU A 35 -3.71 5.72 3.28
C LEU A 35 -5.20 5.55 3.03
N GLU A 36 -5.74 6.36 2.12
CA GLU A 36 -7.15 6.29 1.78
C GLU A 36 -7.55 4.87 1.37
N LEU A 37 -6.91 4.36 0.33
CA LEU A 37 -7.19 3.03 -0.17
C LEU A 37 -6.85 1.97 0.88
N LEU A 38 -5.77 2.21 1.61
CA LEU A 38 -5.34 1.27 2.65
C LEU A 38 -6.41 1.13 3.73
N ASN A 39 -6.96 2.25 4.17
CA ASN A 39 -7.99 2.25 5.20
C ASN A 39 -9.35 1.89 4.60
N TYR A 40 -9.53 2.20 3.32
CA TYR A 40 -10.77 1.93 2.62
C TYR A 40 -11.02 0.42 2.52
N LEU A 41 -9.95 -0.32 2.25
CA LEU A 41 -10.05 -1.77 2.13
C LEU A 41 -8.74 -2.44 2.56
N ASN A 42 -8.87 -3.53 3.31
CA ASN A 42 -7.70 -4.27 3.79
C ASN A 42 -7.15 -5.18 2.69
N GLU A 43 -5.85 -5.46 2.77
CA GLU A 43 -5.19 -6.32 1.79
C GLU A 43 -5.00 -5.58 0.47
N LYS A 44 -5.47 -4.34 0.42
CA LYS A 44 -5.35 -3.53 -0.79
C LYS A 44 -4.09 -2.66 -0.74
N GLY A 45 -3.17 -3.02 0.14
CA GLY A 45 -1.94 -2.27 0.26
C GLY A 45 -0.71 -3.16 0.26
N PHE A 46 -0.46 -3.83 1.38
CA PHE A 46 0.69 -4.71 1.50
C PHE A 46 0.78 -5.66 0.30
N LEU A 47 -0.21 -6.54 0.17
CA LEU A 47 -0.24 -7.50 -0.93
C LEU A 47 -1.19 -7.03 -2.02
N SER A 48 -1.40 -5.72 -2.12
CA SER A 48 -2.29 -5.15 -3.12
C SER A 48 -1.94 -5.66 -4.51
N LYS A 49 -2.79 -5.34 -5.48
CA LYS A 49 -2.57 -5.77 -6.86
C LYS A 49 -1.64 -4.81 -7.58
N SER A 50 -1.66 -4.85 -8.91
CA SER A 50 -0.80 -3.99 -9.71
C SER A 50 -1.17 -2.52 -9.51
N VAL A 51 -0.20 -1.65 -9.73
CA VAL A 51 -0.42 -0.21 -9.57
C VAL A 51 -1.66 0.24 -10.32
N GLU A 52 -1.94 -0.41 -11.44
CA GLU A 52 -3.10 -0.07 -12.26
C GLU A 52 -4.39 -0.31 -11.49
N GLU A 53 -4.44 -1.41 -10.75
CA GLU A 53 -5.62 -1.77 -9.97
C GLU A 53 -5.93 -0.67 -8.95
N ILE A 54 -5.00 -0.42 -8.04
CA ILE A 54 -5.18 0.60 -7.02
C ILE A 54 -5.54 1.94 -7.65
N SER A 55 -4.84 2.30 -8.71
CA SER A 55 -5.08 3.57 -9.40
C SER A 55 -6.53 3.64 -9.91
N ASP A 56 -6.96 2.58 -10.57
CA ASP A 56 -8.32 2.51 -11.10
C ASP A 56 -9.35 2.57 -9.99
N VAL A 57 -9.00 2.01 -8.84
CA VAL A 57 -9.89 2.00 -7.68
C VAL A 57 -9.96 3.36 -7.01
N LEU A 58 -8.84 4.09 -7.05
CA LEU A 58 -8.77 5.41 -6.45
C LEU A 58 -9.11 6.49 -7.47
N ARG A 59 -9.33 6.07 -8.72
CA ARG A 59 -9.67 7.01 -9.79
C ARG A 59 -8.53 8.02 -10.00
N CYS A 60 -7.36 7.68 -9.50
CA CYS A 60 -6.20 8.56 -9.64
C CYS A 60 -5.19 7.97 -10.63
N SER A 61 -4.26 8.81 -11.07
CA SER A 61 -3.24 8.39 -12.04
C SER A 61 -2.32 7.34 -11.42
N VAL A 62 -1.90 6.37 -12.23
CA VAL A 62 -1.02 5.30 -11.76
C VAL A 62 0.32 5.87 -11.31
N GLU A 63 0.78 6.92 -11.99
CA GLU A 63 2.05 7.56 -11.66
C GLU A 63 2.12 7.87 -10.16
N GLU A 64 1.06 8.48 -9.64
CA GLU A 64 1.01 8.84 -8.23
C GLU A 64 1.06 7.59 -7.35
N LEU A 65 0.18 6.64 -7.63
CA LEU A 65 0.12 5.40 -6.85
C LEU A 65 1.47 4.70 -6.86
N GLU A 66 2.16 4.75 -8.00
CA GLU A 66 3.47 4.12 -8.13
C GLU A 66 4.50 4.83 -7.26
N LYS A 67 4.49 6.16 -7.31
CA LYS A 67 5.43 6.96 -6.54
C LYS A 67 5.29 6.67 -5.05
N VAL A 68 4.07 6.77 -4.54
CA VAL A 68 3.80 6.52 -3.13
C VAL A 68 4.15 5.08 -2.75
N ARG A 69 3.85 4.15 -3.65
CA ARG A 69 4.12 2.74 -3.42
C ARG A 69 5.63 2.50 -3.30
N GLN A 70 6.38 3.08 -4.22
CA GLN A 70 7.83 2.92 -4.22
C GLN A 70 8.46 3.60 -3.01
N LYS A 71 7.84 4.70 -2.58
CA LYS A 71 8.33 5.45 -1.43
C LYS A 71 8.11 4.67 -0.14
N VAL A 72 6.98 3.98 -0.05
CA VAL A 72 6.66 3.19 1.13
C VAL A 72 7.24 1.78 1.03
N LEU A 73 7.61 1.39 -0.18
CA LEU A 73 8.19 0.07 -0.41
C LEU A 73 9.70 0.11 -0.26
N ARG A 74 10.30 1.27 -0.55
CA ARG A 74 11.73 1.43 -0.44
C ARG A 74 12.24 0.96 0.92
N LEU A 75 11.40 1.10 1.94
CA LEU A 75 11.76 0.70 3.30
C LEU A 75 12.27 -0.73 3.32
N GLU A 76 11.53 -1.64 2.70
CA GLU A 76 11.91 -3.04 2.66
C GLU A 76 12.36 -3.43 1.25
N LYS A 1 9.27 -26.81 -0.11
CA LYS A 1 8.35 -26.15 0.81
C LYS A 1 7.75 -27.14 1.80
N GLU A 2 8.00 -26.91 3.08
CA GLU A 2 7.48 -27.79 4.13
C GLU A 2 6.52 -27.04 5.04
N THR A 3 6.95 -25.87 5.50
CA THR A 3 6.12 -25.05 6.39
C THR A 3 5.55 -23.85 5.64
N VAL A 4 4.70 -23.09 6.33
CA VAL A 4 4.08 -21.90 5.74
C VAL A 4 4.61 -20.63 6.38
N PRO A 5 4.56 -19.51 5.63
CA PRO A 5 5.02 -18.21 6.11
C PRO A 5 4.13 -17.64 7.21
N TYR A 6 4.36 -16.38 7.55
CA TYR A 6 3.59 -15.71 8.59
C TYR A 6 2.83 -14.53 8.02
N GLN A 7 3.28 -14.03 6.88
CA GLN A 7 2.66 -12.88 6.22
C GLN A 7 1.67 -13.35 5.16
N ILE A 8 1.06 -14.51 5.38
CA ILE A 8 0.11 -15.06 4.44
C ILE A 8 -1.19 -15.45 5.14
N PRO A 9 -2.32 -14.99 4.60
CA PRO A 9 -2.35 -14.16 3.40
C PRO A 9 -1.78 -12.76 3.66
N TYR A 10 -2.28 -12.11 4.70
CA TYR A 10 -1.83 -10.77 5.05
C TYR A 10 -1.68 -10.62 6.56
N THR A 11 -0.61 -9.95 6.98
CA THR A 11 -0.34 -9.75 8.40
C THR A 11 -0.66 -8.32 8.81
N PRO A 12 -0.94 -8.13 10.11
CA PRO A 12 -1.26 -6.81 10.67
C PRO A 12 -0.06 -5.86 10.68
N SER A 13 1.10 -6.40 11.07
CA SER A 13 2.32 -5.61 11.12
C SER A 13 2.60 -4.94 9.79
N GLU A 14 2.30 -5.66 8.70
CA GLU A 14 2.52 -5.13 7.36
C GLU A 14 1.60 -3.95 7.08
N LEU A 15 0.31 -4.15 7.32
CA LEU A 15 -0.68 -3.09 7.09
C LEU A 15 -0.36 -1.85 7.92
N GLU A 16 -0.16 -2.06 9.22
CA GLU A 16 0.15 -0.96 10.12
C GLU A 16 1.44 -0.26 9.71
N GLU A 17 2.43 -1.06 9.30
CA GLU A 17 3.72 -0.52 8.89
C GLU A 17 3.59 0.26 7.59
N LEU A 18 2.70 -0.21 6.71
CA LEU A 18 2.48 0.44 5.43
C LEU A 18 1.86 1.83 5.63
N GLN A 19 0.75 1.88 6.37
CA GLN A 19 0.07 3.14 6.63
C GLN A 19 0.99 4.12 7.33
N GLN A 20 1.66 3.64 8.38
CA GLN A 20 2.57 4.49 9.15
C GLN A 20 3.67 5.06 8.26
N ASN A 21 4.25 4.20 7.42
CA ASN A 21 5.30 4.63 6.51
C ASN A 21 4.78 5.63 5.49
N ILE A 22 3.51 5.49 5.13
CA ILE A 22 2.89 6.38 4.15
C ILE A 22 2.80 7.79 4.70
N LYS A 23 2.17 7.95 5.85
CA LYS A 23 2.01 9.25 6.48
C LYS A 23 3.35 9.77 7.00
N LEU A 24 4.28 8.86 7.23
CA LEU A 24 5.61 9.22 7.73
C LEU A 24 6.52 9.64 6.58
N GLU A 25 6.25 9.12 5.38
CA GLU A 25 7.04 9.44 4.21
C GLU A 25 6.27 10.36 3.27
N LEU A 26 5.30 9.79 2.55
CA LEU A 26 4.49 10.57 1.62
C LEU A 26 3.87 11.78 2.31
N GLU A 27 3.40 12.74 1.51
CA GLU A 27 2.78 13.94 2.05
C GLU A 27 2.28 14.84 0.92
N GLY A 28 1.13 15.47 1.14
CA GLY A 28 0.56 16.35 0.13
C GLY A 28 0.09 15.60 -1.09
N LYS A 29 -1.19 15.29 -1.14
CA LYS A 29 -1.77 14.57 -2.27
C LYS A 29 -0.95 13.32 -2.59
N GLU A 30 -0.39 12.70 -1.56
CA GLU A 30 0.42 11.49 -1.73
C GLU A 30 0.10 10.47 -0.64
N GLN A 31 0.20 10.90 0.61
CA GLN A 31 -0.07 10.02 1.75
C GLN A 31 -1.57 9.75 1.87
N GLU A 32 -2.38 10.77 1.60
CA GLU A 32 -3.83 10.64 1.70
C GLU A 32 -4.33 9.53 0.78
N LEU A 33 -3.83 9.52 -0.46
CA LEU A 33 -4.23 8.52 -1.44
C LEU A 33 -3.89 7.11 -0.94
N ALA A 34 -2.63 6.91 -0.58
CA ALA A 34 -2.16 5.62 -0.10
C ALA A 34 -2.94 5.20 1.15
N LEU A 35 -2.93 6.06 2.16
CA LEU A 35 -3.63 5.78 3.41
C LEU A 35 -5.12 5.53 3.16
N GLU A 36 -5.66 6.24 2.18
CA GLU A 36 -7.08 6.09 1.84
C GLU A 36 -7.40 4.66 1.43
N LEU A 37 -6.72 4.18 0.39
CA LEU A 37 -6.93 2.82 -0.11
C LEU A 37 -6.61 1.80 0.97
N LEU A 38 -5.58 2.09 1.76
CA LEU A 38 -5.17 1.19 2.84
C LEU A 38 -6.29 1.02 3.87
N ASN A 39 -6.81 2.14 4.35
CA ASN A 39 -7.89 2.11 5.34
C ASN A 39 -9.20 1.63 4.71
N TYR A 40 -9.36 1.91 3.42
CA TYR A 40 -10.56 1.50 2.69
C TYR A 40 -10.64 -0.02 2.58
N LEU A 41 -9.51 -0.66 2.33
CA LEU A 41 -9.45 -2.11 2.20
C LEU A 41 -8.09 -2.64 2.64
N ASN A 42 -8.04 -3.23 3.83
CA ASN A 42 -6.81 -3.78 4.37
C ASN A 42 -6.24 -4.85 3.42
N GLU A 43 -7.11 -5.44 2.61
CA GLU A 43 -6.70 -6.47 1.68
C GLU A 43 -6.05 -5.86 0.44
N LYS A 44 -6.22 -4.55 0.28
CA LYS A 44 -5.66 -3.84 -0.86
C LYS A 44 -4.62 -2.83 -0.41
N GLY A 45 -3.36 -3.26 -0.37
CA GLY A 45 -2.28 -2.37 0.05
C GLY A 45 -0.94 -3.08 0.12
N PHE A 46 -0.64 -3.67 1.27
CA PHE A 46 0.61 -4.39 1.46
C PHE A 46 0.88 -5.34 0.30
N LEU A 47 -0.08 -6.22 0.04
CA LEU A 47 0.06 -7.19 -1.05
C LEU A 47 -0.92 -6.88 -2.18
N SER A 48 -1.34 -5.62 -2.26
CA SER A 48 -2.28 -5.19 -3.30
C SER A 48 -1.77 -5.59 -4.69
N LYS A 49 -2.60 -5.37 -5.69
CA LYS A 49 -2.26 -5.71 -7.07
C LYS A 49 -1.30 -4.67 -7.65
N SER A 50 -1.19 -4.65 -8.97
CA SER A 50 -0.31 -3.70 -9.66
C SER A 50 -0.78 -2.27 -9.42
N VAL A 51 0.08 -1.31 -9.77
CA VAL A 51 -0.24 0.10 -9.60
C VAL A 51 -1.51 0.46 -10.36
N GLU A 52 -1.60 0.03 -11.62
CA GLU A 52 -2.75 0.31 -12.45
C GLU A 52 -4.04 -0.07 -11.73
N GLU A 53 -4.00 -1.19 -11.00
CA GLU A 53 -5.17 -1.66 -10.26
C GLU A 53 -5.59 -0.66 -9.21
N ILE A 54 -4.70 -0.40 -8.25
CA ILE A 54 -4.98 0.55 -7.17
C ILE A 54 -5.42 1.90 -7.73
N SER A 55 -4.70 2.37 -8.74
CA SER A 55 -5.01 3.65 -9.37
C SER A 55 -6.45 3.68 -9.88
N ASP A 56 -6.83 2.63 -10.60
CA ASP A 56 -8.18 2.53 -11.15
C ASP A 56 -9.21 2.46 -10.03
N VAL A 57 -8.84 1.82 -8.92
CA VAL A 57 -9.74 1.68 -7.79
C VAL A 57 -9.87 3.00 -7.03
N LEU A 58 -8.79 3.78 -7.01
CA LEU A 58 -8.78 5.07 -6.32
C LEU A 58 -9.15 6.19 -7.28
N ARG A 59 -9.38 5.84 -8.54
CA ARG A 59 -9.73 6.83 -9.54
C ARG A 59 -8.65 7.89 -9.67
N CYS A 60 -7.45 7.56 -9.22
CA CYS A 60 -6.32 8.49 -9.27
C CYS A 60 -5.31 8.04 -10.32
N SER A 61 -4.40 8.94 -10.68
CA SER A 61 -3.38 8.64 -11.68
C SER A 61 -2.48 7.51 -11.21
N VAL A 62 -2.07 6.66 -12.14
CA VAL A 62 -1.21 5.53 -11.82
C VAL A 62 0.17 6.00 -11.38
N GLU A 63 0.71 7.00 -12.08
CA GLU A 63 2.02 7.54 -11.76
C GLU A 63 2.11 7.89 -10.27
N GLU A 64 1.12 8.63 -9.78
CA GLU A 64 1.09 9.04 -8.38
C GLU A 64 1.09 7.82 -7.47
N LEU A 65 0.17 6.89 -7.71
CA LEU A 65 0.06 5.67 -6.91
C LEU A 65 1.37 4.89 -6.94
N GLU A 66 2.07 4.98 -8.06
CA GLU A 66 3.35 4.28 -8.22
C GLU A 66 4.43 4.88 -7.32
N LYS A 67 4.50 6.21 -7.32
CA LYS A 67 5.48 6.92 -6.51
C LYS A 67 5.27 6.63 -5.02
N VAL A 68 4.03 6.76 -4.57
CA VAL A 68 3.70 6.52 -3.16
C VAL A 68 3.96 5.06 -2.79
N ARG A 69 3.61 4.15 -3.70
CA ARG A 69 3.81 2.72 -3.47
C ARG A 69 5.29 2.39 -3.36
N GLN A 70 6.08 2.90 -4.30
CA GLN A 70 7.51 2.65 -4.32
C GLN A 70 8.19 3.31 -3.12
N LYS A 71 7.65 4.43 -2.68
CA LYS A 71 8.21 5.16 -1.54
C LYS A 71 7.98 4.39 -0.24
N VAL A 72 6.79 3.79 -0.11
CA VAL A 72 6.45 3.02 1.08
C VAL A 72 6.96 1.59 0.97
N LEU A 73 7.25 1.17 -0.25
CA LEU A 73 7.75 -0.18 -0.50
C LEU A 73 9.27 -0.24 -0.35
N ARG A 74 9.93 0.87 -0.65
CA ARG A 74 11.38 0.95 -0.55
C ARG A 74 11.85 0.51 0.83
N LEU A 75 11.01 0.71 1.83
CA LEU A 75 11.34 0.33 3.20
C LEU A 75 11.81 -1.12 3.27
N GLU A 76 11.08 -2.01 2.60
CA GLU A 76 11.41 -3.42 2.58
C GLU A 76 11.98 -3.84 1.23
#